data_9KQN
#
_entry.id   9KQN
#
_cell.length_a   1.00
_cell.length_b   1.00
_cell.length_c   1.00
_cell.angle_alpha   90.00
_cell.angle_beta   90.00
_cell.angle_gamma   90.00
#
_symmetry.space_group_name_H-M   'P 1'
#
loop_
_entity.id
_entity.type
_entity.pdbx_description
1 polymer 'Heat shock protein HSP 90-alpha'
2 polymer 'Serine/threonine-protein kinase PINK1, mitochondrial'
3 polymer 'Hsp90 co-chaperone Cdc37'
4 non-polymer "ADENOSINE-5'-DIPHOSPHATE"
#
loop_
_entity_poly.entity_id
_entity_poly.type
_entity_poly.pdbx_seq_one_letter_code
_entity_poly.pdbx_strand_id
1 'polypeptide(L)'
;MPEETQTQDQPMEEEEVETFAFQAEIAQLMSLIINTFYSNKEIFLRELISNSSDALDKIRYESLTDPSKLDSGKELHINL
IPNKQDRTLTIVDTGIGMTKADLINNLGTIAKSGTKAFMEALQAGADISMIGQFGVGFYSAYLVAEKVTVITKHNDDEQY
AWESSAGGSFTVRTDTGEPMGRGTKVILHLKEDQTEYLEERRIKEIVKKHSQFIGYPITLFVEKERDKEVSDDEAEEKED
KEEEKEKEEKESEDKPEIEDVGSDEEEEKKDGDKKKKKKIKEKYIDQEELNKTKPIWTRNPDDITNEEYGEFYKSLTNDW
EDHLAVKHFSVEGQLEFRALLFVPRRAPFDLFENRKKKNNIKLYVRRVFIMDNCEELIPEYLNFIRGVVDSEDLPLNISR
EMLQQSKILKVIRKNLVKKCLELFTELAEDKENYKKFYEQFSKNIKLGIHEDSQNRKKLSELLRYYTSASGDEMVSLKDY
CTRMKENQKHIYYITGETKDQVANSAFVERLRKHGLEVIYMIEPIDEYCVQQLKEFEGKTLVSVTKEGLELPEDEEEKKK
QEEKKTKFENLCKIMKDILEKKVEKVVVSNRLVTSPCCIVTSTYGWTANMERIMKAQALRDNSTMGYMAAKKHLEINPDH
SIIETLRQKAEADKNDKSVKDLVILLYETALLSSGFSLEDPQTHANRIYRMIKLGLGIDEDDPTADDTSAAVTEEMPPLE
GDDDTSRMEEVD
;
A,B
2 'polypeptide(L)'
;LIEEKQAESRRAVSACQEIQAIFTQKSKPGPDPLDTRRLQGFRLEEYLIGQSIGKGCSAAVYEATMPTLPQNLEVTKSTG
LLPGRGPGTSAPGEGQERAPGAPAFPLAIKMMWNISAGSSSEAILNTMSQELVPASRVALAGEYGAVTYRKSKRGPKQLA
PHPNIIRVLRAFTSSVPLLPGALVDYPDVLPSRLHPEGLGHGRTLFLVMKNYPCTLRQYLCVNTPSPRLAAMMLLQLLEG
VDHLVQQGIAHRDLKSDNILVELDPDGCPWLVIADFGCCLADESIGLQLPFSSWYVDRGGNGCLMAPEVSTARPGPRAVI
DYSKADAWAVGAIAYEIFGLVNPFYGQGKAHLESRSYQEAQLPALPESVPPDVRQLVRALLQREASKRPSARVAANVLHL
SLWGEHILALKNLKLDKMVGWLLQQSAATLLANRLTEKCCVETKMKMLFLANLECETLCQAALLLCSWRAALDYKDHDGG
YKDHDIDYKDDDDK
;
C
3 'polypeptide(L)'
;MVDYSVWDHIEV(SEP)DDEDETHPNIDTASLFRWRHQARVERMEQFQKEKEELDRGCRECKRKVAECQRKLKELEVAEG
GKAELERLQAEAQQLRKEERSWEQKLEEMRKKEKSMPWNVDTLSKDGFSKSMVNTKPEKTEEDSEEVREQKHKTFVEKYE
KQIKHFGMLRRWDDSQKYLSDNVHLVCEETANYLVIWCIDLEVEEKCALMEQVAHQTIVMQFILELAKSLKVDPRACFRQ
FFTKIKTADRQYMEGFNDELEAFKERVRGRAKLRIEKAMKEYEEEERKKRLGPGGLDPVEVYESLPEELQKCFDVKDVQM
LQDAISKMDPTDAKYHMQRCIDSGLWVPNSKASEAKEGEEAGPGDPLLEAVPKTGDEKDVSV
;
E
#
# COMPACT_ATOMS: atom_id res chain seq x y z
N GLU A 15 -35.47 1.00 -50.98
CA GLU A 15 -36.79 0.40 -50.94
C GLU A 15 -36.74 -1.00 -50.36
N GLU A 16 -36.28 -1.97 -51.14
CA GLU A 16 -36.18 -3.33 -50.68
C GLU A 16 -35.22 -3.40 -49.50
N VAL A 17 -35.59 -4.17 -48.50
CA VAL A 17 -34.79 -4.26 -47.33
C VAL A 17 -34.35 -5.70 -47.16
N GLU A 18 -33.06 -5.94 -47.18
CA GLU A 18 -32.58 -7.31 -47.12
C GLU A 18 -32.18 -7.63 -45.71
N THR A 19 -32.79 -8.67 -45.13
CA THR A 19 -32.52 -9.00 -43.74
C THR A 19 -31.60 -10.21 -43.64
N PHE A 20 -30.49 -10.06 -42.92
CA PHE A 20 -29.58 -11.16 -42.74
C PHE A 20 -29.50 -11.44 -41.25
N ALA A 21 -28.74 -12.45 -40.86
CA ALA A 21 -28.66 -12.81 -39.46
C ALA A 21 -27.24 -12.84 -39.01
N PHE A 22 -27.00 -12.45 -37.77
CA PHE A 22 -25.64 -12.38 -37.29
C PHE A 22 -24.99 -13.75 -37.38
N GLN A 23 -23.72 -13.78 -37.73
CA GLN A 23 -23.00 -15.04 -37.85
C GLN A 23 -21.70 -14.80 -37.13
N ALA A 24 -20.95 -15.83 -36.80
CA ALA A 24 -19.74 -15.58 -36.04
C ALA A 24 -18.53 -16.35 -36.55
N GLU A 25 -17.38 -15.71 -36.52
CA GLU A 25 -16.15 -16.38 -36.93
C GLU A 25 -15.78 -17.22 -35.77
N ILE A 26 -16.10 -18.50 -35.83
CA ILE A 26 -15.86 -19.36 -34.70
C ILE A 26 -14.39 -19.44 -34.34
N ALA A 27 -13.54 -19.52 -35.35
CA ALA A 27 -12.09 -19.60 -35.12
C ALA A 27 -11.57 -18.47 -34.23
N GLN A 28 -11.78 -17.23 -34.65
CA GLN A 28 -11.32 -16.08 -33.88
C GLN A 28 -11.98 -16.01 -32.52
N LEU A 29 -13.27 -16.35 -32.47
CA LEU A 29 -14.00 -16.25 -31.22
C LEU A 29 -13.38 -17.18 -30.22
N MET A 30 -13.01 -18.36 -30.65
CA MET A 30 -12.50 -19.33 -29.71
C MET A 30 -11.25 -18.77 -29.10
N SER A 31 -10.41 -18.17 -29.91
CA SER A 31 -9.15 -17.65 -29.40
C SER A 31 -9.44 -16.56 -28.42
N LEU A 32 -10.40 -15.71 -28.73
CA LEU A 32 -10.66 -14.60 -27.85
C LEU A 32 -11.00 -15.16 -26.50
N ILE A 33 -11.81 -16.21 -26.46
CA ILE A 33 -12.23 -16.71 -25.18
C ILE A 33 -11.07 -17.25 -24.39
N ILE A 34 -10.24 -18.07 -25.03
CA ILE A 34 -9.17 -18.65 -24.25
C ILE A 34 -8.15 -17.62 -23.84
N ASN A 35 -7.70 -16.79 -24.76
CA ASN A 35 -6.66 -15.83 -24.41
C ASN A 35 -7.16 -14.64 -23.63
N THR A 36 -7.94 -13.76 -24.26
CA THR A 36 -8.35 -12.52 -23.60
C THR A 36 -9.31 -12.50 -22.43
N PHE A 37 -10.30 -13.38 -22.40
CA PHE A 37 -11.32 -13.31 -21.35
C PHE A 37 -10.87 -13.46 -19.91
N TYR A 38 -10.24 -14.56 -19.57
CA TYR A 38 -9.94 -14.84 -18.17
C TYR A 38 -8.58 -14.37 -17.72
N SER A 39 -8.54 -13.56 -16.66
CA SER A 39 -7.27 -12.99 -16.22
C SER A 39 -6.24 -13.91 -15.59
N ASN A 40 -6.67 -14.82 -14.73
CA ASN A 40 -5.73 -15.67 -14.03
C ASN A 40 -5.87 -17.06 -14.55
N LYS A 41 -4.75 -17.69 -14.87
CA LYS A 41 -4.81 -19.01 -15.46
C LYS A 41 -5.43 -20.02 -14.54
N GLU A 42 -5.13 -19.93 -13.26
CA GLU A 42 -5.61 -20.93 -12.34
C GLU A 42 -7.10 -21.08 -12.20
N ILE A 43 -7.88 -20.21 -12.82
CA ILE A 43 -9.31 -20.32 -12.58
C ILE A 43 -9.88 -21.58 -13.18
N PHE A 44 -9.25 -22.11 -14.23
CA PHE A 44 -9.81 -23.25 -14.94
C PHE A 44 -10.26 -24.32 -13.97
N LEU A 45 -9.52 -24.52 -12.89
CA LEU A 45 -9.94 -25.49 -11.89
C LEU A 45 -11.27 -25.11 -11.29
N ARG A 46 -11.55 -23.82 -11.18
CA ARG A 46 -12.84 -23.42 -10.62
C ARG A 46 -13.98 -23.80 -11.55
N GLU A 47 -13.81 -23.57 -12.84
CA GLU A 47 -14.93 -23.78 -13.75
C GLU A 47 -15.30 -25.24 -13.84
N LEU A 48 -14.30 -26.09 -14.02
CA LEU A 48 -14.59 -27.49 -14.15
C LEU A 48 -15.31 -27.98 -12.91
N ILE A 49 -14.88 -27.53 -11.75
CA ILE A 49 -15.51 -27.94 -10.50
C ILE A 49 -16.93 -27.44 -10.47
N SER A 50 -17.15 -26.18 -10.82
CA SER A 50 -18.48 -25.63 -10.73
C SER A 50 -19.43 -26.37 -11.63
N ASN A 51 -18.97 -26.69 -12.83
CA ASN A 51 -19.84 -27.36 -13.77
C ASN A 51 -20.21 -28.70 -13.21
N SER A 52 -19.27 -29.36 -12.57
CA SER A 52 -19.57 -30.69 -12.07
C SER A 52 -20.51 -30.59 -10.91
N SER A 53 -20.43 -29.51 -10.16
CA SER A 53 -21.38 -29.35 -9.07
C SER A 53 -22.77 -29.23 -9.63
N ASP A 54 -22.89 -28.49 -10.71
CA ASP A 54 -24.19 -28.33 -11.32
C ASP A 54 -24.70 -29.68 -11.71
N ALA A 55 -23.83 -30.50 -12.26
CA ALA A 55 -24.27 -31.80 -12.71
C ALA A 55 -24.78 -32.55 -11.52
N LEU A 56 -24.05 -32.44 -10.42
CA LEU A 56 -24.46 -33.12 -9.21
C LEU A 56 -25.83 -32.64 -8.76
N ASP A 57 -26.04 -31.32 -8.78
CA ASP A 57 -27.33 -30.80 -8.34
C ASP A 57 -28.45 -31.30 -9.23
N LYS A 58 -28.18 -31.51 -10.49
CA LYS A 58 -29.25 -31.94 -11.34
C LYS A 58 -29.70 -33.29 -10.90
N ILE A 59 -28.79 -34.22 -10.76
CA ILE A 59 -29.23 -35.57 -10.48
C ILE A 59 -29.77 -35.68 -9.08
N ARG A 60 -29.37 -34.82 -8.17
CA ARG A 60 -29.96 -34.91 -6.87
C ARG A 60 -31.37 -34.54 -7.06
N TYR A 61 -31.60 -33.46 -7.75
CA TYR A 61 -32.99 -33.03 -7.88
C TYR A 61 -33.77 -34.13 -8.50
N GLU A 62 -33.24 -34.69 -9.55
CA GLU A 62 -33.94 -35.77 -10.25
C GLU A 62 -34.14 -36.97 -9.34
N SER A 63 -33.25 -37.15 -8.38
CA SER A 63 -33.44 -38.27 -7.48
C SER A 63 -34.66 -38.04 -6.61
N LEU A 64 -34.96 -36.78 -6.29
CA LEU A 64 -36.07 -36.51 -5.39
C LEU A 64 -37.32 -37.09 -5.98
N THR A 65 -37.64 -36.70 -7.20
CA THR A 65 -38.84 -37.19 -7.83
C THR A 65 -38.80 -38.70 -7.95
N ASP A 66 -37.79 -39.21 -8.64
CA ASP A 66 -37.72 -40.65 -8.86
C ASP A 66 -36.46 -41.25 -8.28
N PRO A 67 -36.62 -42.27 -7.44
CA PRO A 67 -35.45 -42.95 -6.91
C PRO A 67 -34.69 -43.69 -7.99
N SER A 68 -35.41 -44.22 -8.96
CA SER A 68 -34.77 -44.96 -10.04
C SER A 68 -33.61 -44.21 -10.67
N LYS A 69 -33.71 -42.91 -10.79
CA LYS A 69 -32.66 -42.19 -11.48
C LYS A 69 -31.34 -42.41 -10.78
N LEU A 70 -31.34 -42.39 -9.46
CA LEU A 70 -30.09 -42.54 -8.71
C LEU A 70 -29.68 -43.99 -8.56
N ASP A 71 -30.35 -44.89 -9.25
CA ASP A 71 -30.05 -46.30 -9.08
C ASP A 71 -28.64 -46.66 -9.45
N SER A 72 -28.14 -46.03 -10.49
CA SER A 72 -26.81 -46.36 -10.97
C SER A 72 -25.80 -46.27 -9.86
N GLY A 73 -25.70 -45.11 -9.24
CA GLY A 73 -24.79 -44.93 -8.13
C GLY A 73 -25.35 -43.88 -7.20
N LYS A 74 -24.95 -43.88 -5.94
CA LYS A 74 -25.54 -42.95 -5.01
C LYS A 74 -24.52 -42.04 -4.37
N GLU A 75 -23.26 -42.25 -4.70
CA GLU A 75 -22.20 -41.48 -4.07
C GLU A 75 -22.21 -39.95 -4.17
N LEU A 76 -22.46 -39.41 -5.36
CA LEU A 76 -22.45 -37.94 -5.58
C LEU A 76 -21.19 -37.25 -5.03
N HIS A 77 -20.04 -37.58 -5.61
CA HIS A 77 -18.77 -37.02 -5.13
C HIS A 77 -17.88 -36.58 -6.27
N ILE A 78 -16.90 -35.74 -5.99
CA ILE A 78 -15.97 -35.26 -7.01
C ILE A 78 -14.55 -35.63 -6.65
N ASN A 79 -13.76 -36.14 -7.59
CA ASN A 79 -12.39 -36.55 -7.32
C ASN A 79 -11.43 -35.89 -8.31
N LEU A 80 -10.19 -35.58 -7.92
CA LEU A 80 -9.26 -35.01 -8.86
C LEU A 80 -7.98 -35.79 -8.82
N ILE A 81 -7.75 -36.61 -9.82
CA ILE A 81 -6.59 -37.47 -9.80
C ILE A 81 -5.47 -36.89 -10.63
N PRO A 82 -4.47 -36.30 -10.00
CA PRO A 82 -3.39 -35.82 -10.83
C PRO A 82 -2.41 -36.92 -11.14
N ASN A 83 -2.13 -37.16 -12.41
CA ASN A 83 -1.11 -38.15 -12.73
C ASN A 83 0.06 -37.44 -13.34
N LYS A 84 1.13 -37.29 -12.57
CA LYS A 84 2.32 -36.65 -13.08
C LYS A 84 2.89 -37.50 -14.17
N GLN A 85 2.86 -38.80 -13.95
CA GLN A 85 3.43 -39.71 -14.91
C GLN A 85 3.03 -39.34 -16.32
N ASP A 86 1.75 -39.05 -16.54
CA ASP A 86 1.34 -38.79 -17.91
C ASP A 86 0.81 -37.39 -18.14
N ARG A 87 1.10 -36.49 -17.22
CA ARG A 87 0.65 -35.11 -17.34
C ARG A 87 -0.83 -34.98 -17.61
N THR A 88 -1.63 -35.81 -16.95
CA THR A 88 -3.07 -35.69 -17.12
C THR A 88 -3.81 -35.48 -15.83
N LEU A 89 -4.50 -34.35 -15.70
CA LEU A 89 -5.31 -34.13 -14.50
C LEU A 89 -6.73 -34.46 -14.84
N THR A 90 -7.35 -35.37 -14.12
CA THR A 90 -8.68 -35.77 -14.49
C THR A 90 -9.65 -35.52 -13.39
N ILE A 91 -10.73 -34.82 -13.67
CA ILE A 91 -11.75 -34.55 -12.67
C ILE A 91 -12.89 -35.50 -12.92
N VAL A 92 -13.22 -36.36 -11.96
CA VAL A 92 -14.30 -37.31 -12.13
C VAL A 92 -15.48 -36.96 -11.25
N ASP A 93 -16.69 -37.00 -11.80
CA ASP A 93 -17.89 -36.74 -11.00
C ASP A 93 -18.96 -37.78 -11.21
N THR A 94 -19.96 -37.79 -10.34
CA THR A 94 -21.04 -38.75 -10.46
C THR A 94 -22.36 -38.12 -10.84
N GLY A 95 -22.32 -36.88 -11.32
CA GLY A 95 -23.54 -36.17 -11.70
C GLY A 95 -24.13 -36.68 -12.99
N ILE A 96 -25.36 -36.28 -13.27
CA ILE A 96 -26.01 -36.71 -14.49
C ILE A 96 -25.09 -36.35 -15.60
N GLY A 97 -24.82 -37.29 -16.49
CA GLY A 97 -23.89 -36.97 -17.54
C GLY A 97 -24.59 -36.34 -18.72
N MET A 98 -23.97 -36.45 -19.89
CA MET A 98 -24.55 -35.88 -21.07
C MET A 98 -24.76 -36.96 -22.12
N THR A 99 -25.93 -36.98 -22.75
CA THR A 99 -26.19 -37.93 -23.83
C THR A 99 -25.47 -37.41 -25.05
N LYS A 100 -25.36 -38.20 -26.10
CA LYS A 100 -24.59 -37.76 -27.25
C LYS A 100 -25.08 -36.44 -27.73
N ALA A 101 -26.37 -36.32 -27.91
CA ALA A 101 -26.92 -35.13 -28.48
C ALA A 101 -26.45 -33.99 -27.62
N ASP A 102 -26.51 -34.18 -26.33
CA ASP A 102 -26.13 -33.11 -25.43
C ASP A 102 -24.66 -32.83 -25.62
N LEU A 103 -23.85 -33.86 -25.81
CA LEU A 103 -22.44 -33.61 -25.90
C LEU A 103 -22.18 -32.70 -27.07
N ILE A 104 -22.79 -32.99 -28.20
CA ILE A 104 -22.57 -32.16 -29.36
C ILE A 104 -23.10 -30.78 -29.14
N ASN A 105 -24.33 -30.68 -28.67
CA ASN A 105 -24.90 -29.37 -28.52
C ASN A 105 -24.34 -28.55 -27.40
N ASN A 106 -24.29 -29.10 -26.20
CA ASN A 106 -23.84 -28.31 -25.06
C ASN A 106 -22.38 -27.94 -25.18
N LEU A 107 -21.50 -28.93 -25.10
CA LEU A 107 -20.08 -28.64 -25.13
C LEU A 107 -19.69 -28.03 -26.45
N GLY A 108 -20.28 -28.53 -27.52
CA GLY A 108 -19.91 -28.04 -28.85
C GLY A 108 -20.22 -26.60 -29.07
N THR A 109 -21.49 -26.27 -29.17
CA THR A 109 -21.82 -24.91 -29.49
C THR A 109 -21.37 -23.97 -28.41
N ILE A 110 -20.71 -22.89 -28.81
CA ILE A 110 -20.28 -21.90 -27.84
C ILE A 110 -21.51 -21.16 -27.36
N ALA A 111 -21.48 -20.68 -26.13
CA ALA A 111 -22.60 -19.96 -25.56
C ALA A 111 -23.92 -20.70 -25.49
N LYS A 112 -23.90 -21.97 -25.15
CA LYS A 112 -25.14 -22.71 -24.95
C LYS A 112 -25.04 -23.31 -23.59
N SER A 113 -25.97 -23.01 -22.71
CA SER A 113 -25.87 -23.50 -21.35
C SER A 113 -26.95 -24.47 -21.02
N GLY A 114 -26.62 -25.75 -20.98
CA GLY A 114 -27.57 -26.78 -20.66
C GLY A 114 -28.12 -26.49 -19.30
N THR A 115 -27.26 -26.00 -18.42
CA THR A 115 -27.68 -25.72 -17.08
C THR A 115 -28.79 -24.70 -17.11
N LYS A 116 -28.65 -23.69 -17.94
CA LYS A 116 -29.66 -22.65 -18.00
C LYS A 116 -30.97 -23.24 -18.47
N ALA A 117 -30.89 -24.12 -19.45
CA ALA A 117 -32.09 -24.73 -19.97
C ALA A 117 -32.79 -25.56 -18.90
N PHE A 118 -32.01 -26.31 -18.14
CA PHE A 118 -32.60 -27.17 -17.14
C PHE A 118 -33.31 -26.32 -16.13
N MET A 119 -32.68 -25.23 -15.72
CA MET A 119 -33.27 -24.38 -14.71
C MET A 119 -34.57 -23.81 -15.22
N GLU A 120 -34.57 -23.35 -16.46
CA GLU A 120 -35.77 -22.73 -16.99
C GLU A 120 -36.87 -23.73 -17.01
N ALA A 121 -36.56 -24.95 -17.37
CA ALA A 121 -37.60 -25.96 -17.49
C ALA A 121 -38.24 -26.28 -16.17
N LEU A 122 -37.50 -26.13 -15.09
CA LEU A 122 -38.03 -26.53 -13.80
C LEU A 122 -39.18 -25.66 -13.34
N GLN A 123 -40.01 -26.20 -12.46
CA GLN A 123 -41.15 -25.45 -11.95
C GLN A 123 -40.66 -24.26 -11.15
N ALA A 124 -41.42 -23.17 -11.17
CA ALA A 124 -40.97 -21.95 -10.50
C ALA A 124 -40.38 -22.09 -9.11
N GLY A 125 -40.96 -22.94 -8.27
CA GLY A 125 -40.51 -23.02 -6.89
C GLY A 125 -39.38 -23.97 -6.61
N ALA A 126 -38.76 -24.49 -7.67
CA ALA A 126 -37.67 -25.45 -7.51
C ALA A 126 -36.57 -25.02 -6.57
N ASP A 127 -36.16 -25.91 -5.69
CA ASP A 127 -35.13 -25.57 -4.71
C ASP A 127 -33.74 -25.39 -5.28
N ILE A 128 -33.38 -26.15 -6.30
CA ILE A 128 -32.02 -26.10 -6.84
C ILE A 128 -31.50 -24.76 -7.32
N SER A 129 -30.26 -24.46 -6.98
CA SER A 129 -29.63 -23.23 -7.46
C SER A 129 -28.38 -23.70 -8.17
N MET A 130 -28.23 -23.33 -9.44
CA MET A 130 -27.11 -23.85 -10.21
C MET A 130 -26.14 -22.75 -10.52
N ILE A 131 -24.85 -23.03 -10.44
CA ILE A 131 -23.84 -21.98 -10.60
C ILE A 131 -23.81 -21.14 -11.86
N GLY A 132 -23.69 -21.76 -13.03
CA GLY A 132 -23.51 -20.95 -14.23
C GLY A 132 -24.54 -20.89 -15.34
N GLN A 133 -24.60 -19.76 -16.04
CA GLN A 133 -25.52 -19.62 -17.15
C GLN A 133 -24.88 -19.05 -18.41
N PHE A 134 -23.69 -18.49 -18.30
CA PHE A 134 -23.07 -17.84 -19.44
C PHE A 134 -22.79 -18.79 -20.59
N GLY A 135 -22.31 -19.97 -20.27
CA GLY A 135 -22.05 -20.96 -21.30
C GLY A 135 -20.71 -21.00 -21.98
N VAL A 136 -19.80 -20.11 -21.62
CA VAL A 136 -18.48 -20.14 -22.20
C VAL A 136 -17.41 -20.74 -21.31
N GLY A 137 -17.79 -21.22 -20.14
CA GLY A 137 -16.81 -21.71 -19.20
C GLY A 137 -15.94 -22.91 -19.48
N PHE A 138 -16.51 -23.97 -20.04
CA PHE A 138 -15.73 -25.18 -20.23
C PHE A 138 -14.50 -24.89 -21.02
N TYR A 139 -14.61 -24.01 -22.01
CA TYR A 139 -13.49 -23.76 -22.88
C TYR A 139 -12.28 -23.17 -22.17
N SER A 140 -12.43 -22.79 -20.92
CA SER A 140 -11.32 -22.26 -20.14
C SER A 140 -10.25 -23.29 -19.87
N ALA A 141 -10.61 -24.56 -19.94
CA ALA A 141 -9.65 -25.61 -19.64
C ALA A 141 -8.50 -25.52 -20.59
N TYR A 142 -8.76 -25.03 -21.78
CA TYR A 142 -7.72 -24.95 -22.79
C TYR A 142 -6.62 -24.00 -22.41
N LEU A 143 -6.85 -23.18 -21.39
CA LEU A 143 -5.81 -22.27 -20.93
C LEU A 143 -4.61 -23.08 -20.51
N VAL A 144 -4.83 -24.23 -19.88
CA VAL A 144 -3.74 -25.06 -19.46
C VAL A 144 -3.62 -26.41 -20.15
N ALA A 145 -4.41 -26.63 -21.18
CA ALA A 145 -4.41 -27.95 -21.79
C ALA A 145 -4.46 -27.98 -23.28
N GLU A 146 -3.52 -28.70 -23.88
CA GLU A 146 -3.55 -28.85 -25.31
C GLU A 146 -4.76 -29.65 -25.77
N LYS A 147 -5.09 -30.74 -25.08
CA LYS A 147 -6.18 -31.58 -25.54
C LYS A 147 -7.11 -31.99 -24.40
N VAL A 148 -8.40 -31.67 -24.51
CA VAL A 148 -9.34 -31.98 -23.46
C VAL A 148 -10.22 -33.15 -23.86
N THR A 149 -10.06 -34.27 -23.20
CA THR A 149 -10.83 -35.47 -23.49
C THR A 149 -11.88 -35.63 -22.43
N VAL A 150 -13.15 -35.62 -22.83
CA VAL A 150 -14.26 -35.81 -21.91
C VAL A 150 -14.85 -37.18 -22.17
N ILE A 151 -14.99 -38.00 -21.15
CA ILE A 151 -15.61 -39.32 -21.30
C ILE A 151 -16.82 -39.35 -20.42
N THR A 152 -18.01 -39.31 -20.99
CA THR A 152 -19.22 -39.26 -20.19
C THR A 152 -20.25 -40.32 -20.46
N LYS A 153 -20.88 -40.85 -19.42
CA LYS A 153 -21.96 -41.80 -19.60
C LYS A 153 -23.14 -41.32 -18.80
N HIS A 154 -24.30 -41.28 -19.41
CA HIS A 154 -25.47 -40.77 -18.73
C HIS A 154 -26.52 -41.83 -18.91
N ASN A 155 -27.48 -41.90 -17.99
CA ASN A 155 -28.56 -42.85 -18.13
C ASN A 155 -29.23 -42.61 -19.45
N ASP A 156 -29.72 -43.65 -20.09
CA ASP A 156 -30.37 -43.55 -21.41
C ASP A 156 -29.40 -43.41 -22.58
N ASP A 157 -28.11 -43.63 -22.34
CA ASP A 157 -27.15 -43.60 -23.43
C ASP A 157 -25.91 -44.40 -23.09
N GLU A 158 -25.09 -44.69 -24.08
CA GLU A 158 -23.89 -45.46 -23.84
C GLU A 158 -22.70 -44.58 -23.55
N GLN A 159 -21.65 -45.15 -23.00
CA GLN A 159 -20.47 -44.37 -22.67
C GLN A 159 -19.88 -43.75 -23.92
N TYR A 160 -19.81 -42.43 -23.96
CA TYR A 160 -19.26 -41.74 -25.10
C TYR A 160 -17.95 -41.10 -24.71
N ALA A 161 -17.26 -40.52 -25.69
CA ALA A 161 -15.99 -39.86 -25.43
C ALA A 161 -15.81 -38.70 -26.40
N TRP A 162 -16.21 -37.50 -25.97
CA TRP A 162 -15.87 -36.29 -26.69
C TRP A 162 -14.37 -36.12 -26.67
N GLU A 163 -13.81 -35.38 -27.63
CA GLU A 163 -12.35 -35.10 -27.63
C GLU A 163 -12.00 -33.97 -28.58
N SER A 164 -11.36 -32.92 -28.09
CA SER A 164 -11.06 -31.77 -28.94
C SER A 164 -9.74 -31.13 -28.63
N SER A 165 -9.15 -30.45 -29.60
CA SER A 165 -7.84 -29.85 -29.41
C SER A 165 -7.87 -28.37 -29.60
N ALA A 166 -8.99 -27.73 -29.34
CA ALA A 166 -9.10 -26.26 -29.40
C ALA A 166 -8.91 -25.74 -30.78
N GLY A 167 -8.99 -26.62 -31.75
CA GLY A 167 -8.89 -26.21 -33.14
C GLY A 167 -10.31 -25.95 -33.57
N GLY A 168 -10.59 -26.02 -34.85
CA GLY A 168 -11.95 -25.84 -35.27
C GLY A 168 -12.82 -27.07 -35.16
N SER A 169 -12.29 -28.16 -34.61
CA SER A 169 -13.08 -29.38 -34.61
C SER A 169 -13.09 -30.21 -33.35
N PHE A 170 -14.13 -31.01 -33.19
CA PHE A 170 -14.18 -31.92 -32.06
C PHE A 170 -14.64 -33.26 -32.54
N THR A 171 -14.24 -34.32 -31.86
CA THR A 171 -14.61 -35.66 -32.27
C THR A 171 -15.34 -36.41 -31.20
N VAL A 172 -16.44 -37.05 -31.54
CA VAL A 172 -17.22 -37.77 -30.56
C VAL A 172 -17.24 -39.23 -30.92
N ARG A 173 -16.94 -40.11 -29.97
CA ARG A 173 -16.87 -41.53 -30.26
C ARG A 173 -17.27 -42.39 -29.07
N THR A 174 -18.11 -43.39 -29.34
CA THR A 174 -18.50 -44.31 -28.29
C THR A 174 -17.28 -44.95 -27.69
N ASP A 175 -17.14 -44.81 -26.38
CA ASP A 175 -16.00 -45.41 -25.69
C ASP A 175 -16.38 -46.82 -25.25
N THR A 176 -15.41 -47.73 -25.28
CA THR A 176 -15.65 -49.11 -24.88
C THR A 176 -14.76 -49.48 -23.72
N GLY A 177 -14.37 -48.49 -22.92
CA GLY A 177 -13.52 -48.73 -21.76
C GLY A 177 -14.36 -49.11 -20.57
N GLU A 178 -13.70 -49.11 -19.41
CA GLU A 178 -14.36 -49.45 -18.16
C GLU A 178 -15.62 -48.61 -17.95
N PRO A 179 -16.78 -49.26 -17.70
CA PRO A 179 -17.93 -48.39 -17.48
C PRO A 179 -17.75 -47.56 -16.24
N MET A 180 -18.04 -46.27 -16.29
CA MET A 180 -17.92 -45.48 -15.07
C MET A 180 -19.28 -45.24 -14.45
N GLY A 181 -20.16 -46.23 -14.51
CA GLY A 181 -21.51 -46.00 -14.03
C GLY A 181 -22.13 -44.76 -14.63
N ARG A 182 -22.98 -44.12 -13.85
CA ARG A 182 -23.40 -42.78 -14.20
C ARG A 182 -22.31 -41.80 -13.84
N GLY A 183 -22.22 -40.71 -14.57
CA GLY A 183 -21.34 -39.64 -14.19
C GLY A 183 -20.68 -39.00 -15.40
N THR A 184 -19.53 -38.37 -15.16
CA THR A 184 -18.78 -37.69 -16.22
C THR A 184 -17.34 -37.62 -15.76
N LYS A 185 -16.38 -37.80 -16.66
CA LYS A 185 -14.98 -37.68 -16.31
C LYS A 185 -14.27 -36.86 -17.36
N VAL A 186 -13.72 -35.73 -16.96
CA VAL A 186 -13.02 -34.84 -17.89
C VAL A 186 -11.52 -34.96 -17.72
N ILE A 187 -10.82 -35.38 -18.76
CA ILE A 187 -9.39 -35.57 -18.66
C ILE A 187 -8.67 -34.47 -19.37
N LEU A 188 -7.62 -33.94 -18.77
CA LEU A 188 -6.84 -32.85 -19.33
C LEU A 188 -5.46 -33.36 -19.69
N HIS A 189 -4.83 -32.75 -20.67
CA HIS A 189 -3.44 -32.99 -20.98
C HIS A 189 -2.74 -31.65 -20.91
N LEU A 190 -1.88 -31.48 -19.91
CA LEU A 190 -1.31 -30.16 -19.69
C LEU A 190 -0.19 -29.78 -20.62
N LYS A 191 -0.21 -28.52 -21.04
CA LYS A 191 0.88 -28.04 -21.84
C LYS A 191 2.08 -28.12 -20.95
N GLU A 192 3.20 -28.56 -21.48
CA GLU A 192 4.39 -28.75 -20.66
C GLU A 192 4.70 -27.57 -19.77
N ASP A 193 4.60 -26.37 -20.30
CA ASP A 193 4.96 -25.20 -19.52
C ASP A 193 4.11 -25.00 -18.30
N GLN A 194 3.02 -25.74 -18.15
CA GLN A 194 2.12 -25.52 -17.02
C GLN A 194 2.05 -26.72 -16.10
N THR A 195 3.12 -27.48 -16.01
CA THR A 195 3.12 -28.68 -15.18
C THR A 195 2.95 -28.36 -13.72
N GLU A 196 3.04 -27.09 -13.38
CA GLU A 196 2.94 -26.71 -11.97
C GLU A 196 1.62 -27.07 -11.34
N TYR A 197 0.57 -27.10 -12.13
CA TYR A 197 -0.75 -27.39 -11.59
C TYR A 197 -0.85 -28.83 -11.12
N LEU A 198 0.01 -29.70 -11.63
CA LEU A 198 -0.09 -31.11 -11.29
C LEU A 198 0.18 -31.41 -9.83
N GLU A 199 1.13 -30.72 -9.22
CA GLU A 199 1.49 -31.05 -7.83
C GLU A 199 0.43 -30.75 -6.79
N GLU A 200 0.33 -31.61 -5.79
CA GLU A 200 -0.69 -31.46 -4.75
C GLU A 200 -0.76 -30.12 -4.09
N ARG A 201 0.37 -29.45 -4.01
CA ARG A 201 0.39 -28.19 -3.27
C ARG A 201 -0.44 -27.13 -3.95
N ARG A 202 -0.12 -26.83 -5.21
CA ARG A 202 -0.85 -25.81 -5.94
C ARG A 202 -2.33 -26.13 -5.98
N ILE A 203 -2.66 -27.38 -6.25
CA ILE A 203 -4.07 -27.77 -6.29
C ILE A 203 -4.74 -27.42 -4.98
N LYS A 204 -4.32 -28.08 -3.90
CA LYS A 204 -4.92 -27.86 -2.59
C LYS A 204 -5.09 -26.37 -2.32
N GLU A 205 -4.06 -25.59 -2.60
CA GLU A 205 -4.16 -24.16 -2.43
C GLU A 205 -5.33 -23.61 -3.22
N ILE A 206 -5.47 -24.00 -4.48
CA ILE A 206 -6.53 -23.45 -5.34
C ILE A 206 -7.93 -23.78 -4.87
N VAL A 207 -8.21 -25.06 -4.63
CA VAL A 207 -9.56 -25.43 -4.27
C VAL A 207 -9.95 -24.70 -3.01
N LYS A 208 -9.01 -24.44 -2.13
CA LYS A 208 -9.35 -23.67 -0.97
C LYS A 208 -9.72 -22.23 -1.29
N LYS A 209 -8.92 -21.59 -2.13
CA LYS A 209 -9.19 -20.19 -2.40
C LYS A 209 -10.47 -20.01 -3.16
N HIS A 210 -10.65 -20.78 -4.21
CA HIS A 210 -11.89 -20.72 -4.97
C HIS A 210 -12.60 -22.01 -4.76
N SER A 211 -13.90 -21.97 -4.52
CA SER A 211 -14.70 -23.19 -4.33
C SER A 211 -14.43 -24.12 -3.17
N GLN A 212 -14.15 -23.59 -2.00
CA GLN A 212 -13.99 -24.47 -0.83
C GLN A 212 -15.29 -24.64 -0.10
N PHE A 213 -16.38 -24.13 -0.66
CA PHE A 213 -17.66 -24.22 0.01
C PHE A 213 -18.69 -24.83 -0.89
N ILE A 214 -18.27 -25.52 -1.93
CA ILE A 214 -19.24 -26.19 -2.77
C ILE A 214 -19.81 -27.31 -1.93
N GLY A 215 -21.06 -27.66 -2.15
CA GLY A 215 -21.68 -28.64 -1.28
C GLY A 215 -21.11 -30.03 -1.22
N TYR A 216 -20.74 -30.60 -2.34
CA TYR A 216 -20.29 -31.98 -2.34
C TYR A 216 -18.84 -32.20 -1.95
N PRO A 217 -18.49 -33.43 -1.56
CA PRO A 217 -17.12 -33.74 -1.16
C PRO A 217 -16.06 -33.75 -2.26
N ILE A 218 -15.01 -32.94 -2.14
CA ILE A 218 -13.93 -32.97 -3.11
C ILE A 218 -12.80 -33.80 -2.53
N THR A 219 -12.47 -34.91 -3.17
CA THR A 219 -11.50 -35.84 -2.62
C THR A 219 -10.34 -36.01 -3.58
N LEU A 220 -9.20 -35.44 -3.25
CA LEU A 220 -8.02 -35.51 -4.08
C LEU A 220 -7.41 -36.89 -3.99
N PHE A 221 -6.84 -37.37 -5.09
CA PHE A 221 -6.18 -38.67 -5.11
C PHE A 221 -4.72 -38.54 -5.51
N VAL A 222 -3.85 -38.26 -4.54
CA VAL A 222 -2.43 -38.13 -4.84
C VAL A 222 -1.75 -39.47 -4.63
N GLU A 223 -0.76 -39.76 -5.44
CA GLU A 223 -0.08 -41.02 -5.34
C GLU A 223 1.24 -40.83 -4.66
N LYS A 224 1.50 -41.61 -3.63
CA LYS A 224 2.77 -41.53 -2.93
C LYS A 224 3.29 -42.93 -2.71
N GLU A 225 4.59 -43.09 -2.61
CA GLU A 225 5.11 -44.39 -2.27
C GLU A 225 5.86 -44.24 -0.97
N ARG A 226 5.48 -45.02 0.04
CA ARG A 226 6.22 -44.97 1.28
C ARG A 226 7.12 -46.18 1.36
N ASP A 227 7.24 -46.92 0.27
CA ASP A 227 8.09 -48.11 0.22
C ASP A 227 9.37 -47.95 1.02
N ILE A 280 5.82 -50.79 5.32
CA ILE A 280 6.47 -49.56 4.91
C ILE A 280 5.67 -48.82 3.86
N LYS A 281 5.46 -49.46 2.71
CA LYS A 281 4.76 -48.82 1.62
C LYS A 281 3.39 -48.35 2.03
N GLU A 282 3.03 -47.14 1.60
CA GLU A 282 1.75 -46.59 1.99
C GLU A 282 1.41 -45.41 1.12
N LYS A 283 0.28 -44.79 1.39
CA LYS A 283 -0.13 -43.61 0.65
C LYS A 283 -0.06 -43.81 -0.83
N TYR A 284 -0.30 -45.03 -1.27
CA TYR A 284 -0.20 -45.32 -2.68
C TYR A 284 -1.22 -44.44 -3.36
N ILE A 285 -2.37 -44.26 -2.73
CA ILE A 285 -3.37 -43.36 -3.27
C ILE A 285 -4.15 -42.85 -2.08
N ASP A 286 -3.85 -41.64 -1.63
CA ASP A 286 -4.52 -41.16 -0.44
C ASP A 286 -5.59 -40.14 -0.69
N GLN A 287 -6.73 -40.32 -0.04
CA GLN A 287 -7.83 -39.41 -0.20
C GLN A 287 -7.69 -38.29 0.79
N GLU A 288 -7.63 -37.06 0.30
CA GLU A 288 -7.55 -35.93 1.20
C GLU A 288 -8.72 -35.05 0.90
N GLU A 289 -9.77 -35.14 1.68
CA GLU A 289 -10.98 -34.39 1.39
C GLU A 289 -10.73 -32.93 1.70
N LEU A 290 -10.55 -32.13 0.65
CA LEU A 290 -10.17 -30.74 0.85
C LEU A 290 -11.31 -29.90 1.38
N ASN A 291 -12.43 -29.85 0.67
CA ASN A 291 -13.59 -29.10 1.13
C ASN A 291 -14.12 -29.81 2.36
N LYS A 292 -13.97 -29.22 3.53
CA LYS A 292 -14.39 -29.92 4.74
C LYS A 292 -15.38 -29.11 5.54
N THR A 293 -15.05 -27.87 5.82
CA THR A 293 -15.95 -27.01 6.55
C THR A 293 -17.18 -26.78 5.72
N LYS A 294 -18.33 -26.82 6.35
CA LYS A 294 -19.56 -26.63 5.63
C LYS A 294 -19.96 -25.17 5.62
N PRO A 295 -20.63 -24.69 4.56
CA PRO A 295 -21.03 -23.29 4.68
C PRO A 295 -22.06 -23.15 5.76
N ILE A 296 -21.79 -22.31 6.75
CA ILE A 296 -22.74 -22.11 7.82
C ILE A 296 -23.82 -21.13 7.43
N TRP A 297 -23.43 -19.99 6.87
CA TRP A 297 -24.36 -18.88 6.73
C TRP A 297 -25.63 -19.28 6.01
N THR A 298 -25.56 -20.31 5.17
CA THR A 298 -26.77 -20.76 4.50
C THR A 298 -27.77 -21.32 5.50
N ARG A 299 -27.29 -22.01 6.53
CA ARG A 299 -28.18 -22.53 7.55
C ARG A 299 -28.92 -21.39 8.22
N ASN A 300 -30.01 -21.73 8.89
CA ASN A 300 -30.85 -20.71 9.51
C ASN A 300 -30.24 -20.06 10.72
N PRO A 301 -30.33 -18.70 10.83
CA PRO A 301 -29.80 -18.17 12.08
C PRO A 301 -30.70 -18.62 13.21
N ASP A 302 -30.19 -18.68 14.42
CA ASP A 302 -30.96 -19.10 15.60
C ASP A 302 -31.08 -20.60 15.70
N ASP A 303 -30.51 -21.31 14.75
CA ASP A 303 -30.51 -22.74 14.84
C ASP A 303 -29.09 -23.15 15.09
N ILE A 304 -28.22 -22.16 15.13
CA ILE A 304 -26.79 -22.42 15.27
C ILE A 304 -26.31 -21.95 16.63
N THR A 305 -25.81 -22.86 17.46
CA THR A 305 -25.28 -22.48 18.75
C THR A 305 -23.93 -21.84 18.60
N ASN A 306 -23.48 -21.17 19.64
CA ASN A 306 -22.22 -20.46 19.60
C ASN A 306 -21.04 -21.40 19.55
N GLU A 307 -21.29 -22.70 19.48
CA GLU A 307 -20.20 -23.65 19.39
C GLU A 307 -19.69 -23.75 17.96
N GLU A 308 -20.59 -24.12 17.05
CA GLU A 308 -20.21 -24.28 15.67
C GLU A 308 -19.81 -22.98 15.04
N TYR A 309 -20.31 -21.88 15.57
CA TYR A 309 -20.01 -20.62 14.96
C TYR A 309 -18.52 -20.49 15.06
N GLY A 310 -17.99 -20.86 16.22
CA GLY A 310 -16.56 -20.76 16.43
C GLY A 310 -15.77 -21.64 15.51
N GLU A 311 -16.24 -22.87 15.29
CA GLU A 311 -15.47 -23.77 14.48
C GLU A 311 -15.33 -23.22 13.09
N PHE A 312 -16.42 -22.68 12.57
CA PHE A 312 -16.38 -22.19 11.21
C PHE A 312 -15.38 -21.08 11.19
N TYR A 313 -15.29 -20.33 12.26
CA TYR A 313 -14.41 -19.15 12.29
C TYR A 313 -12.97 -19.56 12.20
N LYS A 314 -12.59 -20.52 13.03
CA LYS A 314 -11.21 -20.95 13.04
C LYS A 314 -10.90 -21.52 11.69
N SER A 315 -11.85 -22.21 11.10
CA SER A 315 -11.63 -22.72 9.78
C SER A 315 -11.48 -21.58 8.78
N LEU A 316 -12.30 -20.55 8.93
CA LEU A 316 -12.27 -19.48 7.96
C LEU A 316 -10.95 -18.78 8.04
N THR A 317 -10.63 -18.32 9.24
CA THR A 317 -9.38 -17.62 9.46
C THR A 317 -8.57 -18.45 10.40
N ASN A 318 -7.39 -18.90 9.97
CA ASN A 318 -6.63 -19.78 10.81
C ASN A 318 -6.35 -19.07 12.10
N ASP A 319 -6.92 -19.56 13.19
CA ASP A 319 -6.74 -18.94 14.48
C ASP A 319 -6.82 -20.03 15.53
N TRP A 320 -6.05 -19.88 16.59
CA TRP A 320 -6.01 -20.89 17.66
C TRP A 320 -7.11 -20.73 18.70
N GLU A 321 -7.82 -19.62 18.66
CA GLU A 321 -8.87 -19.33 19.63
C GLU A 321 -10.14 -19.01 18.87
N ASP A 322 -11.26 -18.90 19.57
CA ASP A 322 -12.52 -18.61 18.92
C ASP A 322 -12.78 -17.14 18.69
N HIS A 323 -13.87 -16.80 18.02
CA HIS A 323 -14.24 -15.42 17.80
C HIS A 323 -14.57 -14.73 19.12
N LEU A 324 -14.89 -13.45 19.03
CA LEU A 324 -15.36 -12.74 20.21
C LEU A 324 -16.85 -12.52 20.17
N ALA A 325 -17.37 -12.02 19.05
CA ALA A 325 -18.79 -11.86 18.85
C ALA A 325 -19.09 -12.17 17.41
N VAL A 326 -20.36 -12.46 17.12
CA VAL A 326 -20.75 -12.91 15.79
C VAL A 326 -22.08 -12.29 15.43
N LYS A 327 -22.13 -11.61 14.31
CA LYS A 327 -23.38 -11.15 13.74
C LYS A 327 -23.72 -12.04 12.56
N HIS A 328 -25.01 -12.22 12.31
CA HIS A 328 -25.45 -13.09 11.24
C HIS A 328 -26.83 -12.64 10.81
N PHE A 329 -26.97 -12.27 9.55
CA PHE A 329 -28.23 -11.71 9.10
C PHE A 329 -28.35 -11.87 7.60
N SER A 330 -29.53 -11.48 7.09
CA SER A 330 -29.81 -11.63 5.67
C SER A 330 -30.81 -10.59 5.19
N VAL A 331 -30.65 -10.11 3.97
CA VAL A 331 -31.56 -9.13 3.38
C VAL A 331 -32.17 -9.75 2.15
N GLU A 332 -33.49 -9.61 2.02
CA GLU A 332 -34.18 -10.12 0.85
C GLU A 332 -34.97 -8.98 0.23
N GLY A 333 -34.30 -8.16 -0.58
CA GLY A 333 -35.01 -7.09 -1.26
C GLY A 333 -34.63 -7.24 -2.71
N GLN A 334 -34.38 -6.13 -3.39
CA GLN A 334 -33.89 -6.21 -4.76
C GLN A 334 -32.54 -6.89 -4.65
N LEU A 335 -31.82 -6.59 -3.57
CA LEU A 335 -30.53 -7.21 -3.35
C LEU A 335 -30.75 -8.26 -2.30
N GLU A 336 -30.50 -9.52 -2.66
CA GLU A 336 -30.69 -10.59 -1.72
C GLU A 336 -29.32 -11.05 -1.33
N PHE A 337 -28.95 -10.84 -0.07
CA PHE A 337 -27.67 -11.34 0.38
C PHE A 337 -27.63 -11.70 1.85
N ARG A 338 -27.01 -12.83 2.16
CA ARG A 338 -26.83 -13.14 3.57
C ARG A 338 -25.41 -12.76 3.96
N ALA A 339 -25.08 -12.89 5.24
CA ALA A 339 -23.77 -12.44 5.68
C ALA A 339 -23.43 -13.00 7.04
N LEU A 340 -22.14 -13.21 7.26
CA LEU A 340 -21.58 -13.50 8.57
C LEU A 340 -20.56 -12.42 8.89
N LEU A 341 -20.51 -12.00 10.14
CA LEU A 341 -19.56 -11.00 10.58
C LEU A 341 -19.01 -11.42 11.93
N PHE A 342 -17.68 -11.52 12.04
CA PHE A 342 -17.04 -11.96 13.29
C PHE A 342 -16.12 -10.88 13.77
N VAL A 343 -15.89 -10.75 15.07
CA VAL A 343 -14.92 -9.80 15.59
C VAL A 343 -13.87 -10.65 16.27
N PRO A 344 -12.62 -10.47 15.92
CA PRO A 344 -11.62 -11.35 16.50
C PRO A 344 -11.27 -10.98 17.94
N ARG A 345 -10.83 -11.96 18.74
CA ARG A 345 -10.52 -11.68 20.13
C ARG A 345 -9.34 -10.77 20.27
N ARG A 346 -8.33 -10.98 19.43
CA ARG A 346 -7.09 -10.20 19.53
C ARG A 346 -6.76 -9.53 18.22
N ALA A 347 -6.37 -8.27 18.26
CA ALA A 347 -6.08 -7.54 17.03
C ALA A 347 -4.94 -8.14 16.26
N PRO A 348 -5.05 -8.17 14.93
CA PRO A 348 -3.94 -8.68 14.13
C PRO A 348 -2.71 -7.81 14.31
N PHE A 349 -1.55 -8.43 14.50
CA PHE A 349 -0.34 -7.66 14.77
C PHE A 349 0.03 -6.69 13.67
N ASP A 350 -0.42 -6.94 12.46
CA ASP A 350 -0.05 -6.09 11.33
C ASP A 350 -1.10 -5.08 10.92
N LEU A 351 -2.16 -4.93 11.70
CA LEU A 351 -3.22 -4.04 11.31
C LEU A 351 -2.71 -2.64 11.18
N PHE A 352 -3.08 -1.94 10.10
CA PHE A 352 -2.69 -0.55 9.88
C PHE A 352 -1.26 -0.43 9.37
N GLU A 353 -0.58 -1.55 9.20
CA GLU A 353 0.80 -1.51 8.78
C GLU A 353 0.96 -1.97 7.35
N ASN A 354 -0.02 -2.72 6.87
CA ASN A 354 0.07 -3.23 5.51
C ASN A 354 -0.92 -2.48 4.65
N ARG A 355 -0.41 -1.76 3.66
CA ARG A 355 -1.28 -1.00 2.79
C ARG A 355 -2.12 -1.89 1.88
N LYS A 356 -1.59 -3.05 1.50
CA LYS A 356 -2.34 -3.92 0.60
C LYS A 356 -3.64 -4.50 1.11
N LYS A 357 -3.68 -4.99 2.34
CA LYS A 357 -4.90 -5.63 2.82
C LYS A 357 -5.77 -4.61 3.54
N LYS A 358 -6.93 -4.30 2.96
CA LYS A 358 -7.78 -3.29 3.56
C LYS A 358 -9.05 -3.84 4.18
N ASN A 359 -9.54 -4.96 3.67
CA ASN A 359 -10.78 -5.55 4.17
C ASN A 359 -10.46 -7.01 4.36
N ASN A 360 -11.19 -7.68 5.23
CA ASN A 360 -10.98 -9.10 5.38
C ASN A 360 -12.18 -9.91 4.93
N ILE A 361 -13.28 -9.23 4.58
CA ILE A 361 -14.48 -9.92 4.16
C ILE A 361 -14.32 -10.37 2.72
N LYS A 362 -14.81 -11.56 2.43
CA LYS A 362 -14.69 -12.18 1.12
C LYS A 362 -16.07 -12.32 0.51
N LEU A 363 -16.27 -11.74 -0.66
CA LEU A 363 -17.58 -11.80 -1.31
C LEU A 363 -17.73 -13.16 -1.95
N TYR A 364 -18.95 -13.70 -1.90
CA TYR A 364 -19.26 -14.95 -2.55
C TYR A 364 -20.55 -14.81 -3.34
N VAL A 365 -20.66 -15.55 -4.43
CA VAL A 365 -21.90 -15.62 -5.18
C VAL A 365 -22.23 -17.08 -5.40
N ARG A 366 -23.38 -17.51 -4.92
CA ARG A 366 -23.77 -18.89 -5.04
C ARG A 366 -22.66 -19.81 -4.61
N ARG A 367 -22.06 -19.53 -3.44
CA ARG A 367 -20.98 -20.37 -2.88
C ARG A 367 -19.61 -20.40 -3.57
N VAL A 368 -19.34 -19.51 -4.53
CA VAL A 368 -18.00 -19.47 -5.12
C VAL A 368 -17.36 -18.13 -4.84
N PHE A 369 -16.05 -18.13 -4.62
CA PHE A 369 -15.38 -16.90 -4.23
C PHE A 369 -15.23 -15.99 -5.43
N ILE A 370 -15.88 -14.84 -5.38
CA ILE A 370 -15.80 -13.88 -6.47
C ILE A 370 -14.61 -12.97 -6.33
N MET A 371 -14.61 -12.16 -5.28
CA MET A 371 -13.64 -11.08 -5.17
C MET A 371 -13.53 -10.70 -3.70
N ASP A 372 -12.33 -10.30 -3.31
CA ASP A 372 -12.12 -9.87 -1.95
C ASP A 372 -11.32 -8.59 -1.93
N ASN A 373 -11.24 -7.99 -0.75
CA ASN A 373 -10.30 -6.91 -0.48
C ASN A 373 -10.58 -5.68 -1.33
N CYS A 374 -11.79 -5.62 -1.88
CA CYS A 374 -12.17 -4.42 -2.60
C CYS A 374 -12.45 -3.42 -1.52
N GLU A 375 -11.92 -2.22 -1.67
CA GLU A 375 -12.08 -1.21 -0.64
C GLU A 375 -13.50 -0.83 -0.40
N GLU A 376 -14.32 -0.85 -1.43
CA GLU A 376 -15.68 -0.38 -1.29
C GLU A 376 -16.48 -1.13 -0.25
N LEU A 377 -16.30 -2.44 -0.15
CA LEU A 377 -17.09 -3.22 0.78
C LEU A 377 -17.26 -2.59 2.18
N ILE A 378 -16.19 -2.30 2.94
CA ILE A 378 -16.38 -1.70 4.25
C ILE A 378 -15.37 -0.58 4.45
N PRO A 379 -15.80 0.55 4.99
CA PRO A 379 -14.87 1.65 5.20
C PRO A 379 -13.69 1.19 6.03
N GLU A 380 -12.55 1.85 5.80
CA GLU A 380 -11.30 1.20 6.11
C GLU A 380 -11.15 1.03 7.62
N TYR A 381 -11.86 1.82 8.41
CA TYR A 381 -11.72 1.64 9.84
C TYR A 381 -12.54 0.48 10.36
N LEU A 382 -12.55 -0.62 9.64
CA LEU A 382 -13.25 -1.82 10.03
C LEU A 382 -12.47 -3.05 9.63
N ASN A 383 -11.17 -2.90 9.40
CA ASN A 383 -10.34 -4.01 9.00
C ASN A 383 -10.53 -5.20 9.93
N PHE A 384 -10.60 -4.95 11.23
CA PHE A 384 -10.63 -6.04 12.18
C PHE A 384 -11.83 -6.95 11.92
N ILE A 385 -12.92 -6.39 11.42
CA ILE A 385 -14.09 -7.21 11.11
C ILE A 385 -13.70 -8.28 10.12
N ARG A 386 -14.03 -9.52 10.44
CA ARG A 386 -13.76 -10.65 9.56
C ARG A 386 -15.07 -11.37 9.28
N GLY A 387 -15.40 -11.50 8.02
CA GLY A 387 -16.70 -12.04 7.70
C GLY A 387 -16.79 -12.58 6.30
N VAL A 388 -18.02 -12.83 5.87
CA VAL A 388 -18.31 -13.47 4.61
C VAL A 388 -19.65 -12.95 4.11
N VAL A 389 -19.68 -12.51 2.86
CA VAL A 389 -20.90 -12.03 2.24
C VAL A 389 -21.21 -12.95 1.07
N ASP A 390 -22.46 -13.37 0.97
CA ASP A 390 -22.87 -14.28 -0.08
C ASP A 390 -24.23 -13.84 -0.61
N SER A 391 -24.33 -13.74 -1.93
CA SER A 391 -25.57 -13.39 -2.59
C SER A 391 -25.94 -14.49 -3.56
N GLU A 392 -27.11 -14.35 -4.18
CA GLU A 392 -27.56 -15.38 -5.10
C GLU A 392 -27.55 -14.90 -6.54
N ASP A 393 -27.42 -13.59 -6.75
CA ASP A 393 -27.42 -13.06 -8.11
C ASP A 393 -26.90 -11.65 -8.11
N LEU A 394 -25.88 -11.40 -8.92
CA LEU A 394 -25.27 -10.09 -9.04
C LEU A 394 -24.82 -9.91 -10.47
N PRO A 395 -24.89 -8.71 -10.99
CA PRO A 395 -24.35 -8.49 -12.33
C PRO A 395 -22.86 -8.73 -12.35
N LEU A 396 -22.44 -9.80 -13.02
CA LEU A 396 -21.07 -10.27 -12.91
C LEU A 396 -20.36 -10.12 -14.24
N ASN A 397 -19.11 -9.66 -14.16
CA ASN A 397 -18.25 -9.60 -15.31
C ASN A 397 -18.04 -11.00 -15.88
N ILE A 398 -17.81 -11.06 -17.20
CA ILE A 398 -17.73 -12.35 -17.87
C ILE A 398 -16.67 -13.23 -17.23
N SER A 399 -15.56 -12.64 -16.83
CA SER A 399 -14.53 -13.45 -16.19
C SER A 399 -14.98 -13.97 -14.83
N ARG A 400 -16.10 -13.49 -14.32
CA ARG A 400 -16.55 -13.85 -12.99
C ARG A 400 -15.48 -13.55 -11.96
N GLU A 401 -14.98 -12.33 -11.99
CA GLU A 401 -14.01 -11.88 -11.02
C GLU A 401 -14.23 -10.44 -10.56
N MET A 402 -15.33 -9.81 -10.95
CA MET A 402 -15.62 -8.47 -10.50
C MET A 402 -17.05 -8.12 -10.90
N LEU A 403 -17.70 -7.31 -10.08
CA LEU A 403 -19.07 -6.94 -10.34
C LEU A 403 -19.15 -5.96 -11.49
N GLN A 404 -20.18 -6.05 -12.31
CA GLN A 404 -20.35 -5.08 -13.39
C GLN A 404 -20.74 -3.70 -12.92
N GLN A 405 -21.69 -3.62 -12.00
CA GLN A 405 -22.09 -2.32 -11.46
C GLN A 405 -21.38 -2.26 -10.16
N SER A 406 -20.82 -1.11 -9.80
CA SER A 406 -20.04 -1.10 -8.59
C SER A 406 -20.84 -0.46 -7.48
N LYS A 407 -21.87 0.28 -7.84
CA LYS A 407 -22.75 0.90 -6.85
C LYS A 407 -23.47 -0.13 -6.00
N ILE A 408 -23.66 -1.33 -6.55
CA ILE A 408 -24.17 -2.43 -5.75
C ILE A 408 -23.31 -2.63 -4.51
N LEU A 409 -21.99 -2.59 -4.70
CA LEU A 409 -21.10 -2.69 -3.56
C LEU A 409 -21.38 -1.58 -2.56
N LYS A 410 -21.85 -0.45 -3.03
CA LYS A 410 -22.10 0.67 -2.12
C LYS A 410 -23.27 0.35 -1.24
N VAL A 411 -24.35 -0.12 -1.83
CA VAL A 411 -25.49 -0.49 -1.02
C VAL A 411 -25.09 -1.55 -0.01
N ILE A 412 -24.29 -2.51 -0.44
CA ILE A 412 -23.78 -3.52 0.47
C ILE A 412 -23.05 -2.87 1.63
N ARG A 413 -22.20 -1.90 1.32
CA ARG A 413 -21.43 -1.24 2.36
C ARG A 413 -22.36 -0.59 3.38
N LYS A 414 -23.37 0.11 2.91
CA LYS A 414 -24.27 0.78 3.84
C LYS A 414 -24.93 -0.23 4.76
N ASN A 415 -25.50 -1.29 4.19
CA ASN A 415 -26.15 -2.28 5.04
C ASN A 415 -25.17 -2.87 6.02
N LEU A 416 -23.95 -3.16 5.57
CA LEU A 416 -22.96 -3.72 6.46
C LEU A 416 -22.72 -2.82 7.64
N VAL A 417 -22.20 -1.62 7.40
CA VAL A 417 -21.82 -0.75 8.51
C VAL A 417 -22.99 -0.57 9.47
N LYS A 418 -24.21 -0.45 8.93
CA LYS A 418 -25.34 -0.33 9.84
C LYS A 418 -25.42 -1.53 10.76
N LYS A 419 -25.33 -2.73 10.20
CA LYS A 419 -25.48 -3.91 11.03
C LYS A 419 -24.32 -4.05 12.00
N CYS A 420 -23.11 -3.73 11.58
CA CYS A 420 -21.97 -3.86 12.47
C CYS A 420 -22.07 -2.90 13.64
N LEU A 421 -22.42 -1.65 13.40
CA LEU A 421 -22.44 -0.70 14.51
C LEU A 421 -23.47 -1.19 15.50
N GLU A 422 -24.39 -2.01 15.04
CA GLU A 422 -25.36 -2.61 15.95
C GLU A 422 -24.70 -3.66 16.81
N LEU A 423 -23.85 -4.49 16.22
CA LEU A 423 -23.25 -5.57 16.98
C LEU A 423 -22.52 -4.93 18.12
N PHE A 424 -21.86 -3.82 17.84
CA PHE A 424 -21.12 -3.17 18.86
C PHE A 424 -22.01 -2.52 19.90
N THR A 425 -22.99 -1.70 19.52
CA THR A 425 -23.76 -1.12 20.60
C THR A 425 -24.51 -2.18 21.37
N GLU A 426 -24.80 -3.30 20.71
CA GLU A 426 -25.32 -4.43 21.47
C GLU A 426 -24.28 -4.96 22.43
N LEU A 427 -23.01 -5.04 22.03
CA LEU A 427 -22.02 -5.65 22.93
C LEU A 427 -21.79 -4.80 24.16
N ALA A 428 -22.28 -3.57 24.15
CA ALA A 428 -22.03 -2.68 25.28
C ALA A 428 -22.58 -3.24 26.58
N GLU A 429 -23.40 -4.28 26.50
CA GLU A 429 -24.03 -4.77 27.72
C GLU A 429 -23.05 -5.56 28.57
N ASP A 430 -22.36 -6.52 27.98
CA ASP A 430 -21.39 -7.31 28.73
C ASP A 430 -20.22 -6.41 29.06
N LYS A 431 -20.29 -5.77 30.22
CA LYS A 431 -19.24 -4.86 30.62
C LYS A 431 -17.90 -5.52 30.42
N GLU A 432 -17.79 -6.75 30.88
CA GLU A 432 -16.51 -7.43 30.78
C GLU A 432 -16.08 -7.59 29.34
N ASN A 433 -16.94 -8.19 28.52
CA ASN A 433 -16.59 -8.37 27.12
C ASN A 433 -16.32 -7.04 26.45
N TYR A 434 -17.13 -6.03 26.77
CA TYR A 434 -16.89 -4.74 26.14
C TYR A 434 -15.54 -4.19 26.55
N LYS A 435 -15.15 -4.39 27.80
CA LYS A 435 -13.83 -3.96 28.22
C LYS A 435 -12.77 -4.60 27.36
N LYS A 436 -12.84 -5.92 27.20
CA LYS A 436 -11.84 -6.58 26.36
C LYS A 436 -11.84 -6.01 24.96
N PHE A 437 -13.01 -5.98 24.32
CA PHE A 437 -13.06 -5.54 22.94
C PHE A 437 -12.57 -4.12 22.79
N TYR A 438 -12.93 -3.26 23.71
CA TYR A 438 -12.60 -1.85 23.57
C TYR A 438 -11.11 -1.64 23.77
N GLU A 439 -10.55 -2.18 24.84
CA GLU A 439 -9.13 -2.04 25.04
C GLU A 439 -8.36 -2.65 23.89
N GLN A 440 -9.00 -3.50 23.10
CA GLN A 440 -8.31 -4.06 21.94
C GLN A 440 -8.41 -3.14 20.73
N PHE A 441 -9.62 -2.80 20.30
CA PHE A 441 -9.82 -2.12 19.04
C PHE A 441 -10.29 -0.68 19.22
N SER A 442 -9.92 -0.03 20.30
CA SER A 442 -10.41 1.32 20.54
C SER A 442 -9.98 2.25 19.42
N LYS A 443 -8.75 2.14 18.97
CA LYS A 443 -8.25 3.03 17.93
C LYS A 443 -9.20 3.09 16.75
N ASN A 444 -9.73 1.94 16.35
CA ASN A 444 -10.58 1.92 15.17
C ASN A 444 -11.81 2.79 15.38
N ILE A 445 -12.37 2.78 16.58
CA ILE A 445 -13.58 3.55 16.81
C ILE A 445 -13.28 5.04 16.70
N LYS A 446 -12.19 5.49 17.32
CA LYS A 446 -11.84 6.89 17.20
C LYS A 446 -11.56 7.26 15.76
N LEU A 447 -10.90 6.36 15.03
CA LEU A 447 -10.64 6.62 13.63
C LEU A 447 -11.94 6.82 12.89
N GLY A 448 -12.92 5.96 13.14
CA GLY A 448 -14.21 6.14 12.51
C GLY A 448 -14.81 7.49 12.84
N ILE A 449 -14.78 7.86 14.12
CA ILE A 449 -15.24 9.19 14.51
C ILE A 449 -14.57 10.24 13.64
N HIS A 450 -13.30 10.03 13.35
CA HIS A 450 -12.58 11.00 12.53
C HIS A 450 -13.07 10.99 11.11
N GLU A 451 -13.54 9.85 10.62
CA GLU A 451 -13.86 9.73 9.20
C GLU A 451 -15.34 9.63 8.91
N ASP A 452 -16.03 8.63 9.45
CA ASP A 452 -17.43 8.42 9.12
C ASP A 452 -18.24 9.63 9.57
N SER A 453 -18.92 10.27 8.64
CA SER A 453 -19.65 11.46 8.99
C SER A 453 -20.99 11.18 9.64
N GLN A 454 -21.73 10.23 9.09
CA GLN A 454 -23.06 9.95 9.61
C GLN A 454 -23.02 9.19 10.91
N ASN A 455 -22.33 8.06 10.92
CA ASN A 455 -22.29 7.23 12.12
C ASN A 455 -21.51 7.86 13.25
N ARG A 456 -20.93 9.04 13.00
CA ARG A 456 -20.22 9.76 14.04
C ARG A 456 -21.01 9.78 15.34
N LYS A 457 -22.25 10.25 15.26
CA LYS A 457 -23.11 10.34 16.44
C LYS A 457 -23.29 8.98 17.10
N LYS A 458 -23.71 7.98 16.33
CA LYS A 458 -23.92 6.65 16.88
C LYS A 458 -22.61 6.00 17.26
N LEU A 459 -21.51 6.47 16.70
CA LEU A 459 -20.21 5.95 17.10
C LEU A 459 -19.83 6.45 18.49
N SER A 460 -20.18 7.68 18.80
CA SER A 460 -19.68 8.32 20.02
C SER A 460 -19.91 7.47 21.24
N GLU A 461 -21.13 6.98 21.43
CA GLU A 461 -21.48 6.31 22.67
C GLU A 461 -20.55 5.14 22.95
N LEU A 462 -19.96 4.58 21.91
CA LEU A 462 -19.08 3.44 22.13
C LEU A 462 -17.78 3.83 22.79
N LEU A 463 -17.57 5.11 23.04
CA LEU A 463 -16.32 5.57 23.62
C LEU A 463 -16.29 5.26 25.11
N ARG A 464 -15.10 5.20 25.67
CA ARG A 464 -14.93 5.05 27.10
C ARG A 464 -13.63 5.72 27.51
N TYR A 465 -13.65 6.40 28.65
CA TYR A 465 -12.55 7.27 29.05
C TYR A 465 -12.29 7.15 30.54
N TYR A 466 -11.06 7.45 30.92
CA TYR A 466 -10.78 7.78 32.30
C TYR A 466 -11.30 9.16 32.58
N THR A 467 -11.70 9.41 33.82
CA THR A 467 -12.03 10.76 34.24
C THR A 467 -11.50 10.97 35.64
N SER A 468 -11.49 12.24 36.05
CA SER A 468 -11.12 12.59 37.40
C SER A 468 -11.84 11.72 38.42
N ALA A 469 -13.12 11.47 38.23
CA ALA A 469 -13.83 10.73 39.26
C ALA A 469 -13.72 9.22 39.21
N SER A 470 -13.27 8.68 38.10
CA SER A 470 -13.22 7.24 37.98
C SER A 470 -11.80 6.77 37.95
N GLY A 471 -11.46 5.86 38.84
CA GLY A 471 -10.09 5.44 38.92
C GLY A 471 -9.97 4.04 38.40
N ASP A 472 -9.09 3.83 37.43
CA ASP A 472 -8.87 2.50 36.88
C ASP A 472 -10.16 1.88 36.39
N GLU A 473 -11.02 2.68 35.77
CA GLU A 473 -12.28 2.17 35.30
C GLU A 473 -12.82 3.14 34.28
N MET A 474 -12.64 2.82 33.01
CA MET A 474 -13.12 3.68 31.97
C MET A 474 -14.63 3.81 32.02
N VAL A 475 -15.15 4.99 31.73
CA VAL A 475 -16.59 5.17 31.71
C VAL A 475 -17.01 5.87 30.43
N SER A 476 -18.25 5.67 29.99
CA SER A 476 -18.72 6.27 28.76
C SER A 476 -18.84 7.77 28.93
N LEU A 477 -19.22 8.45 27.86
CA LEU A 477 -19.45 9.86 27.98
C LEU A 477 -20.76 10.07 28.71
N LYS A 478 -21.66 9.11 28.61
CA LYS A 478 -22.96 9.23 29.28
C LYS A 478 -22.86 9.25 30.80
N ASP A 479 -22.01 8.40 31.36
CA ASP A 479 -21.91 8.35 32.80
C ASP A 479 -21.51 9.73 33.28
N TYR A 480 -20.81 10.45 32.43
CA TYR A 480 -20.38 11.79 32.78
C TYR A 480 -21.50 12.79 32.56
N CYS A 481 -22.32 12.57 31.53
CA CYS A 481 -23.46 13.46 31.36
C CYS A 481 -24.42 13.34 32.53
N THR A 482 -24.55 12.15 33.12
CA THR A 482 -25.41 12.01 34.28
C THR A 482 -24.84 12.76 35.47
N ARG A 483 -23.54 12.64 35.69
CA ARG A 483 -22.93 13.21 36.88
C ARG A 483 -22.67 14.70 36.75
N MET A 484 -23.13 15.27 35.66
CA MET A 484 -22.87 16.66 35.45
C MET A 484 -23.61 17.35 36.55
N LYS A 485 -22.95 18.29 37.19
CA LYS A 485 -23.60 19.07 38.21
C LYS A 485 -24.55 19.93 37.45
N GLU A 486 -25.51 20.53 38.13
CA GLU A 486 -26.54 21.25 37.40
C GLU A 486 -26.02 22.33 36.47
N ASN A 487 -24.96 23.01 36.85
CA ASN A 487 -24.48 24.11 36.02
C ASN A 487 -23.43 23.81 34.94
N GLN A 488 -23.00 22.56 34.78
CA GLN A 488 -21.90 22.26 33.84
C GLN A 488 -21.96 22.89 32.44
N LYS A 489 -22.98 22.60 31.65
CA LYS A 489 -23.17 23.16 30.31
C LYS A 489 -22.08 22.75 29.35
N HIS A 490 -21.08 22.00 29.82
CA HIS A 490 -19.97 21.58 29.00
C HIS A 490 -19.37 20.32 29.58
N ILE A 491 -18.55 19.66 28.79
CA ILE A 491 -17.76 18.55 29.27
C ILE A 491 -16.30 18.99 29.27
N TYR A 492 -15.62 18.75 30.37
CA TYR A 492 -14.25 19.19 30.54
C TYR A 492 -13.30 18.05 30.27
N TYR A 493 -12.39 18.24 29.33
CA TYR A 493 -11.44 17.22 28.97
C TYR A 493 -10.09 17.85 28.78
N ILE A 494 -9.06 17.08 29.10
CA ILE A 494 -7.69 17.53 28.96
C ILE A 494 -6.91 16.47 28.22
N THR A 495 -6.20 16.90 27.17
CA THR A 495 -5.42 16.00 26.35
C THR A 495 -3.97 16.07 26.79
N GLY A 496 -3.30 14.92 26.82
CA GLY A 496 -1.95 14.88 27.33
C GLY A 496 -1.20 13.71 26.76
N GLU A 497 -0.27 13.20 27.55
CA GLU A 497 0.55 12.09 27.11
C GLU A 497 0.47 10.91 28.07
N THR A 498 0.26 11.16 29.36
CA THR A 498 0.05 10.05 30.28
C THR A 498 -0.90 10.45 31.40
N LYS A 499 -1.65 9.48 31.90
CA LYS A 499 -2.65 9.76 32.92
C LYS A 499 -2.13 10.53 34.09
N ASP A 500 -1.16 9.98 34.78
CA ASP A 500 -0.69 10.65 35.98
C ASP A 500 -0.34 12.10 35.69
N GLN A 501 0.33 12.34 34.56
CA GLN A 501 0.82 13.68 34.27
C GLN A 501 -0.34 14.65 34.18
N VAL A 502 -1.33 14.34 33.34
CA VAL A 502 -2.49 15.22 33.26
C VAL A 502 -3.20 15.27 34.59
N ALA A 503 -3.16 14.19 35.35
CA ALA A 503 -3.88 14.14 36.61
C ALA A 503 -3.36 15.19 37.57
N ASN A 504 -2.04 15.32 37.66
CA ASN A 504 -1.46 16.31 38.54
C ASN A 504 -1.24 17.65 37.85
N SER A 505 -1.80 17.84 36.68
CA SER A 505 -1.49 19.04 35.91
C SER A 505 -1.91 20.29 36.68
N ALA A 506 -1.47 21.42 36.17
CA ALA A 506 -1.79 22.68 36.81
C ALA A 506 -3.23 23.09 36.53
N PHE A 507 -3.70 22.84 35.31
CA PHE A 507 -4.99 23.39 34.90
C PHE A 507 -6.13 22.82 35.72
N VAL A 508 -6.09 21.51 36.01
CA VAL A 508 -7.27 20.85 36.56
C VAL A 508 -7.50 21.24 38.01
N GLU A 509 -6.49 21.80 38.67
CA GLU A 509 -6.54 21.98 40.12
C GLU A 509 -7.78 22.75 40.55
N ARG A 510 -8.11 23.81 39.84
CA ARG A 510 -9.26 24.60 40.23
C ARG A 510 -10.49 23.76 40.17
N LEU A 511 -10.67 23.04 39.07
CA LEU A 511 -11.88 22.24 38.92
C LEU A 511 -11.99 21.22 40.03
N ARG A 512 -10.96 20.42 40.23
CA ARG A 512 -11.00 19.43 41.29
C ARG A 512 -11.34 20.06 42.63
N LYS A 513 -10.87 21.28 42.87
CA LYS A 513 -11.30 21.98 44.06
C LYS A 513 -12.79 22.24 44.02
N HIS A 514 -13.31 22.69 42.89
CA HIS A 514 -14.72 23.01 42.82
C HIS A 514 -15.52 21.73 42.70
N GLY A 515 -14.83 20.60 42.63
CA GLY A 515 -15.51 19.32 42.59
C GLY A 515 -16.05 18.81 41.26
N LEU A 516 -15.80 19.53 40.17
CA LEU A 516 -16.32 19.11 38.87
C LEU A 516 -15.57 17.89 38.34
N GLU A 517 -16.12 17.21 37.35
CA GLU A 517 -15.41 16.08 36.79
C GLU A 517 -14.76 16.45 35.47
N VAL A 518 -13.58 15.89 35.22
CA VAL A 518 -12.84 16.17 34.00
C VAL A 518 -12.41 14.85 33.39
N ILE A 519 -12.08 14.88 32.10
CA ILE A 519 -11.83 13.68 31.31
C ILE A 519 -10.38 13.69 30.85
N TYR A 520 -9.70 12.56 31.00
CA TYR A 520 -8.32 12.44 30.61
C TYR A 520 -8.23 11.75 29.25
N MET A 521 -8.05 12.53 28.21
CA MET A 521 -7.79 11.99 26.89
C MET A 521 -6.27 11.90 26.73
N ILE A 522 -5.74 10.69 26.86
CA ILE A 522 -4.30 10.51 26.91
C ILE A 522 -3.76 9.78 25.69
N GLU A 523 -4.42 9.88 24.56
CA GLU A 523 -3.93 9.13 23.43
C GLU A 523 -3.62 10.03 22.25
N PRO A 524 -2.56 9.73 21.52
CA PRO A 524 -2.24 10.53 20.34
C PRO A 524 -3.38 10.61 19.37
N ILE A 525 -4.06 9.48 19.14
CA ILE A 525 -5.17 9.47 18.21
C ILE A 525 -6.27 10.41 18.64
N ASP A 526 -6.35 10.75 19.92
CA ASP A 526 -7.48 11.50 20.42
C ASP A 526 -7.72 12.76 19.62
N GLU A 527 -6.74 13.66 19.59
CA GLU A 527 -6.92 14.98 19.00
C GLU A 527 -7.64 14.89 17.66
N TYR A 528 -7.23 13.93 16.83
CA TYR A 528 -7.93 13.71 15.59
C TYR A 528 -9.42 13.52 15.81
N CYS A 529 -9.79 12.82 16.87
CA CYS A 529 -11.20 12.62 17.12
C CYS A 529 -11.83 13.86 17.74
N VAL A 530 -11.30 14.33 18.86
CA VAL A 530 -11.98 15.38 19.62
C VAL A 530 -12.16 16.63 18.76
N GLN A 531 -11.24 16.87 17.84
CA GLN A 531 -11.35 18.09 17.04
C GLN A 531 -12.63 18.08 16.20
N GLN A 532 -13.18 16.89 15.95
CA GLN A 532 -14.43 16.83 15.19
C GLN A 532 -15.59 16.51 16.09
N LEU A 533 -15.33 15.91 17.25
CA LEU A 533 -16.38 15.61 18.22
C LEU A 533 -16.71 16.89 18.98
N LYS A 534 -17.36 17.80 18.28
CA LYS A 534 -17.62 19.11 18.86
C LYS A 534 -18.66 19.03 19.96
N GLU A 535 -19.72 18.27 19.76
CA GLU A 535 -20.84 18.26 20.68
C GLU A 535 -21.13 16.84 21.11
N PHE A 536 -22.00 16.72 22.11
CA PHE A 536 -22.51 15.43 22.54
C PHE A 536 -23.75 15.64 23.38
N GLU A 537 -24.87 15.10 22.94
CA GLU A 537 -26.12 15.16 23.68
C GLU A 537 -26.46 16.60 24.06
N GLY A 538 -26.17 17.52 23.16
CA GLY A 538 -26.45 18.91 23.42
C GLY A 538 -25.56 19.57 24.44
N LYS A 539 -24.64 18.84 25.05
CA LYS A 539 -23.66 19.41 25.96
C LYS A 539 -22.32 19.41 25.26
N THR A 540 -21.69 20.56 25.17
CA THR A 540 -20.48 20.68 24.37
C THR A 540 -19.25 20.25 25.16
N LEU A 541 -18.12 20.22 24.46
CA LEU A 541 -16.84 19.89 25.06
C LEU A 541 -15.97 21.14 25.03
N VAL A 542 -15.17 21.32 26.07
CA VAL A 542 -14.18 22.38 26.12
C VAL A 542 -12.91 21.82 26.72
N SER A 543 -11.78 22.10 26.09
CA SER A 543 -10.52 21.72 26.68
C SER A 543 -10.14 22.73 27.74
N VAL A 544 -9.48 22.25 28.80
CA VAL A 544 -9.13 23.15 29.86
C VAL A 544 -7.97 24.05 29.49
N THR A 545 -7.20 23.69 28.48
CA THR A 545 -6.02 24.47 28.13
C THR A 545 -6.33 25.56 27.12
N LYS A 546 -7.56 26.01 27.03
CA LYS A 546 -7.86 27.09 26.11
C LYS A 546 -7.85 28.41 26.86
N GLU A 547 -8.08 29.48 26.11
CA GLU A 547 -8.06 30.82 26.69
C GLU A 547 -9.16 30.98 27.73
N GLY A 548 -10.41 30.97 27.27
CA GLY A 548 -11.50 31.39 28.12
C GLY A 548 -12.21 30.28 28.86
N LEU A 549 -11.50 29.60 29.75
CA LEU A 549 -12.16 28.62 30.59
C LEU A 549 -13.09 29.29 31.58
N GLU A 550 -14.37 29.42 31.24
CA GLU A 550 -15.33 30.06 32.11
C GLU A 550 -16.18 29.01 32.82
N LEU A 551 -15.93 28.83 34.11
CA LEU A 551 -16.68 27.85 34.87
C LEU A 551 -17.69 28.56 35.78
N PRO A 552 -18.76 27.88 36.17
CA PRO A 552 -19.80 28.53 36.99
C PRO A 552 -19.22 29.02 38.31
N GLU A 553 -19.56 30.25 38.66
CA GLU A 553 -19.00 30.89 39.85
C GLU A 553 -20.07 31.76 40.50
N ASP A 554 -19.71 32.30 41.67
CA ASP A 554 -20.54 33.28 42.36
C ASP A 554 -20.07 34.69 42.01
N GLU A 555 -21.00 35.64 42.13
CA GLU A 555 -20.71 37.02 41.78
C GLU A 555 -19.62 37.60 42.66
N GLU A 556 -19.61 37.23 43.94
CA GLU A 556 -18.58 37.71 44.84
C GLU A 556 -17.20 37.23 44.39
N GLU A 557 -17.12 35.97 43.95
CA GLU A 557 -15.88 35.50 43.35
C GLU A 557 -15.50 36.34 42.14
N LYS A 558 -16.49 36.76 41.36
CA LYS A 558 -16.21 37.55 40.18
C LYS A 558 -15.63 38.91 40.54
N LYS A 559 -16.27 39.61 41.49
CA LYS A 559 -15.76 40.91 41.87
C LYS A 559 -14.41 40.79 42.56
N LYS A 560 -14.20 39.70 43.29
CA LYS A 560 -12.89 39.45 43.87
C LYS A 560 -11.83 39.29 42.79
N GLN A 561 -12.14 38.51 41.76
CA GLN A 561 -11.21 38.36 40.64
C GLN A 561 -10.95 39.70 39.97
N GLU A 562 -12.00 40.51 39.86
CA GLU A 562 -11.85 41.82 39.27
C GLU A 562 -10.88 42.58 40.13
N GLU A 563 -11.05 42.45 41.44
CA GLU A 563 -10.16 43.15 42.35
C GLU A 563 -8.74 42.62 42.17
N LYS A 564 -8.60 41.33 41.95
CA LYS A 564 -7.27 40.79 41.69
C LYS A 564 -6.66 41.48 40.51
N LYS A 565 -7.43 41.65 39.44
CA LYS A 565 -6.94 42.28 38.22
C LYS A 565 -6.49 43.71 38.49
N THR A 566 -7.26 44.44 39.27
CA THR A 566 -6.88 45.81 39.63
C THR A 566 -5.54 45.82 40.34
N LYS A 567 -5.31 44.84 41.21
CA LYS A 567 -4.06 44.82 41.95
C LYS A 567 -2.89 44.47 41.05
N PHE A 568 -3.08 43.56 40.11
CA PHE A 568 -1.96 42.98 39.38
C PHE A 568 -1.80 43.51 37.97
N GLU A 569 -2.63 44.46 37.55
CA GLU A 569 -2.62 44.90 36.16
C GLU A 569 -1.25 45.38 35.72
N ASN A 570 -0.54 46.09 36.59
CA ASN A 570 0.78 46.58 36.24
C ASN A 570 1.79 45.45 36.12
N LEU A 571 1.72 44.48 37.04
CA LEU A 571 2.67 43.39 37.01
C LEU A 571 2.63 42.67 35.66
N CYS A 572 1.43 42.34 35.20
CA CYS A 572 1.29 41.75 33.87
C CYS A 572 1.95 42.64 32.83
N LYS A 573 1.74 43.95 32.94
CA LYS A 573 2.30 44.85 31.94
C LYS A 573 3.80 44.70 31.86
N ILE A 574 4.51 44.89 32.97
CA ILE A 574 5.97 44.93 32.85
C ILE A 574 6.54 43.54 32.58
N MET A 575 5.86 42.50 33.04
CA MET A 575 6.30 41.17 32.63
C MET A 575 6.20 41.00 31.13
N LYS A 576 5.07 41.41 30.56
CA LYS A 576 4.94 41.45 29.11
C LYS A 576 6.11 42.19 28.49
N ASP A 577 6.53 43.29 29.12
CA ASP A 577 7.63 44.07 28.58
C ASP A 577 8.92 43.27 28.57
N ILE A 578 9.35 42.77 29.73
CA ILE A 578 10.65 42.10 29.79
C ILE A 578 10.61 40.82 28.97
N LEU A 579 9.61 39.99 29.22
CA LEU A 579 9.44 38.76 28.46
C LEU A 579 8.75 39.00 27.13
N GLU A 580 9.25 39.92 26.34
CA GLU A 580 8.55 40.25 25.11
C GLU A 580 8.65 39.25 23.98
N LYS A 581 7.66 39.24 23.11
CA LYS A 581 7.67 38.37 21.92
C LYS A 581 7.84 36.89 22.12
N LYS A 582 7.26 36.35 23.18
CA LYS A 582 7.29 34.91 23.38
C LYS A 582 5.86 34.64 23.73
N VAL A 583 5.21 35.63 24.32
CA VAL A 583 3.82 35.50 24.71
C VAL A 583 3.04 36.67 24.14
N GLU A 584 1.77 36.42 23.84
CA GLU A 584 0.91 37.45 23.29
C GLU A 584 0.23 38.29 24.34
N LYS A 585 0.02 37.73 25.52
CA LYS A 585 -0.69 38.46 26.57
C LYS A 585 -0.57 37.79 27.92
N VAL A 586 -0.40 38.56 28.99
CA VAL A 586 -0.40 37.91 30.29
C VAL A 586 -1.53 38.50 31.11
N VAL A 587 -2.21 37.65 31.87
CA VAL A 587 -3.43 38.04 32.54
C VAL A 587 -3.58 37.21 33.81
N VAL A 588 -4.16 37.83 34.83
CA VAL A 588 -4.49 37.10 36.05
C VAL A 588 -5.30 35.88 35.72
N SER A 589 -4.92 34.74 36.28
CA SER A 589 -5.54 33.46 35.96
C SER A 589 -6.89 33.33 36.63
N ASN A 590 -7.55 32.22 36.34
CA ASN A 590 -8.74 31.82 37.05
C ASN A 590 -8.76 30.34 37.38
N ARG A 591 -7.91 29.54 36.75
CA ARG A 591 -7.95 28.10 36.93
C ARG A 591 -6.79 27.58 37.76
N LEU A 592 -6.02 28.46 38.40
CA LEU A 592 -4.88 28.05 39.18
C LEU A 592 -5.14 28.31 40.65
N VAL A 593 -4.64 27.42 41.51
CA VAL A 593 -4.84 27.56 42.94
C VAL A 593 -3.59 27.23 43.75
N THR A 594 -2.62 26.54 43.15
CA THR A 594 -1.42 26.15 43.88
C THR A 594 -0.16 26.25 43.06
N SER A 595 -0.24 26.69 41.83
CA SER A 595 0.97 26.89 41.06
C SER A 595 1.04 28.34 40.58
N PRO A 596 2.24 28.91 40.50
CA PRO A 596 2.32 30.34 40.20
C PRO A 596 1.75 30.73 38.87
N CYS A 597 2.02 29.96 37.81
CA CYS A 597 1.66 30.42 36.49
C CYS A 597 1.62 29.24 35.54
N CYS A 598 0.91 29.43 34.42
CA CYS A 598 0.79 28.40 33.40
C CYS A 598 0.48 29.07 32.08
N ILE A 599 0.63 28.30 30.99
CA ILE A 599 0.47 28.82 29.65
C ILE A 599 -0.69 28.11 28.98
N VAL A 600 -1.64 28.88 28.46
CA VAL A 600 -2.73 28.34 27.67
C VAL A 600 -2.60 28.91 26.27
N THR A 601 -3.04 28.14 25.28
CA THR A 601 -2.92 28.61 23.92
C THR A 601 -4.11 29.48 23.55
N SER A 602 -4.00 30.18 22.43
CA SER A 602 -5.09 30.99 21.95
C SER A 602 -6.27 30.11 21.58
N THR A 603 -7.47 30.68 21.67
CA THR A 603 -8.68 29.89 21.48
C THR A 603 -8.69 29.22 20.12
N TYR A 604 -8.33 29.95 19.07
CA TYR A 604 -8.45 29.39 17.74
C TYR A 604 -7.22 28.60 17.34
N GLY A 605 -6.05 29.00 17.80
CA GLY A 605 -4.84 28.31 17.41
C GLY A 605 -4.80 26.88 17.89
N TRP A 606 -3.69 26.22 17.59
CA TRP A 606 -3.52 24.84 18.01
C TRP A 606 -3.31 24.78 19.51
N THR A 607 -3.63 23.63 20.10
CA THR A 607 -3.31 23.43 21.49
C THR A 607 -1.85 23.03 21.62
N ALA A 608 -1.44 22.70 22.83
CA ALA A 608 -0.04 22.40 23.06
C ALA A 608 0.34 21.05 22.48
N ASN A 609 -0.21 19.97 23.02
CA ASN A 609 0.24 18.66 22.59
C ASN A 609 -0.25 18.34 21.20
N MET A 610 -1.41 18.86 20.80
CA MET A 610 -1.84 18.71 19.42
C MET A 610 -0.76 19.17 18.49
N GLU A 611 -0.28 20.40 18.70
CA GLU A 611 0.84 20.91 17.93
C GLU A 611 2.04 19.98 18.02
N ARG A 612 2.31 19.49 19.22
CA ARG A 612 3.43 18.59 19.40
C ARG A 612 3.27 17.34 18.57
N ILE A 613 2.12 16.72 18.63
CA ILE A 613 1.94 15.47 17.92
C ILE A 613 2.10 15.72 16.43
N MET A 614 1.54 16.83 15.97
CA MET A 614 1.59 17.11 14.55
C MET A 614 3.01 17.26 14.05
N LYS A 615 3.85 17.97 14.80
CA LYS A 615 5.22 18.20 14.38
C LYS A 615 5.99 16.93 14.42
N ALA A 616 5.59 16.03 15.30
CA ALA A 616 6.29 14.76 15.43
C ALA A 616 5.89 13.74 14.39
N GLN A 617 4.94 14.10 13.52
CA GLN A 617 4.45 13.13 12.53
C GLN A 617 5.47 12.94 11.45
N ALA A 618 5.60 11.73 10.95
CA ALA A 618 6.66 11.45 9.98
C ALA A 618 6.62 12.18 8.66
N LEU A 619 5.45 12.25 8.06
CA LEU A 619 5.34 12.88 6.75
C LEU A 619 4.40 14.05 6.82
N ARG A 620 4.91 15.24 7.07
CA ARG A 620 4.02 16.37 7.23
C ARG A 620 4.52 17.60 6.49
N ASP A 621 3.60 18.40 5.93
CA ASP A 621 4.02 19.56 5.18
C ASP A 621 4.60 20.51 6.18
N ASN A 622 5.86 20.87 5.97
CA ASN A 622 6.51 21.72 6.95
C ASN A 622 5.88 23.09 7.08
N SER A 623 5.58 23.70 5.95
CA SER A 623 5.03 25.04 5.99
C SER A 623 3.75 25.08 6.78
N THR A 624 2.80 24.25 6.41
CA THR A 624 1.50 24.27 7.05
C THR A 624 1.65 24.02 8.54
N MET A 625 2.52 23.09 8.91
CA MET A 625 2.65 22.73 10.31
C MET A 625 3.14 23.91 11.11
N GLY A 626 4.15 24.61 10.60
CA GLY A 626 4.63 25.76 11.31
C GLY A 626 3.63 26.88 11.36
N TYR A 627 2.97 27.13 10.25
CA TYR A 627 2.05 28.24 10.19
C TYR A 627 0.79 28.20 11.04
N MET A 628 0.14 27.04 11.08
CA MET A 628 -1.02 26.92 11.93
C MET A 628 -0.49 26.53 13.29
N ALA A 629 -0.30 27.51 14.16
CA ALA A 629 0.31 27.21 15.44
C ALA A 629 -0.33 27.93 16.59
N ALA A 630 0.06 27.57 17.79
CA ALA A 630 -0.50 28.18 18.98
C ALA A 630 -0.03 29.57 19.24
N LYS A 631 -0.88 30.41 19.79
CA LYS A 631 -0.42 31.72 20.20
C LYS A 631 -0.46 31.57 21.70
N LYS A 632 0.67 31.76 22.36
CA LYS A 632 0.69 31.51 23.80
C LYS A 632 0.25 32.64 24.69
N HIS A 633 -0.45 32.32 25.76
CA HIS A 633 -0.87 33.31 26.74
C HIS A 633 -0.48 32.80 28.11
N LEU A 634 0.21 33.62 28.88
CA LEU A 634 0.67 33.22 30.20
C LEU A 634 -0.28 33.77 31.25
N GLU A 635 -0.75 32.91 32.13
CA GLU A 635 -1.60 33.30 33.22
C GLU A 635 -0.80 33.22 34.51
N ILE A 636 -1.18 34.03 35.49
CA ILE A 636 -0.49 34.04 36.77
C ILE A 636 -1.51 33.84 37.87
N ASN A 637 -1.12 33.09 38.89
CA ASN A 637 -2.04 32.78 39.97
C ASN A 637 -1.91 33.83 41.06
N PRO A 638 -2.93 34.65 41.27
CA PRO A 638 -2.73 35.88 42.05
C PRO A 638 -2.46 35.66 43.53
N ASP A 639 -2.87 34.53 44.10
CA ASP A 639 -2.71 34.40 45.54
C ASP A 639 -1.38 33.72 45.89
N HIS A 640 -0.64 33.26 44.89
CA HIS A 640 0.63 32.60 45.17
C HIS A 640 1.59 33.56 45.86
N SER A 641 2.36 33.02 46.80
CA SER A 641 3.31 33.85 47.51
C SER A 641 4.39 34.39 46.58
N ILE A 642 4.81 33.57 45.62
CA ILE A 642 5.90 33.97 44.73
C ILE A 642 5.53 35.24 43.99
N ILE A 643 4.45 35.21 43.23
CA ILE A 643 4.09 36.37 42.42
C ILE A 643 3.75 37.54 43.32
N GLU A 644 3.30 37.26 44.55
CA GLU A 644 3.04 38.33 45.49
C GLU A 644 4.32 39.10 45.79
N THR A 645 5.33 38.39 46.31
CA THR A 645 6.63 39.02 46.53
C THR A 645 7.16 39.64 45.25
N LEU A 646 6.80 39.07 44.11
CA LEU A 646 7.26 39.62 42.85
C LEU A 646 6.67 40.99 42.60
N ARG A 647 5.36 41.13 42.77
CA ARG A 647 4.74 42.43 42.63
C ARG A 647 5.33 43.41 43.64
N GLN A 648 5.70 42.91 44.82
CA GLN A 648 6.35 43.77 45.80
C GLN A 648 7.67 44.30 45.24
N LYS A 649 8.55 43.39 44.82
CA LYS A 649 9.85 43.80 44.32
C LYS A 649 9.71 44.68 43.08
N ALA A 650 8.68 44.42 42.28
CA ALA A 650 8.48 45.21 41.07
C ALA A 650 8.07 46.63 41.40
N GLU A 651 6.93 46.77 42.09
CA GLU A 651 6.45 48.10 42.45
C GLU A 651 7.48 48.85 43.28
N ALA A 652 8.31 48.12 44.02
CA ALA A 652 9.42 48.73 44.73
C ALA A 652 10.37 49.41 43.74
N ASP A 653 10.97 48.62 42.86
CA ASP A 653 11.91 49.13 41.88
C ASP A 653 11.66 48.44 40.55
N LYS A 654 11.68 49.22 39.47
CA LYS A 654 11.59 48.63 38.15
C LYS A 654 12.96 48.26 37.62
N ASN A 655 12.99 47.37 36.64
CA ASN A 655 14.18 47.07 35.85
C ASN A 655 15.31 46.53 36.70
N ASP A 656 14.96 45.85 37.79
CA ASP A 656 15.97 45.22 38.62
C ASP A 656 16.44 43.98 37.87
N LYS A 657 17.72 43.66 37.97
CA LYS A 657 18.24 42.48 37.29
C LYS A 657 17.53 41.21 37.76
N SER A 658 17.43 41.06 39.07
CA SER A 658 16.84 39.85 39.63
C SER A 658 15.47 39.57 39.07
N VAL A 659 14.59 40.55 39.13
CA VAL A 659 13.23 40.29 38.69
C VAL A 659 13.21 39.88 37.23
N LYS A 660 14.02 40.54 36.41
CA LYS A 660 14.05 40.23 35.00
C LYS A 660 14.30 38.75 34.84
N ASP A 661 15.38 38.27 35.43
CA ASP A 661 15.71 36.86 35.29
C ASP A 661 14.66 35.98 35.91
N LEU A 662 14.10 36.41 37.03
CA LEU A 662 13.11 35.58 37.70
C LEU A 662 11.98 35.33 36.75
N VAL A 663 11.51 36.38 36.09
CA VAL A 663 10.37 36.24 35.22
C VAL A 663 10.70 35.26 34.13
N ILE A 664 11.89 35.35 33.57
CA ILE A 664 12.20 34.47 32.47
C ILE A 664 12.49 33.06 32.96
N LEU A 665 12.95 32.91 34.19
CA LEU A 665 13.16 31.57 34.72
C LEU A 665 11.84 30.87 34.96
N LEU A 666 10.93 31.52 35.67
CA LEU A 666 9.66 30.87 35.95
C LEU A 666 8.84 30.74 34.69
N TYR A 667 8.98 31.66 33.74
CA TYR A 667 8.32 31.46 32.47
C TYR A 667 8.81 30.19 31.81
N GLU A 668 10.12 29.99 31.79
CA GLU A 668 10.67 28.79 31.20
C GLU A 668 10.12 27.55 31.88
N THR A 669 10.14 27.53 33.21
CA THR A 669 9.70 26.33 33.89
C THR A 669 8.21 26.09 33.68
N ALA A 670 7.43 27.15 33.53
CA ALA A 670 6.01 26.97 33.26
C ALA A 670 5.80 26.45 31.86
N LEU A 671 6.51 27.01 30.89
CA LEU A 671 6.45 26.49 29.53
C LEU A 671 6.80 25.03 29.51
N LEU A 672 7.74 24.63 30.36
CA LEU A 672 8.09 23.22 30.46
C LEU A 672 6.93 22.43 31.04
N SER A 673 6.30 22.95 32.08
CA SER A 673 5.21 22.21 32.73
C SER A 673 3.85 22.38 32.03
N SER A 674 3.83 23.13 30.94
CA SER A 674 2.58 23.37 30.20
C SER A 674 2.39 22.37 29.07
N GLY A 675 3.31 21.42 28.94
CA GLY A 675 3.23 20.47 27.84
C GLY A 675 3.89 20.99 26.58
N PHE A 676 4.51 22.17 26.67
CA PHE A 676 5.23 22.70 25.52
C PHE A 676 6.69 22.32 25.69
N SER A 677 7.46 22.43 24.61
CA SER A 677 8.88 22.12 24.69
C SER A 677 9.67 23.34 24.29
N LEU A 678 10.58 23.77 25.15
CA LEU A 678 11.39 24.95 24.89
C LEU A 678 12.20 24.76 23.65
N GLU A 679 12.46 25.85 22.94
CA GLU A 679 13.18 25.72 21.67
C GLU A 679 14.61 25.24 21.88
N ASP A 680 15.29 25.75 22.90
CA ASP A 680 16.65 25.30 23.20
C ASP A 680 16.78 25.05 24.69
N PRO A 681 16.93 23.80 25.11
CA PRO A 681 17.06 23.54 26.54
C PRO A 681 18.34 24.06 27.12
N GLN A 682 19.32 24.39 26.28
CA GLN A 682 20.63 24.70 26.81
C GLN A 682 20.62 25.94 27.67
N THR A 683 19.92 26.99 27.24
CA THR A 683 19.84 28.19 28.05
C THR A 683 19.22 27.90 29.41
N HIS A 684 18.13 27.15 29.41
CA HIS A 684 17.47 26.83 30.66
C HIS A 684 18.39 26.02 31.56
N ALA A 685 19.04 25.01 31.01
CA ALA A 685 19.96 24.21 31.81
C ALA A 685 21.08 25.06 32.37
N ASN A 686 21.56 26.01 31.58
CA ASN A 686 22.64 26.87 32.07
C ASN A 686 22.15 27.74 33.20
N ARG A 687 20.91 28.24 33.10
CA ARG A 687 20.37 29.02 34.20
C ARG A 687 20.28 28.18 35.46
N ILE A 688 19.84 26.94 35.31
CA ILE A 688 19.78 26.05 36.46
C ILE A 688 21.16 25.87 37.05
N TYR A 689 22.16 25.66 36.20
CA TYR A 689 23.51 25.47 36.70
C TYR A 689 24.00 26.71 37.42
N ARG A 690 23.66 27.88 36.92
CA ARG A 690 24.05 29.11 37.58
C ARG A 690 23.47 29.16 38.98
N MET A 691 22.18 28.89 39.11
CA MET A 691 21.58 28.94 40.43
C MET A 691 22.14 27.85 41.34
N ILE A 692 22.49 26.71 40.76
CA ILE A 692 23.10 25.66 41.57
C ILE A 692 24.44 26.12 42.12
N LYS A 693 25.27 26.70 41.26
CA LYS A 693 26.57 27.19 41.71
C LYS A 693 26.39 28.27 42.77
N LEU A 694 25.40 29.15 42.59
CA LEU A 694 25.15 30.18 43.57
C LEU A 694 24.78 29.60 44.92
N GLY A 695 23.79 28.70 44.93
CA GLY A 695 23.39 28.08 46.18
C GLY A 695 24.52 27.30 46.83
N LEU A 696 25.34 26.66 46.01
CA LEU A 696 26.47 25.89 46.52
C LEU A 696 27.66 26.79 46.76
N GLY A 697 27.49 28.09 46.55
CA GLY A 697 28.57 29.03 46.80
C GLY A 697 29.86 28.80 46.03
N ILE A 698 29.75 28.42 44.76
CA ILE A 698 30.93 28.22 43.95
C ILE A 698 31.30 29.48 43.20
N GLU B 15 -13.89 -47.62 -34.18
CA GLU B 15 -15.20 -47.53 -34.81
C GLU B 15 -15.30 -46.28 -35.68
N GLU B 16 -16.30 -45.46 -35.41
CA GLU B 16 -16.51 -44.29 -36.22
C GLU B 16 -16.33 -43.03 -35.40
N VAL B 17 -15.51 -42.12 -35.91
CA VAL B 17 -15.34 -40.86 -35.23
C VAL B 17 -15.97 -39.84 -36.13
N GLU B 18 -16.88 -39.05 -35.59
CA GLU B 18 -17.57 -38.08 -36.41
C GLU B 18 -17.11 -36.72 -36.00
N THR B 19 -16.74 -35.89 -36.97
CA THR B 19 -16.22 -34.59 -36.65
C THR B 19 -17.20 -33.51 -37.01
N PHE B 20 -17.38 -32.58 -36.09
CA PHE B 20 -18.31 -31.50 -36.33
C PHE B 20 -17.57 -30.22 -35.99
N ALA B 21 -18.05 -29.10 -36.51
CA ALA B 21 -17.37 -27.84 -36.27
C ALA B 21 -18.11 -27.04 -35.24
N PHE B 22 -17.39 -26.18 -34.56
CA PHE B 22 -18.00 -25.38 -33.53
C PHE B 22 -18.97 -24.41 -34.16
N GLN B 23 -20.07 -24.12 -33.48
CA GLN B 23 -21.08 -23.21 -34.01
C GLN B 23 -21.46 -22.33 -32.85
N ALA B 24 -22.21 -21.27 -33.08
CA ALA B 24 -22.49 -20.37 -31.97
C ALA B 24 -23.95 -20.02 -31.87
N GLU B 25 -24.44 -19.81 -30.67
CA GLU B 25 -25.82 -19.38 -30.52
C GLU B 25 -25.70 -17.90 -30.58
N ILE B 26 -26.07 -17.32 -31.70
CA ILE B 26 -25.89 -15.89 -31.89
C ILE B 26 -26.68 -15.08 -30.90
N ALA B 27 -27.90 -15.46 -30.62
CA ALA B 27 -28.73 -14.64 -29.76
C ALA B 27 -28.18 -14.48 -28.37
N GLN B 28 -27.70 -15.55 -27.78
CA GLN B 28 -27.23 -15.46 -26.43
C GLN B 28 -25.87 -14.84 -26.46
N LEU B 29 -25.10 -15.18 -27.47
CA LEU B 29 -23.75 -14.65 -27.61
C LEU B 29 -23.77 -13.13 -27.60
N MET B 30 -24.68 -12.53 -28.36
CA MET B 30 -24.71 -11.09 -28.41
C MET B 30 -25.14 -10.50 -27.08
N SER B 31 -26.10 -11.16 -26.40
CA SER B 31 -26.45 -10.68 -25.08
C SER B 31 -25.25 -10.71 -24.16
N LEU B 32 -24.46 -11.78 -24.24
CA LEU B 32 -23.22 -11.85 -23.49
C LEU B 32 -22.34 -10.65 -23.77
N ILE B 33 -22.05 -10.41 -25.05
CA ILE B 33 -21.16 -9.32 -25.44
C ILE B 33 -21.66 -8.01 -24.86
N ILE B 34 -22.96 -7.75 -24.99
CA ILE B 34 -23.48 -6.47 -24.58
C ILE B 34 -23.35 -6.28 -23.08
N ASN B 35 -23.68 -7.30 -22.30
CA ASN B 35 -23.82 -7.08 -20.87
C ASN B 35 -22.54 -7.34 -20.08
N THR B 36 -21.84 -8.43 -20.36
CA THR B 36 -20.86 -8.92 -19.40
C THR B 36 -19.46 -8.39 -19.67
N PHE B 37 -19.19 -7.92 -20.88
CA PHE B 37 -17.81 -7.55 -21.21
C PHE B 37 -17.37 -6.30 -20.47
N TYR B 38 -18.01 -5.18 -20.75
CA TYR B 38 -17.47 -3.88 -20.38
C TYR B 38 -17.99 -3.48 -19.02
N SER B 39 -17.08 -3.21 -18.09
CA SER B 39 -17.48 -2.78 -16.77
C SER B 39 -18.27 -1.49 -16.83
N ASN B 40 -17.63 -0.41 -17.26
CA ASN B 40 -18.27 0.89 -17.28
C ASN B 40 -19.08 1.05 -18.56
N LYS B 41 -20.13 1.84 -18.48
CA LYS B 41 -21.01 2.01 -19.63
C LYS B 41 -20.52 3.09 -20.57
N GLU B 42 -19.66 3.98 -20.11
CA GLU B 42 -19.32 5.14 -20.92
C GLU B 42 -18.28 4.83 -21.97
N ILE B 43 -17.74 3.62 -22.00
CA ILE B 43 -16.66 3.37 -22.95
C ILE B 43 -17.16 3.42 -24.37
N PHE B 44 -18.43 3.12 -24.60
CA PHE B 44 -18.95 3.04 -25.96
C PHE B 44 -18.48 4.21 -26.80
N LEU B 45 -18.40 5.38 -26.21
CA LEU B 45 -17.90 6.53 -26.95
C LEU B 45 -16.47 6.30 -27.40
N ARG B 46 -15.69 5.58 -26.61
CA ARG B 46 -14.32 5.32 -27.02
C ARG B 46 -14.27 4.43 -28.25
N GLU B 47 -15.09 3.38 -28.28
CA GLU B 47 -14.97 2.43 -29.36
C GLU B 47 -15.36 3.04 -30.69
N LEU B 48 -16.50 3.72 -30.73
CA LEU B 48 -16.89 4.36 -31.99
C LEU B 48 -15.83 5.33 -32.46
N ILE B 49 -15.27 6.10 -31.53
CA ILE B 49 -14.23 7.04 -31.90
C ILE B 49 -13.06 6.26 -32.43
N SER B 50 -12.65 5.21 -31.73
CA SER B 50 -11.48 4.48 -32.17
C SER B 50 -11.70 3.89 -33.52
N ASN B 51 -12.88 3.34 -33.74
CA ASN B 51 -13.12 2.68 -35.01
C ASN B 51 -13.08 3.72 -36.08
N SER B 52 -13.67 4.89 -35.82
CA SER B 52 -13.70 5.95 -36.82
C SER B 52 -12.29 6.41 -37.14
N SER B 53 -11.41 6.42 -36.13
CA SER B 53 -10.02 6.77 -36.37
C SER B 53 -9.35 5.76 -37.29
N ASP B 54 -9.67 4.48 -37.10
CA ASP B 54 -9.12 3.44 -37.96
C ASP B 54 -9.50 3.73 -39.41
N ALA B 55 -10.76 4.05 -39.62
CA ALA B 55 -11.23 4.33 -40.98
C ALA B 55 -10.46 5.49 -41.58
N LEU B 56 -10.26 6.53 -40.78
CA LEU B 56 -9.50 7.68 -41.25
C LEU B 56 -8.10 7.28 -41.68
N ASP B 57 -7.43 6.46 -40.87
CA ASP B 57 -6.09 6.04 -41.22
C ASP B 57 -6.08 5.26 -42.51
N LYS B 58 -7.07 4.40 -42.70
CA LYS B 58 -7.11 3.65 -43.95
C LYS B 58 -7.20 4.60 -45.13
N ILE B 59 -8.12 5.55 -45.08
CA ILE B 59 -8.28 6.41 -46.25
C ILE B 59 -7.05 7.28 -46.42
N ARG B 60 -6.39 7.66 -45.34
CA ARG B 60 -5.21 8.49 -45.49
C ARG B 60 -4.09 7.71 -46.15
N TYR B 61 -3.84 6.49 -45.68
CA TYR B 61 -2.84 5.65 -46.33
C TYR B 61 -3.15 5.52 -47.81
N GLU B 62 -4.39 5.21 -48.15
CA GLU B 62 -4.74 5.05 -49.54
C GLU B 62 -4.44 6.31 -50.34
N SER B 63 -4.69 7.46 -49.75
CA SER B 63 -4.40 8.70 -50.42
C SER B 63 -2.94 8.84 -50.82
N LEU B 64 -2.02 8.37 -49.98
CA LEU B 64 -0.62 8.60 -50.30
C LEU B 64 -0.20 7.94 -51.59
N THR B 65 -0.59 6.69 -51.78
CA THR B 65 -0.29 6.03 -53.04
C THR B 65 -1.06 6.63 -54.18
N ASP B 66 -2.33 6.96 -53.95
CA ASP B 66 -3.17 7.48 -55.03
C ASP B 66 -4.00 8.66 -54.56
N PRO B 67 -3.57 9.91 -54.90
CA PRO B 67 -4.38 11.01 -54.36
C PRO B 67 -5.76 11.05 -54.98
N SER B 68 -6.04 10.13 -55.89
CA SER B 68 -7.35 10.09 -56.51
C SER B 68 -8.39 9.76 -55.47
N LYS B 69 -8.02 8.95 -54.49
CA LYS B 69 -8.97 8.54 -53.46
C LYS B 69 -9.50 9.71 -52.64
N LEU B 70 -8.63 10.67 -52.32
CA LEU B 70 -9.03 11.80 -51.47
C LEU B 70 -9.77 12.89 -52.22
N ASP B 71 -10.06 12.67 -53.50
CA ASP B 71 -10.80 13.66 -54.28
C ASP B 71 -12.20 13.88 -53.73
N SER B 72 -12.87 12.82 -53.32
CA SER B 72 -14.23 12.93 -52.80
C SER B 72 -14.35 13.94 -51.66
N GLY B 73 -13.39 13.93 -50.74
CA GLY B 73 -13.45 14.84 -49.60
C GLY B 73 -12.04 15.09 -49.11
N LYS B 74 -11.67 16.34 -48.87
CA LYS B 74 -10.28 16.61 -48.50
C LYS B 74 -10.03 16.35 -47.03
N GLU B 75 -10.70 17.08 -46.16
CA GLU B 75 -10.38 17.04 -44.74
C GLU B 75 -10.75 15.68 -44.14
N LEU B 76 -10.07 15.34 -43.06
CA LEU B 76 -10.35 14.11 -42.32
C LEU B 76 -10.64 14.49 -40.88
N HIS B 77 -11.92 14.59 -40.53
CA HIS B 77 -12.31 14.97 -39.18
C HIS B 77 -13.31 14.02 -38.58
N ILE B 78 -13.51 14.09 -37.26
CA ILE B 78 -14.53 13.27 -36.61
C ILE B 78 -15.44 14.21 -35.86
N ASN B 79 -16.72 14.17 -36.15
CA ASN B 79 -17.63 15.09 -35.52
C ASN B 79 -18.65 14.36 -34.72
N LEU B 80 -18.98 14.86 -33.54
CA LEU B 80 -20.03 14.27 -32.73
C LEU B 80 -21.16 15.26 -32.69
N ILE B 81 -22.36 14.85 -33.07
CA ILE B 81 -23.49 15.78 -33.15
C ILE B 81 -24.64 15.38 -32.21
N PRO B 82 -24.54 15.67 -30.90
CA PRO B 82 -25.69 15.31 -30.07
C PRO B 82 -26.95 16.02 -30.46
N ASN B 83 -28.09 15.34 -30.40
CA ASN B 83 -29.37 15.98 -30.70
C ASN B 83 -30.33 15.63 -29.59
N LYS B 84 -30.55 16.56 -28.68
CA LYS B 84 -31.41 16.31 -27.54
C LYS B 84 -32.82 16.01 -27.91
N GLN B 85 -33.33 16.68 -28.93
CA GLN B 85 -34.74 16.54 -29.25
C GLN B 85 -35.16 15.13 -29.60
N ASP B 86 -34.35 14.43 -30.38
CA ASP B 86 -34.75 13.10 -30.80
C ASP B 86 -33.93 12.04 -30.11
N ARG B 87 -33.21 12.43 -29.07
CA ARG B 87 -32.45 11.45 -28.31
C ARG B 87 -31.50 10.67 -29.19
N THR B 88 -30.89 11.34 -30.16
CA THR B 88 -29.97 10.67 -31.05
C THR B 88 -28.61 11.30 -31.03
N LEU B 89 -27.58 10.53 -30.73
CA LEU B 89 -26.22 11.07 -30.78
C LEU B 89 -25.59 10.48 -31.99
N THR B 90 -25.12 11.31 -32.91
CA THR B 90 -24.57 10.83 -34.16
C THR B 90 -23.10 11.12 -34.27
N ILE B 91 -22.30 10.12 -34.60
CA ILE B 91 -20.88 10.36 -34.81
C ILE B 91 -20.61 10.27 -36.28
N VAL B 92 -20.03 11.32 -36.86
CA VAL B 92 -19.79 11.33 -38.28
C VAL B 92 -18.30 11.39 -38.55
N ASP B 93 -17.81 10.49 -39.40
CA ASP B 93 -16.40 10.50 -39.73
C ASP B 93 -16.25 10.48 -41.22
N THR B 94 -15.11 10.89 -41.73
CA THR B 94 -14.95 10.93 -43.15
C THR B 94 -13.87 9.95 -43.51
N GLY B 95 -13.97 8.73 -42.96
CA GLY B 95 -12.96 7.74 -43.22
C GLY B 95 -13.34 6.95 -44.44
N ILE B 96 -12.59 5.88 -44.75
CA ILE B 96 -13.03 5.05 -45.84
C ILE B 96 -14.33 4.58 -45.31
N GLY B 97 -15.32 4.49 -46.17
CA GLY B 97 -16.60 3.98 -45.74
C GLY B 97 -16.63 2.48 -45.96
N MET B 98 -17.81 1.89 -45.83
CA MET B 98 -17.91 0.48 -46.06
C MET B 98 -18.71 0.18 -47.32
N THR B 99 -18.23 -0.75 -48.13
CA THR B 99 -18.98 -1.17 -49.30
C THR B 99 -20.13 -2.01 -48.83
N LYS B 100 -21.10 -2.29 -49.68
CA LYS B 100 -22.24 -3.05 -49.24
C LYS B 100 -21.76 -4.35 -48.65
N ALA B 101 -20.88 -5.03 -49.38
CA ALA B 101 -20.41 -6.31 -48.93
C ALA B 101 -19.75 -6.15 -47.60
N ASP B 102 -18.98 -5.08 -47.48
CA ASP B 102 -18.25 -4.86 -46.24
C ASP B 102 -19.21 -4.66 -45.11
N LEU B 103 -20.28 -3.95 -45.36
CA LEU B 103 -21.20 -3.65 -44.29
C LEU B 103 -21.76 -4.94 -43.77
N ILE B 104 -22.17 -5.80 -44.67
CA ILE B 104 -22.72 -7.06 -44.24
C ILE B 104 -21.68 -7.89 -43.54
N ASN B 105 -20.50 -8.01 -44.13
CA ASN B 105 -19.49 -8.84 -43.52
C ASN B 105 -18.86 -8.30 -42.25
N ASN B 106 -18.37 -7.07 -42.28
CA ASN B 106 -17.68 -6.53 -41.12
C ASN B 106 -18.60 -6.30 -39.95
N LEU B 107 -19.52 -5.36 -40.11
CA LEU B 107 -20.41 -5.04 -39.01
C LEU B 107 -21.25 -6.25 -38.67
N GLY B 108 -21.70 -6.95 -39.69
CA GLY B 108 -22.56 -8.10 -39.46
C GLY B 108 -22.04 -9.30 -38.72
N THR B 109 -20.82 -9.71 -38.97
CA THR B 109 -20.34 -10.92 -38.33
C THR B 109 -19.57 -10.61 -37.08
N ILE B 110 -19.97 -11.23 -35.98
CA ILE B 110 -19.28 -11.03 -34.73
C ILE B 110 -17.89 -11.59 -34.83
N ALA B 111 -16.93 -10.95 -34.17
CA ALA B 111 -15.54 -11.39 -34.18
C ALA B 111 -14.81 -11.29 -35.49
N LYS B 112 -15.23 -10.40 -36.38
CA LYS B 112 -14.47 -10.18 -37.60
C LYS B 112 -14.13 -8.72 -37.60
N SER B 113 -12.87 -8.40 -37.87
CA SER B 113 -12.42 -7.02 -37.90
C SER B 113 -11.77 -6.67 -39.21
N GLY B 114 -12.38 -5.75 -39.95
CA GLY B 114 -11.84 -5.34 -41.22
C GLY B 114 -10.46 -4.76 -41.07
N THR B 115 -10.23 -4.06 -39.97
CA THR B 115 -8.95 -3.42 -39.79
C THR B 115 -7.83 -4.43 -39.85
N LYS B 116 -8.02 -5.56 -39.20
CA LYS B 116 -6.97 -6.55 -39.15
C LYS B 116 -6.66 -6.97 -40.56
N ALA B 117 -7.70 -7.15 -41.36
CA ALA B 117 -7.49 -7.55 -42.73
C ALA B 117 -6.73 -6.51 -43.52
N PHE B 118 -7.05 -5.24 -43.33
CA PHE B 118 -6.40 -4.22 -44.12
C PHE B 118 -4.94 -4.26 -43.81
N MET B 119 -4.60 -4.37 -42.54
CA MET B 119 -3.21 -4.36 -42.16
C MET B 119 -2.45 -5.55 -42.71
N GLU B 120 -3.04 -6.73 -42.63
CA GLU B 120 -2.29 -7.90 -43.07
C GLU B 120 -2.04 -7.81 -44.56
N ALA B 121 -3.04 -7.37 -45.30
CA ALA B 121 -2.90 -7.24 -46.75
C ALA B 121 -1.85 -6.22 -47.07
N LEU B 122 -1.76 -5.17 -46.26
CA LEU B 122 -0.81 -4.11 -46.53
C LEU B 122 0.61 -4.59 -46.58
N GLN B 123 1.44 -3.87 -47.32
CA GLN B 123 2.84 -4.24 -47.45
C GLN B 123 3.50 -4.15 -46.08
N ALA B 124 4.43 -5.05 -45.80
CA ALA B 124 5.05 -5.08 -44.49
C ALA B 124 5.84 -3.82 -44.18
N GLY B 125 5.83 -3.42 -42.92
CA GLY B 125 6.56 -2.23 -42.53
C GLY B 125 5.83 -0.94 -42.80
N ALA B 126 4.55 -1.04 -43.13
CA ALA B 126 3.78 0.15 -43.42
C ALA B 126 3.66 1.03 -42.19
N ASP B 127 3.66 2.33 -42.40
CA ASP B 127 3.59 3.25 -41.28
C ASP B 127 2.32 3.17 -40.45
N ILE B 128 1.18 2.99 -41.10
CA ILE B 128 -0.07 3.01 -40.36
C ILE B 128 -0.21 2.00 -39.24
N SER B 129 -0.57 2.47 -38.07
CA SER B 129 -0.84 1.58 -36.95
C SER B 129 -2.25 1.85 -36.47
N MET B 130 -3.13 0.87 -36.68
CA MET B 130 -4.55 1.05 -36.41
C MET B 130 -4.90 0.42 -35.07
N ILE B 131 -6.03 0.85 -34.51
CA ILE B 131 -6.30 0.55 -33.10
C ILE B 131 -6.81 -0.87 -32.95
N GLY B 132 -8.02 -1.13 -33.44
CA GLY B 132 -8.76 -2.32 -33.06
C GLY B 132 -8.33 -3.54 -33.85
N GLN B 133 -8.41 -4.69 -33.20
CA GLN B 133 -8.20 -5.96 -33.87
C GLN B 133 -9.22 -7.02 -33.51
N PHE B 134 -9.85 -6.91 -32.34
CA PHE B 134 -10.76 -7.94 -31.84
C PHE B 134 -12.05 -8.15 -32.59
N GLY B 135 -12.53 -7.14 -33.27
CA GLY B 135 -13.79 -7.25 -33.99
C GLY B 135 -15.05 -7.51 -33.20
N VAL B 136 -15.17 -6.90 -32.04
CA VAL B 136 -16.33 -7.11 -31.20
C VAL B 136 -16.69 -5.82 -30.53
N GLY B 137 -15.84 -4.81 -30.67
CA GLY B 137 -16.03 -3.57 -29.94
C GLY B 137 -17.24 -2.78 -30.40
N PHE B 138 -17.54 -2.84 -31.69
CA PHE B 138 -18.60 -1.99 -32.21
C PHE B 138 -19.93 -2.24 -31.52
N TYR B 139 -20.25 -3.51 -31.26
CA TYR B 139 -21.55 -3.83 -30.70
C TYR B 139 -21.76 -3.21 -29.34
N SER B 140 -20.72 -2.65 -28.73
CA SER B 140 -20.89 -2.04 -27.43
C SER B 140 -21.87 -0.88 -27.46
N ALA B 141 -22.08 -0.26 -28.63
CA ALA B 141 -23.02 0.85 -28.69
C ALA B 141 -24.37 0.47 -28.14
N TYR B 142 -24.71 -0.82 -28.19
CA TYR B 142 -25.97 -1.25 -27.62
C TYR B 142 -25.99 -1.13 -26.12
N LEU B 143 -24.87 -0.81 -25.49
CA LEU B 143 -24.89 -0.57 -24.06
C LEU B 143 -25.81 0.58 -23.71
N VAL B 144 -25.93 1.56 -24.60
CA VAL B 144 -26.73 2.74 -24.33
C VAL B 144 -27.75 2.99 -25.42
N ALA B 145 -27.89 2.08 -26.36
CA ALA B 145 -28.83 2.30 -27.45
C ALA B 145 -29.62 1.04 -27.70
N GLU B 146 -30.89 1.21 -28.05
CA GLU B 146 -31.66 0.05 -28.49
C GLU B 146 -31.59 -0.12 -30.00
N LYS B 147 -31.69 0.96 -30.75
CA LYS B 147 -31.71 0.86 -32.21
C LYS B 147 -30.59 1.69 -32.78
N VAL B 148 -29.58 1.02 -33.33
CA VAL B 148 -28.44 1.65 -33.95
C VAL B 148 -28.68 1.72 -35.44
N THR B 149 -28.32 2.84 -36.06
CA THR B 149 -28.46 3.01 -37.49
C THR B 149 -27.15 3.54 -38.05
N VAL B 150 -26.54 2.79 -38.94
CA VAL B 150 -25.30 3.19 -39.59
C VAL B 150 -25.62 3.54 -41.03
N ILE B 151 -25.24 4.74 -41.44
CA ILE B 151 -25.33 5.17 -42.82
C ILE B 151 -23.93 5.37 -43.33
N THR B 152 -23.52 4.56 -44.29
CA THR B 152 -22.19 4.70 -44.85
C THR B 152 -22.29 4.84 -46.36
N LYS B 153 -21.28 5.52 -46.90
CA LYS B 153 -21.19 5.67 -48.34
C LYS B 153 -19.72 5.61 -48.59
N HIS B 154 -19.32 4.73 -49.48
CA HIS B 154 -17.91 4.56 -49.79
C HIS B 154 -17.71 4.63 -51.29
N ASN B 155 -16.48 4.85 -51.74
CA ASN B 155 -16.20 4.92 -53.16
C ASN B 155 -16.50 3.58 -53.84
N ASP B 156 -17.01 3.63 -55.08
CA ASP B 156 -17.37 2.41 -55.83
C ASP B 156 -18.64 1.74 -55.34
N ASP B 157 -19.41 2.45 -54.52
CA ASP B 157 -20.67 1.92 -54.01
C ASP B 157 -21.57 3.08 -53.65
N GLU B 158 -22.85 2.85 -53.47
CA GLU B 158 -23.79 3.93 -53.14
C GLU B 158 -23.99 4.06 -51.65
N GLN B 159 -24.73 5.08 -51.21
CA GLN B 159 -25.03 5.19 -49.81
C GLN B 159 -25.87 4.00 -49.41
N TYR B 160 -25.51 3.38 -48.30
CA TYR B 160 -26.24 2.22 -47.84
C TYR B 160 -26.51 2.49 -46.38
N ALA B 161 -27.53 1.87 -45.82
CA ALA B 161 -27.90 2.16 -44.45
C ALA B 161 -28.21 0.91 -43.66
N TRP B 162 -27.26 0.42 -42.87
CA TRP B 162 -27.46 -0.76 -42.02
C TRP B 162 -28.27 -0.32 -40.83
N GLU B 163 -29.25 -1.12 -40.41
CA GLU B 163 -30.00 -0.77 -39.23
C GLU B 163 -30.18 -2.01 -38.41
N SER B 164 -29.98 -1.94 -37.11
CA SER B 164 -30.24 -3.11 -36.29
C SER B 164 -30.70 -2.77 -34.91
N SER B 165 -31.50 -3.64 -34.32
CA SER B 165 -32.06 -3.34 -33.00
C SER B 165 -31.55 -4.32 -32.00
N ALA B 166 -30.36 -4.86 -32.22
CA ALA B 166 -29.73 -5.81 -31.29
C ALA B 166 -30.39 -7.15 -31.31
N GLY B 167 -31.26 -7.37 -32.27
CA GLY B 167 -31.91 -8.65 -32.42
C GLY B 167 -31.03 -9.52 -33.28
N GLY B 168 -31.52 -10.67 -33.68
CA GLY B 168 -30.77 -11.51 -34.57
C GLY B 168 -30.69 -10.94 -35.96
N SER B 169 -31.46 -9.89 -36.23
CA SER B 169 -31.50 -9.40 -37.59
C SER B 169 -31.00 -8.01 -37.85
N PHE B 170 -30.32 -7.83 -38.98
CA PHE B 170 -29.86 -6.53 -39.35
C PHE B 170 -30.29 -6.26 -40.77
N THR B 171 -30.73 -5.06 -41.06
CA THR B 171 -31.24 -4.77 -42.39
C THR B 171 -30.35 -3.82 -43.14
N VAL B 172 -30.05 -4.12 -44.39
CA VAL B 172 -29.23 -3.26 -45.20
C VAL B 172 -30.02 -2.70 -46.35
N ARG B 173 -30.25 -1.40 -46.34
CA ARG B 173 -31.02 -0.75 -47.39
C ARG B 173 -30.22 0.37 -48.00
N THR B 174 -30.25 0.45 -49.31
CA THR B 174 -29.70 1.60 -50.00
C THR B 174 -30.45 2.85 -49.58
N ASP B 175 -29.73 3.81 -49.03
CA ASP B 175 -30.33 5.06 -48.57
C ASP B 175 -30.37 6.04 -49.73
N THR B 176 -31.38 6.92 -49.72
CA THR B 176 -31.51 7.95 -50.72
C THR B 176 -31.51 9.35 -50.12
N GLY B 177 -30.88 9.52 -48.96
CA GLY B 177 -30.86 10.81 -48.30
C GLY B 177 -29.78 11.72 -48.83
N GLU B 178 -29.44 12.75 -48.06
CA GLU B 178 -28.42 13.68 -48.50
C GLU B 178 -27.08 12.94 -48.63
N PRO B 179 -26.36 13.23 -49.71
CA PRO B 179 -25.13 12.49 -49.90
C PRO B 179 -24.12 12.87 -48.83
N MET B 180 -23.60 11.90 -48.10
CA MET B 180 -22.70 12.24 -47.02
C MET B 180 -21.27 12.26 -47.51
N GLY B 181 -21.05 11.95 -48.78
CA GLY B 181 -19.70 11.92 -49.30
C GLY B 181 -19.01 10.70 -48.75
N ARG B 182 -17.70 10.64 -48.84
CA ARG B 182 -16.99 9.53 -48.25
C ARG B 182 -17.17 9.57 -46.75
N GLY B 183 -17.35 8.41 -46.12
CA GLY B 183 -17.44 8.37 -44.68
C GLY B 183 -18.51 7.50 -44.06
N THR B 184 -18.61 7.50 -42.74
CA THR B 184 -19.64 6.74 -42.06
C THR B 184 -20.36 7.60 -41.05
N LYS B 185 -21.68 7.59 -41.06
CA LYS B 185 -22.46 8.31 -40.06
C LYS B 185 -23.09 7.25 -39.22
N VAL B 186 -22.79 7.18 -37.94
CA VAL B 186 -23.46 6.21 -37.11
C VAL B 186 -24.44 6.93 -36.21
N ILE B 187 -25.72 6.60 -36.31
CA ILE B 187 -26.73 7.28 -35.54
C ILE B 187 -27.21 6.39 -34.43
N LEU B 188 -27.12 6.85 -33.21
CA LEU B 188 -27.55 6.10 -32.04
C LEU B 188 -28.91 6.60 -31.61
N HIS B 189 -29.69 5.74 -30.98
CA HIS B 189 -30.92 6.12 -30.33
C HIS B 189 -30.81 5.69 -28.89
N LEU B 190 -30.83 6.64 -27.97
CA LEU B 190 -30.47 6.33 -26.60
C LEU B 190 -31.63 5.73 -25.83
N LYS B 191 -31.36 4.83 -24.92
CA LYS B 191 -32.43 4.29 -24.09
C LYS B 191 -33.01 5.42 -23.25
N GLU B 192 -34.11 5.18 -22.56
CA GLU B 192 -34.64 6.23 -21.70
C GLU B 192 -33.62 6.51 -20.62
N ASP B 193 -33.03 5.47 -20.07
CA ASP B 193 -31.95 5.66 -19.13
C ASP B 193 -30.74 5.91 -19.99
N GLN B 194 -29.64 6.34 -19.40
CA GLN B 194 -28.46 6.69 -20.17
C GLN B 194 -28.77 7.83 -21.12
N THR B 195 -29.62 8.76 -20.71
CA THR B 195 -29.90 9.93 -21.53
C THR B 195 -28.85 10.94 -21.09
N GLU B 196 -28.10 10.59 -20.07
CA GLU B 196 -27.11 11.49 -19.53
C GLU B 196 -26.10 11.83 -20.60
N TYR B 197 -25.84 10.90 -21.50
CA TYR B 197 -24.81 11.13 -22.48
C TYR B 197 -25.11 12.32 -23.40
N LEU B 198 -26.37 12.69 -23.54
CA LEU B 198 -26.71 13.79 -24.41
C LEU B 198 -26.08 15.14 -24.04
N GLU B 199 -26.01 15.50 -22.77
CA GLU B 199 -25.49 16.83 -22.41
C GLU B 199 -24.04 16.97 -22.77
N GLU B 200 -23.62 18.17 -23.19
CA GLU B 200 -22.25 18.26 -23.68
C GLU B 200 -21.24 18.05 -22.56
N ARG B 201 -21.65 18.29 -21.32
CA ARG B 201 -20.69 18.16 -20.23
C ARG B 201 -20.13 16.75 -20.15
N ARG B 202 -21.00 15.77 -20.02
CA ARG B 202 -20.53 14.39 -19.92
C ARG B 202 -19.69 14.02 -21.12
N ILE B 203 -20.14 14.39 -22.31
CA ILE B 203 -19.37 14.08 -23.51
C ILE B 203 -17.97 14.64 -23.38
N LYS B 204 -17.85 15.97 -23.33
CA LYS B 204 -16.55 16.61 -23.25
C LYS B 204 -15.67 15.94 -22.22
N GLU B 205 -16.23 15.66 -21.06
CA GLU B 205 -15.46 14.95 -20.05
C GLU B 205 -14.94 13.64 -20.58
N ILE B 206 -15.79 12.81 -21.17
CA ILE B 206 -15.38 11.47 -21.62
C ILE B 206 -14.29 11.49 -22.65
N VAL B 207 -14.43 12.35 -23.65
CA VAL B 207 -13.42 12.42 -24.67
C VAL B 207 -12.11 12.89 -24.06
N LYS B 208 -12.19 13.62 -22.95
CA LYS B 208 -10.97 14.10 -22.35
C LYS B 208 -10.33 12.95 -21.65
N LYS B 209 -11.16 12.07 -21.11
CA LYS B 209 -10.64 10.94 -20.37
C LYS B 209 -10.04 9.91 -21.28
N HIS B 210 -10.84 9.34 -22.17
CA HIS B 210 -10.27 8.39 -23.12
C HIS B 210 -10.16 9.08 -24.45
N SER B 211 -9.23 8.63 -25.27
CA SER B 211 -9.19 9.02 -26.66
C SER B 211 -8.98 10.51 -26.84
N GLN B 212 -8.15 11.11 -26.00
CA GLN B 212 -7.88 12.53 -26.18
C GLN B 212 -6.83 12.75 -27.25
N PHE B 213 -5.95 11.77 -27.45
CA PHE B 213 -4.80 11.95 -28.31
C PHE B 213 -4.91 11.13 -29.59
N ILE B 214 -6.10 11.01 -30.14
CA ILE B 214 -6.24 10.41 -31.46
C ILE B 214 -5.85 11.46 -32.48
N GLY B 215 -5.42 10.99 -33.64
CA GLY B 215 -4.68 11.87 -34.54
C GLY B 215 -5.51 12.97 -35.17
N TYR B 216 -6.81 12.95 -34.96
CA TYR B 216 -7.64 13.76 -35.83
C TYR B 216 -8.52 14.72 -35.04
N PRO B 217 -9.02 15.77 -35.69
CA PRO B 217 -9.76 16.80 -34.96
C PRO B 217 -11.18 16.35 -34.65
N ILE B 218 -11.49 16.24 -33.37
CA ILE B 218 -12.83 15.91 -32.91
C ILE B 218 -13.58 17.20 -32.64
N THR B 219 -14.64 17.44 -33.38
CA THR B 219 -15.34 18.72 -33.32
C THR B 219 -16.78 18.49 -32.92
N LEU B 220 -17.12 18.83 -31.68
CA LEU B 220 -18.47 18.64 -31.16
C LEU B 220 -19.38 19.71 -31.76
N PHE B 221 -20.64 19.35 -31.99
CA PHE B 221 -21.62 20.28 -32.51
C PHE B 221 -22.80 20.42 -31.57
N VAL B 222 -22.68 21.29 -30.57
CA VAL B 222 -23.78 21.46 -29.63
C VAL B 222 -24.69 22.57 -30.11
N GLU B 223 -25.98 22.46 -29.81
CA GLU B 223 -26.92 23.51 -30.22
C GLU B 223 -27.40 24.34 -29.04
N LYS B 224 -27.05 25.62 -29.03
CA LYS B 224 -27.53 26.50 -27.97
C LYS B 224 -28.30 27.66 -28.58
N GLU B 225 -29.48 27.97 -28.06
CA GLU B 225 -30.27 29.01 -28.68
C GLU B 225 -30.44 30.21 -27.78
N ARG B 226 -30.10 31.39 -28.29
CA ARG B 226 -30.29 32.62 -27.52
C ARG B 226 -31.52 33.31 -28.07
N ASP B 227 -31.49 33.66 -29.35
CA ASP B 227 -32.64 34.29 -30.00
C ASP B 227 -33.20 35.46 -29.17
N LYS B 228 -32.30 36.20 -28.54
CA LYS B 228 -32.69 37.41 -27.84
C LYS B 228 -32.59 38.61 -28.77
N ILE B 280 -28.04 39.36 -31.85
CA ILE B 280 -27.00 39.07 -30.87
C ILE B 280 -27.10 37.61 -30.42
N LYS B 281 -28.05 36.86 -30.96
CA LYS B 281 -28.15 35.44 -30.64
C LYS B 281 -26.78 34.76 -30.67
N GLU B 282 -26.51 33.89 -29.70
CA GLU B 282 -25.18 33.30 -29.60
C GLU B 282 -25.14 31.79 -29.67
N LYS B 283 -24.04 31.25 -30.18
CA LYS B 283 -23.83 29.79 -30.21
C LYS B 283 -24.92 28.92 -30.81
N TYR B 284 -25.54 29.36 -31.90
CA TYR B 284 -26.56 28.54 -32.55
C TYR B 284 -26.00 27.14 -32.65
N ILE B 285 -24.82 27.00 -33.24
CA ILE B 285 -24.16 25.71 -33.27
C ILE B 285 -22.73 26.14 -33.08
N ASP B 286 -21.94 25.39 -32.31
CA ASP B 286 -20.60 25.84 -32.02
C ASP B 286 -19.61 24.71 -31.95
N GLN B 287 -18.60 24.77 -32.82
CA GLN B 287 -17.66 23.66 -32.87
C GLN B 287 -16.60 23.86 -31.82
N GLU B 288 -16.63 23.04 -30.77
CA GLU B 288 -15.62 23.08 -29.73
C GLU B 288 -14.66 21.92 -29.96
N GLU B 289 -13.58 22.18 -30.68
CA GLU B 289 -12.64 21.12 -30.99
C GLU B 289 -12.03 20.63 -29.68
N LEU B 290 -12.47 19.45 -29.24
CA LEU B 290 -12.04 18.96 -27.94
C LEU B 290 -10.61 18.51 -27.94
N ASN B 291 -10.27 17.54 -28.79
CA ASN B 291 -8.90 17.07 -28.89
C ASN B 291 -8.06 18.21 -29.45
N LYS B 292 -7.20 18.78 -28.61
CA LYS B 292 -6.48 19.97 -29.01
C LYS B 292 -4.98 19.73 -29.05
N THR B 293 -4.43 19.23 -27.94
CA THR B 293 -2.99 19.09 -27.82
C THR B 293 -2.52 17.85 -28.57
N LYS B 294 -1.61 18.04 -29.48
CA LYS B 294 -1.06 16.89 -30.16
C LYS B 294 -0.30 16.03 -29.18
N PRO B 295 -0.22 14.74 -29.42
CA PRO B 295 0.68 13.90 -28.63
C PRO B 295 2.11 14.27 -28.96
N ILE B 296 2.86 14.65 -27.93
CA ILE B 296 4.25 15.02 -28.16
C ILE B 296 5.13 13.79 -28.23
N TRP B 297 4.99 12.88 -27.29
CA TRP B 297 5.98 11.83 -27.10
C TRP B 297 6.23 11.06 -28.38
N THR B 298 5.26 11.02 -29.28
CA THR B 298 5.50 10.35 -30.55
C THR B 298 6.55 11.07 -31.37
N ARG B 299 6.58 12.39 -31.32
CA ARG B 299 7.59 13.14 -32.04
C ARG B 299 8.97 12.74 -31.53
N ASN B 300 9.98 13.01 -32.36
CA ASN B 300 11.34 12.64 -31.99
C ASN B 300 11.97 13.69 -31.13
N PRO B 301 12.82 13.28 -30.15
CA PRO B 301 13.49 14.35 -29.43
C PRO B 301 14.42 15.11 -30.33
N ASP B 302 15.04 16.16 -29.80
CA ASP B 302 15.94 17.00 -30.59
C ASP B 302 15.12 17.73 -31.61
N ASP B 303 13.83 17.84 -31.35
CA ASP B 303 12.97 18.57 -32.24
C ASP B 303 11.97 19.22 -31.34
N ILE B 304 12.11 18.96 -30.04
CA ILE B 304 11.15 19.50 -29.10
C ILE B 304 11.83 20.46 -28.16
N THR B 305 11.63 21.75 -28.36
CA THR B 305 12.19 22.73 -27.45
C THR B 305 11.51 22.60 -26.11
N ASN B 306 12.11 23.20 -25.09
CA ASN B 306 11.55 23.10 -23.76
C ASN B 306 10.16 23.66 -23.74
N GLU B 307 9.91 24.73 -24.48
CA GLU B 307 8.63 25.36 -24.44
C GLU B 307 7.54 24.38 -24.85
N GLU B 308 7.78 23.61 -25.89
CA GLU B 308 6.77 22.70 -26.37
C GLU B 308 6.47 21.66 -25.33
N TYR B 309 7.51 21.16 -24.67
CA TYR B 309 7.32 20.12 -23.68
C TYR B 309 6.45 20.72 -22.64
N GLY B 310 6.70 21.97 -22.31
CA GLY B 310 5.96 22.61 -21.25
C GLY B 310 4.49 22.69 -21.52
N GLU B 311 4.12 22.96 -22.76
CA GLU B 311 2.73 23.12 -23.07
C GLU B 311 2.02 21.82 -22.79
N PHE B 312 2.68 20.72 -23.11
CA PHE B 312 2.08 19.43 -22.88
C PHE B 312 1.86 19.27 -21.39
N TYR B 313 2.81 19.70 -20.57
CA TYR B 313 2.66 19.49 -19.14
C TYR B 313 1.46 20.22 -18.64
N LYS B 314 1.30 21.45 -19.09
CA LYS B 314 0.21 22.23 -18.56
C LYS B 314 -1.08 21.56 -18.94
N SER B 315 -1.18 21.08 -20.16
CA SER B 315 -2.38 20.38 -20.56
C SER B 315 -2.59 19.08 -19.84
N LEU B 316 -1.54 18.30 -19.67
CA LEU B 316 -1.68 17.00 -19.04
C LEU B 316 -2.24 17.18 -17.65
N THR B 317 -1.70 18.12 -16.91
CA THR B 317 -2.18 18.38 -15.58
C THR B 317 -2.39 19.85 -15.46
N ASN B 318 -3.65 20.27 -15.47
CA ASN B 318 -3.94 21.70 -15.41
C ASN B 318 -3.06 22.35 -14.36
N ASP B 319 -2.13 23.19 -14.82
CA ASP B 319 -1.23 23.88 -13.92
C ASP B 319 -0.92 25.23 -14.52
N TRP B 320 -0.74 26.21 -13.65
CA TRP B 320 -0.52 27.56 -14.12
C TRP B 320 0.91 27.85 -14.49
N GLU B 321 1.81 26.95 -14.17
CA GLU B 321 3.21 27.18 -14.44
C GLU B 321 3.87 25.88 -14.89
N ASP B 322 4.90 26.03 -15.69
CA ASP B 322 5.44 24.91 -16.45
C ASP B 322 6.11 23.90 -15.55
N HIS B 323 6.64 22.87 -16.18
CA HIS B 323 7.32 21.80 -15.47
C HIS B 323 8.63 22.30 -14.87
N LEU B 324 9.32 21.41 -14.17
CA LEU B 324 10.64 21.75 -13.68
C LEU B 324 11.72 21.06 -14.50
N ALA B 325 11.59 19.76 -14.71
CA ALA B 325 12.49 19.03 -15.57
C ALA B 325 11.69 18.00 -16.33
N VAL B 326 12.24 17.50 -17.42
CA VAL B 326 11.51 16.61 -18.31
C VAL B 326 12.44 15.54 -18.81
N LYS B 327 12.06 14.29 -18.62
CA LYS B 327 12.75 13.17 -19.22
C LYS B 327 11.90 12.66 -20.36
N HIS B 328 12.54 12.11 -21.38
CA HIS B 328 11.83 11.63 -22.55
C HIS B 328 12.69 10.58 -23.21
N PHE B 329 12.16 9.37 -23.34
CA PHE B 329 12.96 8.28 -23.84
C PHE B 329 12.05 7.19 -24.39
N SER B 330 12.71 6.14 -24.87
CA SER B 330 11.97 5.06 -25.48
C SER B 330 12.78 3.80 -25.45
N VAL B 331 12.10 2.67 -25.44
CA VAL B 331 12.75 1.36 -25.45
C VAL B 331 12.16 0.56 -26.60
N GLU B 332 13.02 -0.11 -27.36
CA GLU B 332 12.55 -0.96 -28.43
C GLU B 332 12.84 -2.40 -28.10
N GLY B 333 11.93 -3.30 -28.43
CA GLY B 333 12.11 -4.69 -28.08
C GLY B 333 10.76 -5.36 -28.13
N GLN B 334 10.62 -6.54 -27.53
CA GLN B 334 9.31 -7.17 -27.47
C GLN B 334 8.42 -6.21 -26.75
N LEU B 335 8.96 -5.58 -25.72
CA LEU B 335 8.18 -4.57 -25.05
C LEU B 335 8.68 -3.33 -25.72
N GLU B 336 7.81 -2.64 -26.41
CA GLU B 336 8.22 -1.42 -27.06
C GLU B 336 7.38 -0.39 -26.40
N PHE B 337 8.02 0.66 -25.91
CA PHE B 337 7.29 1.72 -25.27
C PHE B 337 8.05 3.00 -25.14
N ARG B 338 7.42 4.10 -25.50
CA ARG B 338 8.04 5.39 -25.27
C ARG B 338 7.47 5.97 -23.99
N ALA B 339 7.98 7.12 -23.57
CA ALA B 339 7.55 7.67 -22.30
C ALA B 339 7.92 9.12 -22.17
N LEU B 340 7.10 9.86 -21.43
CA LEU B 340 7.41 11.20 -20.97
C LEU B 340 7.35 11.22 -19.46
N LEU B 341 8.25 11.93 -18.83
CA LEU B 341 8.29 12.04 -17.38
C LEU B 341 8.57 13.48 -17.01
N PHE B 342 7.73 14.06 -16.16
CA PHE B 342 7.91 15.46 -15.75
C PHE B 342 8.05 15.52 -14.26
N VAL B 343 8.79 16.49 -13.74
CA VAL B 343 8.89 16.68 -12.29
C VAL B 343 8.26 18.03 -12.10
N PRO B 344 7.27 18.15 -11.23
CA PRO B 344 6.59 19.45 -11.15
C PRO B 344 7.41 20.50 -10.44
N ARG B 345 7.16 21.80 -10.65
CA ARG B 345 8.03 22.74 -9.96
C ARG B 345 7.76 22.74 -8.48
N ARG B 346 6.49 22.62 -8.10
CA ARG B 346 6.12 22.64 -6.69
C ARG B 346 5.39 21.39 -6.32
N ALA B 347 5.49 20.98 -5.06
CA ALA B 347 4.80 19.80 -4.60
C ALA B 347 3.29 19.99 -4.56
N PRO B 348 2.51 18.90 -4.75
CA PRO B 348 1.07 19.14 -4.61
C PRO B 348 0.69 19.16 -3.15
N PHE B 349 -0.41 19.82 -2.83
CA PHE B 349 -0.88 19.92 -1.45
C PHE B 349 -1.23 18.57 -0.86
N ASP B 350 -1.83 17.70 -1.65
CA ASP B 350 -2.31 16.44 -1.10
C ASP B 350 -1.40 15.24 -1.30
N LEU B 351 -0.11 15.46 -1.50
CA LEU B 351 0.76 14.31 -1.60
C LEU B 351 0.82 13.65 -0.25
N PHE B 352 0.86 12.32 -0.23
CA PHE B 352 0.88 11.55 1.03
C PHE B 352 -0.33 11.79 1.89
N GLU B 353 -1.49 12.00 1.28
CA GLU B 353 -2.71 12.19 2.04
C GLU B 353 -3.64 11.02 1.83
N ASN B 354 -3.09 9.86 1.47
CA ASN B 354 -3.89 8.67 1.18
C ASN B 354 -5.04 8.97 0.24
N ARG B 355 -4.85 9.97 -0.62
CA ARG B 355 -5.85 10.30 -1.61
C ARG B 355 -6.01 9.14 -2.55
N LYS B 356 -7.16 9.05 -3.22
CA LYS B 356 -7.42 7.89 -4.05
C LYS B 356 -6.34 7.74 -5.12
N LYS B 357 -5.86 8.85 -5.66
CA LYS B 357 -4.81 8.79 -6.66
C LYS B 357 -3.49 8.43 -6.02
N LYS B 358 -2.82 7.43 -6.57
CA LYS B 358 -1.56 6.97 -6.01
C LYS B 358 -0.46 7.35 -6.97
N ASN B 359 -0.54 6.91 -8.23
CA ASN B 359 0.46 7.36 -9.20
C ASN B 359 -0.24 8.25 -10.20
N ASN B 360 0.52 9.17 -10.80
CA ASN B 360 -0.11 10.07 -11.75
C ASN B 360 0.13 9.67 -13.19
N ILE B 361 1.05 8.75 -13.44
CA ILE B 361 1.34 8.39 -14.81
C ILE B 361 0.16 7.61 -15.38
N LYS B 362 -0.17 7.88 -16.64
CA LYS B 362 -1.31 7.27 -17.30
C LYS B 362 -0.80 6.41 -18.44
N LEU B 363 -1.15 5.13 -18.43
CA LEU B 363 -0.69 4.22 -19.46
C LEU B 363 -1.52 4.44 -20.71
N TYR B 364 -0.89 4.35 -21.87
CA TYR B 364 -1.57 4.45 -23.14
C TYR B 364 -1.14 3.32 -24.04
N VAL B 365 -2.03 2.87 -24.91
CA VAL B 365 -1.68 1.91 -25.94
C VAL B 365 -2.18 2.44 -27.26
N ARG B 366 -1.29 2.50 -28.22
CA ARG B 366 -1.65 2.97 -29.52
C ARG B 366 -2.48 4.17 -29.29
N ARG B 367 -2.15 4.92 -28.25
CA ARG B 367 -2.82 6.18 -27.98
C ARG B 367 -4.21 6.21 -27.37
N VAL B 368 -4.73 5.11 -26.87
CA VAL B 368 -6.02 5.18 -26.17
C VAL B 368 -5.81 4.92 -24.71
N PHE B 369 -6.32 5.78 -23.85
CA PHE B 369 -6.03 5.62 -22.43
C PHE B 369 -6.50 4.27 -21.95
N ILE B 370 -5.57 3.44 -21.52
CA ILE B 370 -5.89 2.11 -21.04
C ILE B 370 -6.25 2.13 -19.57
N MET B 371 -5.28 2.47 -18.74
CA MET B 371 -5.42 2.29 -17.30
C MET B 371 -4.46 3.23 -16.60
N ASP B 372 -4.87 3.72 -15.45
CA ASP B 372 -3.99 4.59 -14.69
C ASP B 372 -4.01 4.16 -13.23
N ASN B 373 -3.10 4.76 -12.47
CA ASN B 373 -3.13 4.69 -11.01
C ASN B 373 -2.96 3.27 -10.50
N CYS B 374 -2.41 2.40 -11.33
CA CYS B 374 -2.10 1.09 -10.82
C CYS B 374 -0.84 1.32 -10.02
N GLU B 375 -0.78 0.77 -8.84
CA GLU B 375 0.38 0.97 -7.97
C GLU B 375 1.63 0.41 -8.60
N GLU B 376 1.52 -0.71 -9.27
CA GLU B 376 2.71 -1.34 -9.78
C GLU B 376 3.56 -0.49 -10.71
N LEU B 377 2.92 0.35 -11.50
CA LEU B 377 3.68 1.23 -12.38
C LEU B 377 4.94 1.84 -11.74
N ILE B 378 4.83 2.64 -10.67
CA ILE B 378 6.01 3.22 -10.06
C ILE B 378 5.90 3.10 -8.55
N PRO B 379 7.02 2.87 -7.83
CA PRO B 379 6.80 2.80 -6.39
C PRO B 379 6.28 4.07 -5.76
N GLU B 380 5.84 3.98 -4.52
CA GLU B 380 5.23 5.12 -3.86
C GLU B 380 6.13 6.33 -3.70
N TYR B 381 7.40 6.10 -3.43
CA TYR B 381 8.28 7.23 -3.19
C TYR B 381 8.38 8.11 -4.41
N LEU B 382 8.14 7.56 -5.59
CA LEU B 382 8.24 8.32 -6.81
C LEU B 382 6.87 8.76 -7.27
N ASN B 383 5.93 8.87 -6.35
CA ASN B 383 4.57 9.21 -6.75
C ASN B 383 4.46 10.53 -7.47
N PHE B 384 5.28 11.51 -7.11
CA PHE B 384 5.16 12.83 -7.71
C PHE B 384 5.34 12.87 -9.22
N ILE B 385 6.26 12.09 -9.75
CA ILE B 385 6.51 12.10 -11.18
C ILE B 385 5.24 11.94 -11.98
N ARG B 386 4.93 12.91 -12.83
CA ARG B 386 3.71 12.88 -13.60
C ARG B 386 4.13 12.53 -15.00
N GLY B 387 3.49 11.54 -15.62
CA GLY B 387 3.96 11.10 -16.92
C GLY B 387 3.02 10.36 -17.83
N VAL B 388 3.43 10.13 -19.07
CA VAL B 388 2.62 9.37 -19.99
C VAL B 388 3.41 8.26 -20.60
N VAL B 389 3.01 7.02 -20.36
CA VAL B 389 3.65 5.86 -20.95
C VAL B 389 2.77 5.38 -22.09
N ASP B 390 3.39 5.10 -23.22
CA ASP B 390 2.65 4.67 -24.40
C ASP B 390 3.42 3.54 -25.08
N SER B 391 2.72 2.46 -25.38
CA SER B 391 3.30 1.33 -26.09
C SER B 391 2.51 1.08 -27.35
N GLU B 392 2.98 0.12 -28.15
CA GLU B 392 2.31 -0.16 -29.40
C GLU B 392 1.61 -1.51 -29.38
N ASP B 393 1.93 -2.35 -28.40
CA ASP B 393 1.30 -3.66 -28.33
C ASP B 393 1.51 -4.26 -26.97
N LEU B 394 0.43 -4.66 -26.32
CA LEU B 394 0.48 -5.27 -25.00
C LEU B 394 -0.64 -6.28 -24.91
N PRO B 395 -0.43 -7.37 -24.21
CA PRO B 395 -1.53 -8.31 -24.01
C PRO B 395 -2.65 -7.66 -23.23
N LEU B 396 -3.77 -7.42 -23.90
CA LEU B 396 -4.82 -6.61 -23.33
C LEU B 396 -6.06 -7.43 -23.07
N ASN B 397 -6.67 -7.19 -21.91
CA ASN B 397 -7.94 -7.80 -21.58
C ASN B 397 -8.99 -7.38 -22.59
N ILE B 398 -9.98 -8.25 -22.80
CA ILE B 398 -10.98 -8.01 -23.84
C ILE B 398 -11.65 -6.67 -23.65
N SER B 399 -11.92 -6.29 -22.40
CA SER B 399 -12.55 -5.01 -22.18
C SER B 399 -11.63 -3.86 -22.53
N ARG B 400 -10.35 -4.13 -22.79
CA ARG B 400 -9.37 -3.09 -23.02
C ARG B 400 -9.35 -2.09 -21.89
N GLU B 401 -9.22 -2.62 -20.68
CA GLU B 401 -9.10 -1.80 -19.49
C GLU B 401 -8.09 -2.33 -18.49
N MET B 402 -7.32 -3.36 -18.82
CA MET B 402 -6.30 -3.88 -17.93
C MET B 402 -5.45 -4.86 -18.69
N LEU B 403 -4.17 -4.91 -18.33
CA LEU B 403 -3.27 -5.83 -19.00
C LEU B 403 -3.63 -7.25 -18.65
N GLN B 404 -3.32 -8.21 -19.50
CA GLN B 404 -3.76 -9.57 -19.22
C GLN B 404 -2.94 -10.08 -18.07
N GLN B 405 -1.61 -10.05 -18.23
CA GLN B 405 -0.68 -10.49 -17.20
C GLN B 405 0.02 -9.27 -16.61
N SER B 406 0.30 -9.26 -15.32
CA SER B 406 0.87 -8.05 -14.73
C SER B 406 2.36 -7.88 -14.68
N LYS B 407 3.10 -8.92 -14.98
CA LYS B 407 4.55 -8.84 -14.87
C LYS B 407 5.14 -7.86 -15.90
N ILE B 408 4.46 -7.69 -17.02
CA ILE B 408 4.86 -6.65 -17.96
C ILE B 408 4.94 -5.31 -17.25
N LEU B 409 3.94 -4.99 -16.42
CA LEU B 409 4.00 -3.77 -15.65
C LEU B 409 5.25 -3.73 -14.79
N LYS B 410 5.75 -4.88 -14.36
CA LYS B 410 6.91 -4.87 -13.49
C LYS B 410 8.16 -4.50 -14.27
N VAL B 411 8.31 -5.04 -15.47
CA VAL B 411 9.43 -4.62 -16.31
C VAL B 411 9.36 -3.14 -16.57
N ILE B 412 8.14 -2.65 -16.84
CA ILE B 412 7.96 -1.22 -17.04
C ILE B 412 8.44 -0.45 -15.83
N ARG B 413 8.07 -0.91 -14.64
CA ARG B 413 8.46 -0.23 -13.43
C ARG B 413 9.97 -0.15 -13.31
N LYS B 414 10.65 -1.25 -13.56
CA LYS B 414 12.10 -1.23 -13.45
C LYS B 414 12.70 -0.21 -14.38
N ASN B 415 12.31 -0.26 -15.66
CA ASN B 415 12.87 0.70 -16.60
C ASN B 415 12.58 2.12 -16.17
N LEU B 416 11.36 2.37 -15.69
CA LEU B 416 11.00 3.71 -15.26
C LEU B 416 11.93 4.18 -14.16
N VAL B 417 11.91 3.50 -13.01
CA VAL B 417 12.70 4.00 -11.88
C VAL B 417 14.14 4.20 -12.28
N LYS B 418 14.69 3.31 -13.11
CA LYS B 418 16.06 3.53 -13.54
C LYS B 418 16.19 4.86 -14.24
N LYS B 419 15.30 5.14 -15.19
CA LYS B 419 15.43 6.37 -15.96
C LYS B 419 15.19 7.58 -15.08
N CYS B 420 14.23 7.47 -14.18
CA CYS B 420 13.90 8.60 -13.33
C CYS B 420 15.06 8.94 -12.44
N LEU B 421 15.69 7.93 -11.86
CA LEU B 421 16.77 8.20 -10.94
C LEU B 421 17.87 8.87 -11.71
N GLU B 422 18.01 8.52 -12.97
CA GLU B 422 18.99 9.17 -13.81
C GLU B 422 18.62 10.62 -14.00
N LEU B 423 17.35 10.90 -14.21
CA LEU B 423 16.95 12.26 -14.46
C LEU B 423 17.36 13.04 -13.26
N PHE B 424 17.24 12.42 -12.10
CA PHE B 424 17.56 13.16 -10.88
C PHE B 424 19.04 13.45 -10.79
N THR B 425 19.86 12.41 -10.75
CA THR B 425 21.28 12.63 -10.56
C THR B 425 21.82 13.53 -11.65
N GLU B 426 21.18 13.56 -12.80
CA GLU B 426 21.54 14.58 -13.78
C GLU B 426 21.20 15.97 -13.26
N LEU B 427 20.08 16.16 -12.61
CA LEU B 427 19.68 17.49 -12.16
C LEU B 427 20.63 18.03 -11.14
N ALA B 428 21.47 17.19 -10.56
CA ALA B 428 22.34 17.64 -9.49
C ALA B 428 23.29 18.73 -9.95
N GLU B 429 23.38 18.96 -11.26
CA GLU B 429 24.35 19.93 -11.74
C GLU B 429 23.89 21.35 -11.47
N ASP B 430 22.67 21.68 -11.86
CA ASP B 430 22.16 23.04 -11.64
C ASP B 430 21.93 23.20 -10.15
N LYS B 431 22.96 23.68 -9.46
CA LYS B 431 22.88 23.84 -8.01
C LYS B 431 21.61 24.58 -7.64
N GLU B 432 21.26 25.61 -8.39
CA GLU B 432 20.06 26.36 -8.08
C GLU B 432 18.81 25.52 -8.26
N ASN B 433 18.66 24.92 -9.44
CA ASN B 433 17.48 24.10 -9.67
C ASN B 433 17.44 22.94 -8.70
N TYR B 434 18.58 22.34 -8.41
CA TYR B 434 18.56 21.24 -7.47
C TYR B 434 18.12 21.71 -6.10
N LYS B 435 18.55 22.91 -5.70
CA LYS B 435 18.08 23.44 -4.44
C LYS B 435 16.57 23.52 -4.42
N LYS B 436 15.99 24.12 -5.46
CA LYS B 436 14.54 24.19 -5.50
C LYS B 436 13.90 22.82 -5.40
N PHE B 437 14.31 21.92 -6.28
CA PHE B 437 13.68 20.61 -6.33
C PHE B 437 13.83 19.88 -5.01
N TYR B 438 15.00 19.97 -4.39
CA TYR B 438 15.24 19.20 -3.19
C TYR B 438 14.45 19.75 -2.03
N GLU B 439 14.50 21.06 -1.82
CA GLU B 439 13.72 21.63 -0.74
C GLU B 439 12.24 21.37 -0.96
N GLN B 440 11.85 21.03 -2.19
CA GLN B 440 10.45 20.70 -2.41
C GLN B 440 10.14 19.25 -2.10
N PHE B 441 10.83 18.31 -2.72
CA PHE B 441 10.47 16.90 -2.65
C PHE B 441 11.47 16.08 -1.88
N SER B 442 12.16 16.68 -0.91
CA SER B 442 13.18 15.92 -0.19
C SER B 442 12.59 14.71 0.50
N LYS B 443 11.41 14.87 1.12
CA LYS B 443 10.80 13.77 1.84
C LYS B 443 10.74 12.52 0.99
N ASN B 444 10.39 12.65 -0.28
CA ASN B 444 10.25 11.47 -1.12
C ASN B 444 11.55 10.73 -1.23
N ILE B 445 12.67 11.44 -1.32
CA ILE B 445 13.94 10.76 -1.48
C ILE B 445 14.27 9.95 -0.24
N LYS B 446 14.09 10.55 0.93
CA LYS B 446 14.36 9.81 2.16
C LYS B 446 13.43 8.62 2.26
N LEU B 447 12.17 8.80 1.88
CA LEU B 447 11.24 7.70 1.90
C LEU B 447 11.75 6.56 1.03
N GLY B 448 12.20 6.88 -0.17
CA GLY B 448 12.78 5.87 -1.01
C GLY B 448 13.93 5.15 -0.35
N ILE B 449 14.85 5.92 0.24
CA ILE B 449 15.94 5.32 1.00
C ILE B 449 15.37 4.31 1.99
N HIS B 450 14.25 4.65 2.60
CA HIS B 450 13.65 3.75 3.57
C HIS B 450 13.11 2.51 2.91
N GLU B 451 12.65 2.61 1.66
CA GLU B 451 11.96 1.50 1.04
C GLU B 451 12.74 0.81 -0.06
N ASP B 452 13.14 1.53 -1.10
CA ASP B 452 13.80 0.91 -2.23
C ASP B 452 15.12 0.29 -1.78
N SER B 453 15.25 -1.01 -1.96
CA SER B 453 16.43 -1.71 -1.49
C SER B 453 17.61 -1.52 -2.40
N GLN B 454 17.40 -1.66 -3.70
CA GLN B 454 18.50 -1.56 -4.65
C GLN B 454 18.98 -0.14 -4.84
N ASN B 455 18.09 0.75 -5.24
CA ASN B 455 18.46 2.12 -5.54
C ASN B 455 18.88 2.89 -4.31
N ARG B 456 18.80 2.26 -3.14
CA ARG B 456 19.25 2.90 -1.91
C ARG B 456 20.59 3.58 -2.10
N LYS B 457 21.58 2.84 -2.59
CA LYS B 457 22.90 3.44 -2.76
C LYS B 457 22.83 4.61 -3.72
N LYS B 458 22.31 4.38 -4.92
CA LYS B 458 22.25 5.46 -5.91
C LYS B 458 21.33 6.57 -5.43
N LEU B 459 20.42 6.26 -4.51
CA LEU B 459 19.59 7.32 -3.96
C LEU B 459 20.38 8.22 -3.03
N SER B 460 21.31 7.65 -2.28
CA SER B 460 21.96 8.38 -1.21
C SER B 460 22.54 9.70 -1.69
N GLU B 461 23.29 9.68 -2.79
CA GLU B 461 24.01 10.86 -3.22
C GLU B 461 23.08 12.06 -3.41
N LEU B 462 21.80 11.80 -3.67
CA LEU B 462 20.89 12.90 -3.88
C LEU B 462 20.57 13.64 -2.60
N LEU B 463 21.11 13.19 -1.47
CA LEU B 463 20.80 13.82 -0.20
C LEU B 463 21.57 15.11 -0.06
N ARG B 464 21.08 15.98 0.81
CA ARG B 464 21.78 17.21 1.15
C ARG B 464 21.42 17.60 2.56
N TYR B 465 22.40 18.07 3.31
CA TYR B 465 22.26 18.29 4.74
C TYR B 465 22.94 19.56 5.18
N TYR B 466 22.47 20.11 6.28
CA TYR B 466 23.26 21.07 7.02
C TYR B 466 24.35 20.33 7.75
N THR B 467 25.48 20.99 7.97
CA THR B 467 26.51 20.45 8.84
C THR B 467 27.10 21.56 9.65
N SER B 468 27.85 21.16 10.67
CA SER B 468 28.58 22.12 11.49
C SER B 468 29.35 23.12 10.64
N ALA B 469 30.05 22.61 9.63
CA ALA B 469 30.87 23.49 8.82
C ALA B 469 30.05 24.31 7.87
N SER B 470 29.24 23.64 7.06
CA SER B 470 28.48 24.36 6.07
C SER B 470 27.53 25.28 6.78
N GLY B 471 27.46 26.51 6.34
CA GLY B 471 26.62 27.44 7.04
C GLY B 471 25.51 27.89 6.14
N ASP B 472 24.27 27.64 6.54
CA ASP B 472 23.12 28.10 5.78
C ASP B 472 23.22 27.68 4.33
N GLU B 473 23.66 26.45 4.10
CA GLU B 473 23.82 25.96 2.76
C GLU B 473 23.97 24.48 2.96
N MET B 474 22.98 23.71 2.53
CA MET B 474 23.16 22.28 2.65
C MET B 474 24.31 21.81 1.76
N VAL B 475 24.82 20.63 2.07
CA VAL B 475 25.84 19.99 1.26
C VAL B 475 25.52 18.52 1.15
N SER B 476 26.06 17.88 0.12
CA SER B 476 25.87 16.45 -0.03
C SER B 476 26.66 15.70 1.01
N LEU B 477 26.56 14.38 0.97
CA LEU B 477 27.32 13.56 1.88
C LEU B 477 28.76 13.47 1.40
N LYS B 478 28.97 13.50 0.10
CA LYS B 478 30.31 13.42 -0.44
C LYS B 478 31.20 14.60 -0.06
N ASP B 479 30.65 15.81 -0.05
CA ASP B 479 31.46 16.98 0.26
C ASP B 479 32.00 16.79 1.66
N TYR B 480 31.23 16.17 2.51
CA TYR B 480 31.69 15.82 3.85
C TYR B 480 32.72 14.72 3.79
N CYS B 481 32.55 13.78 2.87
CA CYS B 481 33.58 12.75 2.72
C CYS B 481 34.91 13.36 2.30
N THR B 482 34.86 14.41 1.49
CA THR B 482 36.11 15.07 1.11
C THR B 482 36.75 15.76 2.29
N ARG B 483 35.96 16.45 3.10
CA ARG B 483 36.51 17.24 4.19
C ARG B 483 36.86 16.41 5.42
N MET B 484 36.90 15.08 5.28
CA MET B 484 37.29 14.24 6.40
C MET B 484 38.73 14.50 6.76
N LYS B 485 38.96 14.33 8.07
CA LYS B 485 40.27 14.59 8.64
C LYS B 485 41.21 13.44 8.69
N GLU B 486 41.30 12.63 7.65
CA GLU B 486 42.36 11.65 7.48
C GLU B 486 42.31 10.56 8.55
N ASN B 487 41.45 10.70 9.53
CA ASN B 487 41.31 9.74 10.60
C ASN B 487 39.86 9.54 11.00
N GLN B 488 38.93 10.19 10.30
CA GLN B 488 37.55 10.22 10.77
C GLN B 488 36.97 8.82 10.84
N LYS B 489 37.13 8.07 9.76
CA LYS B 489 36.67 6.68 9.72
C LYS B 489 35.17 6.56 9.91
N HIS B 490 34.48 7.67 10.12
CA HIS B 490 33.05 7.68 10.34
C HIS B 490 32.50 9.04 9.95
N ILE B 491 31.18 9.09 9.81
CA ILE B 491 30.49 10.35 9.64
C ILE B 491 29.69 10.63 10.89
N TYR B 492 29.80 11.84 11.41
CA TYR B 492 29.15 12.18 12.67
C TYR B 492 27.88 12.96 12.37
N TYR B 493 26.77 12.46 12.89
CA TYR B 493 25.49 13.09 12.67
C TYR B 493 24.71 13.08 13.96
N ILE B 494 23.90 14.09 14.14
CA ILE B 494 23.07 14.23 15.33
C ILE B 494 21.66 14.52 14.88
N THR B 495 20.71 13.75 15.40
CA THR B 495 19.31 13.92 15.07
C THR B 495 18.63 14.71 16.16
N GLY B 496 17.73 15.60 15.76
CA GLY B 496 17.12 16.49 16.73
C GLY B 496 15.78 16.97 16.22
N GLU B 497 15.43 18.17 16.66
CA GLU B 497 14.17 18.76 16.26
C GLU B 497 14.47 19.98 15.44
N THR B 498 15.35 20.86 15.91
CA THR B 498 15.60 22.09 15.18
C THR B 498 17.10 22.38 15.14
N LYS B 499 17.53 23.02 14.05
CA LYS B 499 18.96 23.26 13.86
C LYS B 499 19.63 23.92 15.03
N ASP B 500 19.15 25.10 15.41
CA ASP B 500 19.86 25.79 16.48
C ASP B 500 20.02 24.89 17.69
N GLN B 501 18.97 24.16 18.04
CA GLN B 501 19.01 23.36 19.25
C GLN B 501 20.13 22.34 19.20
N VAL B 502 20.17 21.53 18.15
CA VAL B 502 21.25 20.57 18.01
C VAL B 502 22.58 21.30 17.89
N ALA B 503 22.56 22.49 17.31
CA ALA B 503 23.82 23.21 17.11
C ALA B 503 24.47 23.54 18.43
N ASN B 504 23.69 23.99 19.40
CA ASN B 504 24.23 24.32 20.70
C ASN B 504 24.21 23.14 21.65
N SER B 505 23.93 21.93 21.16
CA SER B 505 23.76 20.81 22.05
C SER B 505 25.00 20.54 22.86
N ALA B 506 24.84 19.68 23.86
CA ALA B 506 25.97 19.35 24.71
C ALA B 506 26.94 18.41 24.00
N PHE B 507 26.40 17.46 23.24
CA PHE B 507 27.25 16.40 22.71
C PHE B 507 28.31 16.94 21.76
N VAL B 508 27.93 17.88 20.90
CA VAL B 508 28.80 18.25 19.79
C VAL B 508 29.99 19.06 20.26
N GLU B 509 29.95 19.60 21.47
CA GLU B 509 30.94 20.56 21.91
C GLU B 509 32.35 20.04 21.77
N ARG B 510 32.58 18.80 22.21
CA ARG B 510 33.91 18.21 22.12
C ARG B 510 34.39 18.18 20.67
N LEU B 511 33.53 17.74 19.77
CA LEU B 511 33.93 17.65 18.37
C LEU B 511 34.29 19.01 17.82
N ARG B 512 33.37 19.97 17.95
CA ARG B 512 33.65 21.30 17.44
C ARG B 512 34.95 21.84 18.00
N LYS B 513 35.28 21.51 19.25
CA LYS B 513 36.59 21.88 19.75
C LYS B 513 37.69 21.17 18.96
N HIS B 514 37.51 19.87 18.75
CA HIS B 514 38.55 19.10 18.09
C HIS B 514 38.53 19.27 16.59
N GLY B 515 37.53 19.95 16.08
CA GLY B 515 37.44 20.20 14.65
C GLY B 515 36.82 19.14 13.77
N LEU B 516 36.39 18.02 14.34
CA LEU B 516 35.72 17.04 13.52
C LEU B 516 34.37 17.59 13.12
N GLU B 517 33.97 17.38 11.88
CA GLU B 517 32.70 17.89 11.38
C GLU B 517 31.51 17.03 11.77
N VAL B 518 30.33 17.64 11.90
CA VAL B 518 29.13 16.91 12.25
C VAL B 518 27.99 17.25 11.31
N ILE B 519 26.90 16.52 11.29
CA ILE B 519 25.76 16.67 10.40
C ILE B 519 24.50 16.83 11.24
N TYR B 520 23.68 17.82 10.88
CA TYR B 520 22.44 18.08 11.60
C TYR B 520 21.28 17.46 10.84
N MET B 521 20.83 16.30 11.27
CA MET B 521 19.61 15.70 10.75
C MET B 521 18.46 16.18 11.62
N ILE B 522 17.68 17.12 11.11
CA ILE B 522 16.67 17.77 11.93
C ILE B 522 15.26 17.44 11.46
N GLU B 523 15.06 16.30 10.84
CA GLU B 523 13.73 16.04 10.36
C GLU B 523 13.15 14.76 10.93
N PRO B 524 11.86 14.74 11.22
CA PRO B 524 11.25 13.52 11.74
C PRO B 524 11.46 12.35 10.83
N ILE B 525 11.32 12.57 9.52
CA ILE B 525 11.49 11.49 8.58
C ILE B 525 12.89 10.89 8.65
N ASP B 526 13.86 11.65 9.15
CA ASP B 526 15.24 11.21 9.07
C ASP B 526 15.42 9.82 9.66
N GLU B 527 15.10 9.65 10.93
CA GLU B 527 15.40 8.40 11.62
C GLU B 527 15.03 7.20 10.79
N TYR B 528 13.86 7.24 10.17
CA TYR B 528 13.47 6.17 9.26
C TYR B 528 14.53 5.94 8.21
N CYS B 529 15.17 6.99 7.72
CA CYS B 529 16.19 6.80 6.71
C CYS B 529 17.49 6.34 7.35
N VAL B 530 18.01 7.12 8.31
CA VAL B 530 19.36 6.87 8.81
C VAL B 530 19.47 5.47 9.39
N GLN B 531 18.38 4.96 9.96
CA GLN B 531 18.46 3.64 10.57
C GLN B 531 18.81 2.57 9.54
N GLN B 532 18.54 2.84 8.26
CA GLN B 532 18.90 1.86 7.24
C GLN B 532 20.11 2.32 6.46
N LEU B 533 20.39 3.62 6.47
CA LEU B 533 21.58 4.14 5.80
C LEU B 533 22.80 3.89 6.68
N LYS B 534 23.17 2.62 6.77
CA LYS B 534 24.23 2.25 7.69
C LYS B 534 25.58 2.75 7.22
N GLU B 535 25.86 2.64 5.93
CA GLU B 535 27.19 2.96 5.41
C GLU B 535 27.08 3.97 4.30
N PHE B 536 28.23 4.49 3.88
CA PHE B 536 28.32 5.34 2.71
C PHE B 536 29.77 5.43 2.27
N GLU B 537 30.03 5.01 1.04
CA GLU B 537 31.36 5.09 0.45
C GLU B 537 32.40 4.46 1.37
N GLY B 538 32.03 3.36 2.02
CA GLY B 538 32.94 2.69 2.91
C GLY B 538 33.23 3.41 4.20
N LYS B 539 32.69 4.59 4.40
CA LYS B 539 32.81 5.31 5.66
C LYS B 539 31.47 5.26 6.37
N THR B 540 31.46 4.76 7.60
CA THR B 540 30.18 4.53 8.26
C THR B 540 29.66 5.79 8.94
N LEU B 541 28.47 5.67 9.48
CA LEU B 541 27.83 6.75 10.21
C LEU B 541 27.72 6.36 11.67
N VAL B 542 27.90 7.32 12.57
CA VAL B 542 27.69 7.11 13.99
C VAL B 542 26.97 8.33 14.54
N SER B 543 25.92 8.09 15.32
CA SER B 543 25.28 9.19 16.00
C SER B 543 26.08 9.55 17.23
N VAL B 544 26.10 10.84 17.55
CA VAL B 544 26.88 11.28 18.69
C VAL B 544 26.22 10.91 20.00
N THR B 545 24.94 10.61 19.99
CA THR B 545 24.25 10.36 21.26
C THR B 545 24.18 8.93 21.68
N LYS B 546 25.29 8.21 21.56
CA LYS B 546 25.29 6.82 21.91
C LYS B 546 26.31 6.57 22.98
N GLU B 547 26.39 5.35 23.46
CA GLU B 547 27.28 5.06 24.57
C GLU B 547 28.77 5.27 24.41
N GLY B 548 29.36 4.87 23.29
CA GLY B 548 30.81 4.93 23.18
C GLY B 548 31.43 6.19 22.62
N LEU B 549 31.08 6.55 21.41
CA LEU B 549 31.59 7.76 20.77
C LEU B 549 33.10 7.87 20.73
N GLU B 550 33.80 6.87 20.23
CA GLU B 550 35.25 6.97 20.25
C GLU B 550 35.84 7.77 19.12
N LEU B 551 36.39 8.94 19.41
CA LEU B 551 36.97 9.79 18.40
C LEU B 551 38.49 9.73 18.47
N PRO B 552 39.19 10.03 17.38
CA PRO B 552 40.65 9.92 17.38
C PRO B 552 41.28 10.85 18.40
N GLU B 553 42.21 10.31 19.17
CA GLU B 553 42.83 11.04 20.26
C GLU B 553 44.30 10.68 20.37
N ASP B 554 44.99 11.37 21.26
CA ASP B 554 46.37 11.06 21.60
C ASP B 554 46.42 10.18 22.84
N GLU B 555 47.51 9.42 22.96
CA GLU B 555 47.65 8.49 24.07
C GLU B 555 47.68 9.22 25.41
N GLU B 556 48.32 10.39 25.44
CA GLU B 556 48.36 11.17 26.67
C GLU B 556 46.96 11.58 27.09
N GLU B 557 46.12 11.97 26.14
CA GLU B 557 44.72 12.22 26.46
C GLU B 557 44.07 10.97 27.03
N LYS B 558 44.43 9.80 26.51
CA LYS B 558 43.83 8.56 26.99
C LYS B 558 44.21 8.30 28.44
N LYS B 559 45.50 8.39 28.75
CA LYS B 559 45.92 8.13 30.12
C LYS B 559 45.39 9.20 31.06
N LYS B 560 45.25 10.43 30.57
CA LYS B 560 44.62 11.46 31.38
C LYS B 560 43.17 11.11 31.69
N GLN B 561 42.43 10.66 30.69
CA GLN B 561 41.06 10.23 30.92
C GLN B 561 41.01 9.06 31.90
N GLU B 562 42.00 8.18 31.83
CA GLU B 562 42.04 7.10 32.78
C GLU B 562 42.19 7.69 34.16
N GLU B 563 43.06 8.69 34.28
CA GLU B 563 43.28 9.31 35.57
C GLU B 563 41.99 9.93 36.05
N LYS B 564 41.25 10.54 35.15
CA LYS B 564 39.98 11.08 35.54
C LYS B 564 39.13 9.97 36.13
N LYS B 565 39.10 8.82 35.47
CA LYS B 565 38.26 7.73 35.96
C LYS B 565 38.70 7.29 37.34
N THR B 566 40.00 7.20 37.57
CA THR B 566 40.51 6.85 38.89
C THR B 566 40.04 7.85 39.93
N LYS B 567 40.03 9.13 39.57
CA LYS B 567 39.63 10.14 40.54
C LYS B 567 38.14 10.06 40.82
N PHE B 568 37.33 9.80 39.81
CA PHE B 568 35.88 9.97 39.95
C PHE B 568 35.12 8.66 40.10
N GLU B 569 35.81 7.53 40.17
CA GLU B 569 35.12 6.24 40.16
C GLU B 569 34.12 6.12 41.30
N ASN B 570 34.47 6.67 42.46
CA ASN B 570 33.58 6.61 43.61
C ASN B 570 32.36 7.46 43.38
N LEU B 571 32.56 8.65 42.87
CA LEU B 571 31.45 9.57 42.69
C LEU B 571 30.36 8.95 41.82
N CYS B 572 30.76 8.35 40.70
CA CYS B 572 29.79 7.64 39.88
C CYS B 572 29.07 6.59 40.70
N LYS B 573 29.81 5.87 41.55
CA LYS B 573 29.19 4.81 42.32
C LYS B 573 28.05 5.36 43.17
N ILE B 574 28.34 6.34 44.02
CA ILE B 574 27.30 6.74 44.96
C ILE B 574 26.18 7.51 44.26
N MET B 575 26.50 8.20 43.17
CA MET B 575 25.40 8.79 42.39
C MET B 575 24.49 7.71 41.84
N LYS B 576 25.06 6.62 41.36
CA LYS B 576 24.23 5.52 40.90
C LYS B 576 23.37 5.10 42.07
N ASP B 577 23.96 5.04 43.25
CA ASP B 577 23.19 4.58 44.41
C ASP B 577 21.99 5.47 44.65
N ILE B 578 22.21 6.77 44.85
CA ILE B 578 21.11 7.65 45.21
C ILE B 578 20.11 7.72 44.07
N LEU B 579 20.55 8.14 42.90
CA LEU B 579 19.68 8.26 41.73
C LEU B 579 19.37 6.91 41.13
N GLU B 580 18.74 6.02 41.89
CA GLU B 580 18.50 4.68 41.39
C GLU B 580 17.27 4.55 40.54
N LYS B 581 17.09 3.39 39.90
CA LYS B 581 15.88 3.12 39.12
C LYS B 581 15.63 4.01 37.92
N LYS B 582 16.62 4.75 37.49
CA LYS B 582 16.47 5.56 36.29
C LYS B 582 17.56 5.27 35.27
N VAL B 583 18.81 5.21 35.71
CA VAL B 583 19.93 5.09 34.81
C VAL B 583 20.58 3.73 35.03
N GLU B 584 21.10 3.11 34.00
CA GLU B 584 21.76 1.87 34.23
C GLU B 584 23.04 2.15 34.94
N LYS B 585 23.82 3.07 34.41
CA LYS B 585 25.10 3.34 35.00
C LYS B 585 25.56 4.72 34.70
N VAL B 586 26.65 5.14 35.32
CA VAL B 586 27.19 6.47 35.15
C VAL B 586 28.69 6.37 35.03
N VAL B 587 29.29 7.17 34.16
CA VAL B 587 30.69 7.04 33.80
C VAL B 587 31.22 8.40 33.40
N VAL B 588 32.50 8.62 33.72
CA VAL B 588 33.17 9.83 33.27
C VAL B 588 33.02 9.96 31.77
N SER B 589 32.66 11.16 31.33
CA SER B 589 32.36 11.41 29.92
C SER B 589 33.64 11.51 29.11
N ASN B 590 33.46 11.68 27.81
CA ASN B 590 34.54 12.03 26.91
C ASN B 590 34.15 13.08 25.90
N ARG B 591 32.86 13.35 25.72
CA ARG B 591 32.41 14.27 24.71
C ARG B 591 31.94 15.60 25.26
N LEU B 592 32.16 15.87 26.54
CA LEU B 592 31.70 17.09 27.17
C LEU B 592 32.88 17.95 27.54
N VAL B 593 32.69 19.27 27.43
CA VAL B 593 33.76 20.19 27.71
C VAL B 593 33.30 21.43 28.46
N THR B 594 31.99 21.70 28.47
CA THR B 594 31.47 22.88 29.12
C THR B 594 30.15 22.66 29.83
N SER B 595 29.63 21.45 29.80
CA SER B 595 28.42 21.20 30.56
C SER B 595 28.66 20.05 31.53
N PRO B 596 28.02 20.09 32.70
CA PRO B 596 28.37 19.11 33.73
C PRO B 596 28.09 17.67 33.32
N CYS B 597 26.96 17.41 32.70
CA CYS B 597 26.57 16.03 32.48
C CYS B 597 25.53 15.95 31.38
N CYS B 598 25.41 14.76 30.80
CA CYS B 598 24.44 14.52 29.73
C CYS B 598 24.11 13.05 29.71
N ILE B 599 23.05 12.71 28.99
CA ILE B 599 22.53 11.35 28.96
C ILE B 599 22.62 10.83 27.53
N VAL B 600 23.25 9.67 27.36
CA VAL B 600 23.30 8.99 26.08
C VAL B 600 22.58 7.66 26.24
N THR B 601 21.95 7.20 25.18
CA THR B 601 21.22 5.95 25.28
C THR B 601 22.16 4.76 25.05
N SER B 602 21.66 3.58 25.37
CA SER B 602 22.46 2.38 25.14
C SER B 602 22.66 2.18 23.65
N THR B 603 23.76 1.51 23.31
CA THR B 603 24.15 1.38 21.91
C THR B 603 23.04 0.72 21.09
N TYR B 604 22.46 -0.35 21.61
CA TYR B 604 21.50 -1.09 20.81
C TYR B 604 20.09 -0.53 20.94
N GLY B 605 19.77 0.01 22.12
CA GLY B 605 18.43 0.52 22.35
C GLY B 605 18.04 1.76 21.60
N TRP B 606 16.77 2.13 21.68
CA TRP B 606 16.27 3.28 20.95
C TRP B 606 16.88 4.59 21.41
N THR B 607 17.24 5.45 20.46
CA THR B 607 17.76 6.75 20.83
C THR B 607 16.60 7.56 21.33
N ALA B 608 16.89 8.59 22.10
CA ALA B 608 15.82 9.33 22.72
C ALA B 608 14.91 9.93 21.73
N ASN B 609 15.48 10.59 20.74
CA ASN B 609 14.69 11.24 19.72
C ASN B 609 13.85 10.24 19.02
N MET B 610 14.43 9.10 18.73
CA MET B 610 13.73 8.09 17.98
C MET B 610 12.50 7.70 18.74
N GLU B 611 12.64 7.54 20.04
CA GLU B 611 11.52 7.13 20.84
C GLU B 611 10.47 8.22 20.77
N ARG B 612 10.89 9.47 20.84
CA ARG B 612 9.93 10.54 20.88
C ARG B 612 9.08 10.46 19.64
N ILE B 613 9.71 10.18 18.51
CA ILE B 613 8.97 10.13 17.26
C ILE B 613 7.94 9.03 17.34
N MET B 614 8.34 7.84 17.77
CA MET B 614 7.41 6.72 17.77
C MET B 614 6.22 6.91 18.71
N LYS B 615 6.45 7.43 19.90
CA LYS B 615 5.37 7.60 20.86
C LYS B 615 4.34 8.53 20.30
N ALA B 616 4.76 9.40 19.40
CA ALA B 616 3.85 10.36 18.79
C ALA B 616 2.99 9.84 17.66
N GLN B 617 3.48 8.89 16.89
CA GLN B 617 2.74 8.45 15.72
C GLN B 617 1.36 8.05 16.14
N ALA B 618 0.35 8.51 15.42
CA ALA B 618 -1.02 8.27 15.85
C ALA B 618 -1.51 6.85 15.89
N LEU B 619 -1.19 6.07 14.87
CA LEU B 619 -1.73 4.73 14.82
C LEU B 619 -0.74 3.73 15.36
N ARG B 620 0.04 4.15 16.32
CA ARG B 620 1.01 3.27 16.91
C ARG B 620 0.35 2.17 17.64
N ASP B 621 1.01 1.03 17.76
CA ASP B 621 0.47 -0.04 18.59
C ASP B 621 0.67 0.35 20.03
N ASN B 622 -0.43 0.64 20.73
CA ASN B 622 -0.32 1.15 22.10
C ASN B 622 0.37 0.20 23.06
N SER B 623 0.07 -1.08 22.96
CA SER B 623 0.63 -2.01 23.93
C SER B 623 2.13 -2.04 23.85
N THR B 624 2.67 -2.07 22.62
CA THR B 624 4.11 -2.13 22.45
C THR B 624 4.77 -0.90 23.02
N MET B 625 4.15 0.25 22.83
CA MET B 625 4.73 1.49 23.32
C MET B 625 4.78 1.47 24.84
N GLY B 626 3.73 0.94 25.45
CA GLY B 626 3.72 0.83 26.90
C GLY B 626 4.80 -0.11 27.39
N TYR B 627 4.98 -1.23 26.70
CA TYR B 627 6.00 -2.19 27.08
C TYR B 627 7.36 -1.55 26.93
N MET B 628 7.48 -0.64 25.98
CA MET B 628 8.78 -0.07 25.70
C MET B 628 9.43 0.75 26.79
N ALA B 629 10.72 0.55 27.00
CA ALA B 629 11.45 1.34 27.98
C ALA B 629 12.80 1.58 27.29
N ALA B 630 13.47 2.67 27.61
CA ALA B 630 14.77 2.94 27.03
C ALA B 630 15.82 3.04 28.12
N LYS B 631 16.93 2.34 27.95
CA LYS B 631 18.00 2.39 28.94
C LYS B 631 18.69 3.74 28.90
N LYS B 632 19.06 4.25 30.07
CA LYS B 632 19.70 5.55 30.12
C LYS B 632 21.07 5.48 30.74
N HIS B 633 22.06 6.14 30.18
CA HIS B 633 23.35 6.15 30.81
C HIS B 633 23.72 7.59 30.95
N LEU B 634 24.17 8.00 32.10
CA LEU B 634 24.52 9.37 32.41
C LEU B 634 26.02 9.53 32.44
N GLU B 635 26.53 10.51 31.72
CA GLU B 635 27.94 10.82 31.71
C GLU B 635 28.16 12.12 32.47
N ILE B 636 29.34 12.28 33.04
CA ILE B 636 29.66 13.48 33.79
C ILE B 636 30.95 14.06 33.25
N ASN B 637 31.01 15.38 33.20
CA ASN B 637 32.17 16.04 32.63
C ASN B 637 33.18 16.32 33.73
N PRO B 638 34.33 15.67 33.72
CA PRO B 638 35.17 15.65 34.92
C PRO B 638 35.80 16.98 35.28
N ASP B 639 35.99 17.89 34.33
CA ASP B 639 36.70 19.11 34.67
C ASP B 639 35.75 20.22 35.12
N HIS B 640 34.44 19.97 35.03
CA HIS B 640 33.48 20.99 35.45
C HIS B 640 33.64 21.32 36.91
N SER B 641 33.48 22.60 37.24
CA SER B 641 33.60 23.01 38.63
C SER B 641 32.53 22.39 39.50
N ILE B 642 31.31 22.27 38.96
CA ILE B 642 30.20 21.76 39.73
C ILE B 642 30.50 20.37 40.25
N ILE B 643 30.75 19.43 39.34
CA ILE B 643 30.98 18.05 39.77
C ILE B 643 32.24 17.96 40.61
N GLU B 644 33.17 18.88 40.40
CA GLU B 644 34.36 18.91 41.24
C GLU B 644 33.99 19.16 42.70
N THR B 645 33.34 20.29 42.95
CA THR B 645 32.85 20.57 44.29
C THR B 645 31.96 19.44 44.79
N LEU B 646 31.27 18.77 43.88
CA LEU B 646 30.40 17.68 44.28
C LEU B 646 31.20 16.52 44.83
N ARG B 647 32.25 16.11 44.13
CA ARG B 647 33.12 15.07 44.65
C ARG B 647 33.73 15.49 45.96
N GLN B 648 34.00 16.79 46.12
CA GLN B 648 34.50 17.28 47.39
C GLN B 648 33.49 17.03 48.50
N LYS B 649 32.27 17.52 48.31
CA LYS B 649 31.24 17.37 49.33
C LYS B 649 30.94 15.91 49.58
N ALA B 650 31.03 15.08 48.55
CA ALA B 650 30.74 13.67 48.72
C ALA B 650 31.81 12.98 49.55
N GLU B 651 33.06 13.02 49.08
CA GLU B 651 34.14 12.39 49.83
C GLU B 651 34.25 12.96 51.23
N ALA B 652 33.85 14.22 51.40
CA ALA B 652 33.79 14.79 52.74
C ALA B 652 32.81 14.01 53.60
N ASP B 653 31.54 14.00 53.22
CA ASP B 653 30.50 13.30 53.97
C ASP B 653 29.58 12.60 52.99
N LYS B 654 29.21 11.36 53.31
CA LYS B 654 28.23 10.65 52.51
C LYS B 654 26.83 10.95 53.01
N ASN B 655 25.85 10.70 52.14
CA ASN B 655 24.43 10.70 52.52
C ASN B 655 23.97 12.04 53.06
N ASP B 656 24.62 13.12 52.63
CA ASP B 656 24.17 14.44 53.01
C ASP B 656 22.90 14.74 52.22
N LYS B 657 21.96 15.43 52.83
CA LYS B 657 20.71 15.76 52.15
C LYS B 657 20.96 16.57 50.88
N SER B 658 21.73 17.64 51.00
CA SER B 658 21.96 18.51 49.84
C SER B 658 22.48 17.74 48.64
N VAL B 659 23.52 16.93 48.82
CA VAL B 659 24.07 16.27 47.65
C VAL B 659 23.02 15.39 47.00
N LYS B 660 22.15 14.80 47.81
CA LYS B 660 21.05 14.03 47.26
C LYS B 660 20.21 14.92 46.36
N ASP B 661 19.67 15.99 46.93
CA ASP B 661 18.78 16.84 46.14
C ASP B 661 19.46 17.49 44.94
N LEU B 662 20.70 17.89 45.11
CA LEU B 662 21.43 18.48 44.01
C LEU B 662 21.53 17.47 42.90
N VAL B 663 21.84 16.23 43.26
CA VAL B 663 22.02 15.23 42.24
C VAL B 663 20.73 15.02 41.47
N ILE B 664 19.60 14.92 42.16
CA ILE B 664 18.35 14.75 41.47
C ILE B 664 18.12 15.92 40.55
N LEU B 665 18.39 17.12 41.03
CA LEU B 665 18.13 18.31 40.27
C LEU B 665 18.93 18.32 39.00
N LEU B 666 20.23 18.06 39.09
CA LEU B 666 21.00 18.18 37.86
C LEU B 666 20.72 17.02 36.93
N TYR B 667 20.43 15.84 37.47
CA TYR B 667 20.02 14.76 36.59
C TYR B 667 18.76 15.14 35.84
N GLU B 668 17.77 15.71 36.55
CA GLU B 668 16.55 16.11 35.88
C GLU B 668 16.85 17.12 34.80
N THR B 669 17.64 18.14 35.10
CA THR B 669 17.87 19.17 34.10
C THR B 669 18.65 18.62 32.92
N ALA B 670 19.52 17.64 33.16
CA ALA B 670 20.24 17.04 32.04
C ALA B 670 19.32 16.20 31.20
N LEU B 671 18.47 15.39 31.83
CA LEU B 671 17.46 14.65 31.11
C LEU B 671 16.62 15.57 30.25
N LEU B 672 16.35 16.76 30.78
CA LEU B 672 15.61 17.74 30.00
C LEU B 672 16.42 18.21 28.81
N SER B 673 17.69 18.51 29.03
CA SER B 673 18.49 19.08 27.95
C SER B 673 18.79 18.06 26.86
N SER B 674 18.92 16.79 27.24
CA SER B 674 19.26 15.73 26.28
C SER B 674 18.13 15.38 25.31
N GLY B 675 16.98 16.02 25.45
CA GLY B 675 15.87 15.73 24.57
C GLY B 675 14.86 14.75 25.13
N PHE B 676 15.28 13.92 26.07
CA PHE B 676 14.34 13.02 26.71
C PHE B 676 13.36 13.88 27.46
N SER B 677 12.11 13.46 27.56
CA SER B 677 11.16 14.23 28.36
C SER B 677 10.87 13.53 29.67
N LEU B 678 10.85 14.31 30.75
CA LEU B 678 10.62 13.76 32.08
C LEU B 678 9.24 13.21 32.20
N GLU B 679 9.08 12.15 32.96
CA GLU B 679 7.77 11.52 33.05
C GLU B 679 6.74 12.45 33.67
N ASP B 680 7.10 13.17 34.72
CA ASP B 680 6.19 14.12 35.35
C ASP B 680 6.90 15.43 35.59
N PRO B 681 6.56 16.48 34.88
CA PRO B 681 7.24 17.76 35.10
C PRO B 681 6.94 18.36 36.44
N GLN B 682 5.90 17.88 37.12
CA GLN B 682 5.46 18.58 38.32
C GLN B 682 6.50 18.53 39.42
N THR B 683 7.13 17.38 39.62
CA THR B 683 8.17 17.29 40.63
C THR B 683 9.29 18.26 40.34
N HIS B 684 9.74 18.30 39.09
CA HIS B 684 10.83 19.19 38.73
C HIS B 684 10.44 20.64 38.95
N ALA B 685 9.24 21.01 38.50
CA ALA B 685 8.78 22.38 38.70
C ALA B 685 8.71 22.72 40.18
N ASN B 686 8.28 21.78 41.00
CA ASN B 686 8.20 22.03 42.42
C ASN B 686 9.58 22.23 43.01
N ARG B 687 10.56 21.46 42.54
CA ARG B 687 11.93 21.65 43.02
C ARG B 687 12.41 23.04 42.66
N ILE B 688 12.13 23.46 41.43
CA ILE B 688 12.50 24.80 41.00
C ILE B 688 11.86 25.83 41.91
N TYR B 689 10.57 25.66 42.21
CA TYR B 689 9.88 26.62 43.05
C TYR B 689 10.50 26.65 44.45
N ARG B 690 10.90 25.50 44.95
CA ARG B 690 11.55 25.50 46.24
C ARG B 690 12.70 26.48 46.13
N MET B 691 13.50 26.33 45.09
CA MET B 691 14.68 27.17 44.95
C MET B 691 14.33 28.63 44.79
N ILE B 692 13.33 28.93 43.98
CA ILE B 692 13.03 30.32 43.73
C ILE B 692 12.64 30.96 45.04
N LYS B 693 11.78 30.28 45.78
CA LYS B 693 11.30 30.85 47.02
C LYS B 693 12.47 31.23 47.89
N LEU B 694 13.50 30.38 47.91
CA LEU B 694 14.64 30.65 48.77
C LEU B 694 15.34 31.92 48.35
N GLY B 695 15.52 32.10 47.04
CA GLY B 695 16.17 33.29 46.55
C GLY B 695 15.36 34.52 46.87
N LEU B 696 14.05 34.41 46.67
CA LEU B 696 13.17 35.54 46.92
C LEU B 696 13.10 35.78 48.41
N GLY B 697 13.66 34.85 49.17
CA GLY B 697 13.61 34.96 50.61
C GLY B 697 12.20 35.06 51.15
N ILE B 698 11.29 34.26 50.59
CA ILE B 698 9.92 34.24 51.07
C ILE B 698 9.88 34.16 52.59
N PRO C 196 -9.02 32.82 9.19
CA PRO C 196 -8.43 32.68 10.52
C PRO C 196 -8.63 31.27 11.17
N GLU C 197 -9.65 30.49 10.74
CA GLU C 197 -9.95 29.16 11.30
C GLU C 197 -9.70 28.04 10.30
N GLY C 198 -8.57 28.04 9.61
CA GLY C 198 -8.31 27.06 8.57
C GLY C 198 -8.00 25.68 9.08
N LEU C 199 -8.09 24.66 8.23
CA LEU C 199 -7.93 23.28 8.69
C LEU C 199 -6.67 22.48 8.32
N GLY C 200 -6.24 21.54 9.18
CA GLY C 200 -5.09 20.68 8.90
C GLY C 200 -5.11 19.25 9.39
N HIS C 201 -6.27 18.70 9.67
CA HIS C 201 -6.39 17.35 10.19
C HIS C 201 -6.32 16.20 9.21
N GLY C 202 -5.33 16.17 8.35
CA GLY C 202 -5.20 15.06 7.42
C GLY C 202 -4.58 13.90 8.13
N ARG C 203 -4.73 12.69 7.60
CA ARG C 203 -4.02 11.57 8.21
C ARG C 203 -3.00 10.98 7.26
N THR C 204 -1.74 11.11 7.54
CA THR C 204 -0.76 10.62 6.62
C THR C 204 -0.56 9.13 6.70
N LEU C 205 0.33 8.60 5.89
CA LEU C 205 0.64 7.18 5.94
C LEU C 205 1.43 6.85 7.19
N PHE C 206 1.23 5.66 7.75
CA PHE C 206 1.94 5.25 8.96
C PHE C 206 3.12 4.39 8.61
N LEU C 207 4.29 4.73 9.13
CA LEU C 207 5.49 3.95 8.87
C LEU C 207 6.04 3.34 10.14
N VAL C 208 6.31 2.04 10.13
CA VAL C 208 6.86 1.36 11.29
C VAL C 208 8.37 1.43 11.22
N MET C 209 9.01 1.61 12.38
CA MET C 209 10.46 1.70 12.44
C MET C 209 11.06 0.47 13.10
N LYS C 210 12.15 -0.04 12.53
CA LYS C 210 12.80 -1.24 13.04
C LYS C 210 14.27 -0.96 13.28
N ASN C 211 14.68 -1.01 14.54
CA ASN C 211 16.09 -0.84 14.86
C ASN C 211 16.85 -2.10 14.46
N TYR C 212 17.99 -1.99 13.84
CA TYR C 212 18.69 -3.19 13.52
C TYR C 212 19.99 -3.02 14.14
N PRO C 213 20.03 -3.13 15.47
CA PRO C 213 21.31 -2.75 16.00
C PRO C 213 22.44 -3.70 15.94
N CYS C 214 22.23 -4.99 15.92
CA CYS C 214 23.38 -5.83 15.98
C CYS C 214 23.28 -7.15 15.32
N THR C 215 24.40 -7.76 15.08
CA THR C 215 24.39 -9.06 14.52
C THR C 215 24.40 -10.04 15.66
N LEU C 216 23.76 -11.18 15.49
CA LEU C 216 23.67 -12.10 16.56
C LEU C 216 24.93 -12.31 17.29
N ARG C 217 26.06 -12.39 16.64
CA ARG C 217 27.23 -12.72 17.42
C ARG C 217 27.29 -11.73 18.47
N GLN C 218 26.91 -10.50 18.20
CA GLN C 218 27.10 -9.54 19.23
C GLN C 218 26.07 -9.70 20.31
N TYR C 219 24.82 -9.53 19.99
CA TYR C 219 23.73 -9.67 20.92
C TYR C 219 23.90 -10.89 21.80
N LEU C 220 24.57 -11.92 21.29
CA LEU C 220 24.76 -13.13 22.07
C LEU C 220 25.82 -12.94 23.14
N CYS C 221 26.89 -12.22 22.83
CA CYS C 221 27.91 -12.01 23.85
C CYS C 221 27.43 -11.01 24.89
N VAL C 222 26.52 -10.11 24.50
CA VAL C 222 26.09 -9.12 25.48
C VAL C 222 24.94 -9.65 26.34
N ASN C 223 24.12 -10.55 25.81
CA ASN C 223 22.99 -11.08 26.56
C ASN C 223 22.87 -12.57 26.30
N THR C 224 22.34 -13.30 27.27
CA THR C 224 22.03 -14.69 27.05
C THR C 224 20.55 -14.92 27.23
N PRO C 225 19.93 -15.77 26.43
CA PRO C 225 18.47 -15.93 26.49
C PRO C 225 18.05 -17.12 27.33
N SER C 226 16.78 -17.11 27.73
CA SER C 226 16.19 -18.24 28.40
C SER C 226 16.01 -19.40 27.41
N PRO C 227 15.96 -20.64 27.91
CA PRO C 227 15.86 -21.78 27.00
C PRO C 227 14.68 -21.69 26.06
N ARG C 228 13.52 -21.28 26.55
CA ARG C 228 12.34 -21.21 25.70
C ARG C 228 12.53 -20.22 24.57
N LEU C 229 13.02 -19.03 24.88
CA LEU C 229 13.23 -18.03 23.85
C LEU C 229 14.31 -18.48 22.88
N ALA C 230 15.30 -19.21 23.37
CA ALA C 230 16.32 -19.74 22.49
C ALA C 230 15.72 -20.71 21.49
N ALA C 231 14.89 -21.64 21.96
CA ALA C 231 14.19 -22.51 21.03
C ALA C 231 13.39 -21.70 20.04
N MET C 232 12.78 -20.61 20.48
CA MET C 232 11.98 -19.80 19.58
C MET C 232 12.82 -19.23 18.45
N MET C 233 13.96 -18.62 18.78
CA MET C 233 14.77 -18.03 17.72
C MET C 233 15.33 -19.11 16.81
N LEU C 234 15.67 -20.26 17.37
CA LEU C 234 16.09 -21.37 16.52
C LEU C 234 14.99 -21.72 15.52
N LEU C 235 13.74 -21.68 15.96
CA LEU C 235 12.64 -21.90 15.05
C LEU C 235 12.60 -20.85 13.96
N GLN C 236 12.80 -19.59 14.34
CA GLN C 236 12.82 -18.53 13.34
C GLN C 236 13.84 -18.84 12.25
N LEU C 237 15.04 -19.23 12.65
CA LEU C 237 16.07 -19.56 11.68
C LEU C 237 15.65 -20.71 10.78
N LEU C 238 15.06 -21.74 11.37
CA LEU C 238 14.66 -22.88 10.55
C LEU C 238 13.65 -22.46 9.50
N GLU C 239 12.69 -21.63 9.89
CA GLU C 239 11.69 -21.18 8.93
C GLU C 239 12.34 -20.40 7.80
N GLY C 240 13.22 -19.46 8.13
CA GLY C 240 13.87 -18.70 7.09
C GLY C 240 14.65 -19.57 6.13
N VAL C 241 15.43 -20.52 6.67
CA VAL C 241 16.25 -21.36 5.82
C VAL C 241 15.38 -22.19 4.90
N ASP C 242 14.20 -22.56 5.37
CA ASP C 242 13.36 -23.37 4.53
C ASP C 242 12.99 -22.50 3.42
N HIS C 243 12.43 -21.37 3.74
CA HIS C 243 11.92 -20.51 2.69
C HIS C 243 12.98 -20.29 1.61
N LEU C 244 14.23 -20.09 2.03
CA LEU C 244 15.29 -19.96 1.04
C LEU C 244 15.39 -21.21 0.19
N VAL C 245 15.38 -22.38 0.82
CA VAL C 245 15.44 -23.64 0.08
C VAL C 245 14.35 -23.66 -0.99
N GLN C 246 13.17 -23.18 -0.65
CA GLN C 246 12.09 -23.17 -1.63
C GLN C 246 12.46 -22.27 -2.79
N GLN C 247 12.96 -21.07 -2.57
CA GLN C 247 13.20 -20.20 -3.72
C GLN C 247 14.39 -20.66 -4.51
N GLY C 248 15.08 -21.66 -4.01
CA GLY C 248 16.21 -22.21 -4.73
C GLY C 248 17.52 -21.48 -4.60
N ILE C 249 17.53 -20.34 -3.90
CA ILE C 249 18.79 -19.63 -3.67
C ILE C 249 19.38 -20.14 -2.37
N ALA C 250 20.57 -20.74 -2.44
CA ALA C 250 21.13 -21.33 -1.23
C ALA C 250 22.42 -20.67 -0.85
N HIS C 251 22.43 -20.08 0.34
CA HIS C 251 23.60 -19.38 0.81
C HIS C 251 24.35 -20.45 1.47
N ARG C 252 25.42 -20.85 0.84
CA ARG C 252 26.20 -21.93 1.39
C ARG C 252 26.74 -21.55 2.74
N ASP C 253 27.11 -20.28 2.92
CA ASP C 253 27.74 -19.90 4.16
C ASP C 253 26.84 -19.23 5.15
N LEU C 254 26.51 -19.89 6.27
CA LEU C 254 25.75 -19.10 7.24
C LEU C 254 26.55 -19.00 8.52
N LYS C 255 26.82 -17.79 8.96
CA LYS C 255 27.58 -17.59 10.19
C LYS C 255 26.88 -16.55 11.06
N SER C 256 27.12 -16.68 12.36
CA SER C 256 26.44 -15.84 13.33
C SER C 256 26.59 -14.37 13.02
N ASP C 257 27.68 -14.01 12.33
CA ASP C 257 27.86 -12.61 11.96
C ASP C 257 26.86 -12.21 10.89
N ASN C 258 26.40 -13.16 10.08
CA ASN C 258 25.49 -12.82 9.00
C ASN C 258 24.13 -12.42 9.54
N ILE C 259 23.58 -13.21 10.46
CA ILE C 259 22.22 -12.97 10.96
C ILE C 259 22.03 -11.70 11.75
N LEU C 260 21.33 -10.74 11.17
CA LEU C 260 21.05 -9.50 11.88
C LEU C 260 20.00 -9.72 12.94
N VAL C 261 20.07 -8.94 14.02
CA VAL C 261 19.10 -9.06 15.08
C VAL C 261 18.31 -7.77 15.15
N GLU C 262 17.00 -7.87 15.13
CA GLU C 262 16.18 -6.68 15.26
C GLU C 262 15.70 -6.62 16.68
N LEU C 263 16.24 -5.69 17.45
CA LEU C 263 15.83 -5.56 18.82
C LEU C 263 14.52 -4.85 18.84
N ASP C 264 13.47 -5.52 19.30
CA ASP C 264 12.16 -4.86 19.43
C ASP C 264 12.38 -3.85 20.54
N PRO C 265 11.63 -2.75 20.52
CA PRO C 265 11.95 -1.80 21.59
C PRO C 265 11.57 -2.40 22.92
N ASP C 266 12.55 -2.59 23.80
CA ASP C 266 12.30 -3.25 25.08
C ASP C 266 11.55 -4.51 24.77
N GLY C 267 11.99 -5.21 23.75
CA GLY C 267 11.25 -6.37 23.33
C GLY C 267 12.13 -7.45 22.79
N CYS C 268 11.54 -8.62 22.63
CA CYS C 268 12.30 -9.75 22.17
C CYS C 268 13.05 -9.56 20.83
N PRO C 269 14.25 -10.17 20.69
CA PRO C 269 14.88 -10.00 19.40
C PRO C 269 14.20 -10.74 18.26
N TRP C 270 14.14 -10.12 17.09
CA TRP C 270 13.60 -10.80 15.93
C TRP C 270 14.75 -11.04 14.99
N LEU C 271 14.99 -12.28 14.63
CA LEU C 271 16.12 -12.63 13.79
C LEU C 271 15.77 -12.41 12.32
N VAL C 272 16.76 -11.95 11.56
CA VAL C 272 16.64 -11.78 10.13
C VAL C 272 17.92 -12.29 9.50
N ILE C 273 17.79 -13.18 8.53
CA ILE C 273 18.96 -13.62 7.78
C ILE C 273 19.29 -12.57 6.74
N ALA C 274 20.58 -12.41 6.45
CA ALA C 274 20.99 -11.44 5.45
C ALA C 274 22.39 -11.79 5.00
N ASP C 275 22.81 -11.16 3.92
CA ASP C 275 24.13 -11.39 3.35
C ASP C 275 24.96 -10.12 3.37
N PHE C 276 24.65 -9.20 4.29
CA PHE C 276 25.41 -7.96 4.38
C PHE C 276 26.89 -8.24 4.56
N GLY C 277 27.22 -9.32 5.26
CA GLY C 277 28.59 -9.80 5.30
C GLY C 277 28.80 -10.77 4.15
N CYS C 278 29.74 -10.45 3.28
CA CYS C 278 29.99 -11.25 2.08
C CYS C 278 30.47 -12.65 2.45
N TYR C 322 25.16 -27.02 -2.04
CA TYR C 322 23.89 -27.70 -2.27
C TYR C 322 22.88 -27.42 -1.19
N SER C 323 21.97 -28.34 -0.98
CA SER C 323 21.00 -28.23 0.10
C SER C 323 21.45 -29.01 1.33
N LYS C 324 20.79 -28.74 2.46
CA LYS C 324 21.03 -29.30 3.78
C LYS C 324 22.31 -28.76 4.37
N ALA C 325 23.12 -28.03 3.60
CA ALA C 325 24.28 -27.36 4.18
C ALA C 325 23.85 -26.30 5.16
N ASP C 326 22.83 -25.54 4.77
CA ASP C 326 22.31 -24.51 5.65
C ASP C 326 21.84 -25.16 6.94
N ALA C 327 21.25 -26.33 6.84
CA ALA C 327 20.81 -27.04 8.04
C ALA C 327 21.98 -27.26 8.98
N TRP C 328 23.07 -27.82 8.48
CA TRP C 328 24.23 -28.07 9.31
C TRP C 328 24.75 -26.76 9.90
N ALA C 329 24.73 -25.70 9.10
CA ALA C 329 25.16 -24.40 9.61
C ALA C 329 24.29 -23.96 10.76
N VAL C 330 22.97 -24.10 10.63
CA VAL C 330 22.09 -23.59 11.67
C VAL C 330 22.22 -24.44 12.92
N GLY C 331 22.71 -25.64 12.76
CA GLY C 331 22.91 -26.49 13.90
C GLY C 331 24.01 -25.91 14.68
N ALA C 332 25.08 -25.56 14.03
CA ALA C 332 26.13 -24.90 14.73
C ALA C 332 25.80 -23.52 15.27
N ILE C 333 24.95 -22.75 14.62
CA ILE C 333 24.63 -21.47 15.19
C ILE C 333 24.02 -21.78 16.53
N ALA C 334 23.26 -22.83 16.63
CA ALA C 334 22.59 -23.10 17.89
C ALA C 334 23.45 -23.37 19.04
N TYR C 335 24.57 -24.03 18.86
CA TYR C 335 25.34 -24.39 20.01
C TYR C 335 25.60 -23.07 20.58
N GLU C 336 25.74 -22.04 19.77
CA GLU C 336 26.06 -20.76 20.35
C GLU C 336 24.95 -20.15 21.09
N ILE C 337 23.75 -20.13 20.57
CA ILE C 337 22.72 -19.41 21.23
C ILE C 337 22.66 -19.81 22.67
N PHE C 338 22.80 -21.08 22.99
CA PHE C 338 22.84 -21.44 24.38
C PHE C 338 24.15 -21.15 25.12
N GLY C 339 25.06 -20.36 24.57
CA GLY C 339 26.24 -19.91 25.29
C GLY C 339 27.42 -20.86 25.17
N LEU C 340 27.24 -21.96 24.46
CA LEU C 340 28.37 -22.84 24.24
C LEU C 340 29.03 -22.33 22.97
N VAL C 341 30.28 -21.91 23.04
CA VAL C 341 30.91 -21.33 21.86
C VAL C 341 30.99 -22.38 20.77
N ASN C 342 30.93 -21.92 19.52
CA ASN C 342 30.80 -22.84 18.40
C ASN C 342 31.92 -23.87 18.40
N PRO C 343 31.60 -25.15 18.24
CA PRO C 343 32.67 -26.15 18.15
C PRO C 343 33.47 -26.06 16.87
N PHE C 344 32.80 -26.06 15.72
CA PHE C 344 33.50 -26.22 14.45
C PHE C 344 34.19 -24.96 13.98
N TYR C 345 33.85 -23.80 14.51
CA TYR C 345 34.55 -22.58 14.15
C TYR C 345 35.99 -22.78 14.55
N GLY C 346 36.19 -23.64 15.53
CA GLY C 346 37.56 -24.01 15.88
C GLY C 346 37.89 -25.48 15.66
N GLN C 347 36.92 -26.39 15.81
CA GLN C 347 37.18 -27.84 15.71
C GLN C 347 37.65 -28.39 14.38
N GLY C 348 37.05 -27.95 13.29
CA GLY C 348 37.48 -28.40 11.99
C GLY C 348 36.33 -28.60 11.06
N LYS C 349 36.60 -28.85 9.80
CA LYS C 349 35.55 -29.15 8.85
C LYS C 349 34.30 -28.32 8.89
N ALA C 350 34.42 -27.03 8.62
CA ALA C 350 33.26 -26.15 8.56
C ALA C 350 32.99 -25.57 7.18
N HIS C 351 34.00 -25.52 6.31
CA HIS C 351 33.79 -25.01 4.96
C HIS C 351 32.89 -25.95 4.17
N LEU C 352 32.81 -27.21 4.58
CA LEU C 352 31.83 -28.15 4.08
C LEU C 352 31.37 -29.04 5.23
N GLU C 353 30.05 -29.14 5.40
CA GLU C 353 29.52 -30.08 6.37
C GLU C 353 29.87 -31.51 5.99
N SER C 354 29.96 -31.77 4.69
CA SER C 354 30.47 -33.06 4.24
C SER C 354 31.87 -33.32 4.80
N ARG C 355 32.70 -32.26 4.95
CA ARG C 355 34.05 -32.40 5.60
C ARG C 355 33.88 -33.04 6.95
N SER C 356 34.33 -34.29 7.11
CA SER C 356 34.05 -35.01 8.36
C SER C 356 34.74 -34.55 9.62
N TYR C 357 33.96 -34.04 10.58
CA TYR C 357 34.52 -33.65 11.86
C TYR C 357 34.91 -34.92 12.58
N GLN C 358 35.69 -34.80 13.64
CA GLN C 358 36.05 -35.98 14.41
C GLN C 358 34.81 -36.55 15.07
N GLU C 359 34.61 -37.86 15.07
CA GLU C 359 33.36 -38.39 15.64
C GLU C 359 33.06 -38.06 17.11
N ALA C 360 31.79 -37.73 17.41
CA ALA C 360 31.36 -37.50 18.80
C ALA C 360 32.18 -36.52 19.61
N GLN C 361 33.03 -35.75 18.98
CA GLN C 361 33.79 -34.85 19.79
C GLN C 361 32.89 -33.69 20.06
N LEU C 362 31.71 -33.71 19.49
CA LEU C 362 30.77 -32.64 19.71
C LEU C 362 30.62 -32.39 21.22
N PRO C 363 30.82 -31.14 21.68
CA PRO C 363 30.76 -30.95 23.13
C PRO C 363 29.35 -31.15 23.63
N ALA C 364 29.15 -31.94 24.68
CA ALA C 364 27.79 -32.22 25.10
C ALA C 364 27.08 -30.95 25.52
N LEU C 365 25.81 -30.83 25.13
CA LEU C 365 25.07 -29.63 25.45
C LEU C 365 24.80 -29.46 26.94
N PRO C 366 24.69 -28.19 27.45
CA PRO C 366 24.33 -28.10 28.87
C PRO C 366 22.94 -28.65 29.12
N GLU C 367 22.67 -28.95 30.39
CA GLU C 367 21.40 -29.54 30.74
C GLU C 367 20.26 -28.53 30.74
N SER C 368 20.55 -27.25 30.58
CA SER C 368 19.49 -26.25 30.56
C SER C 368 18.58 -26.46 29.35
N VAL C 369 19.08 -27.08 28.30
CA VAL C 369 18.23 -27.28 27.12
C VAL C 369 17.27 -28.42 27.38
N PRO C 370 16.03 -28.33 26.93
CA PRO C 370 15.12 -29.47 27.01
C PRO C 370 15.69 -30.65 26.23
N PRO C 371 15.32 -31.87 26.61
CA PRO C 371 15.95 -33.04 25.99
C PRO C 371 15.67 -33.14 24.50
N ASP C 372 14.48 -32.75 24.08
CA ASP C 372 14.11 -32.95 22.68
C ASP C 372 14.91 -32.05 21.76
N VAL C 373 15.08 -30.79 22.15
CA VAL C 373 15.88 -29.87 21.34
C VAL C 373 17.27 -30.41 21.24
N ARG C 374 17.80 -30.87 22.36
CA ARG C 374 19.14 -31.45 22.38
C ARG C 374 19.24 -32.59 21.37
N GLN C 375 18.32 -33.55 21.47
CA GLN C 375 18.28 -34.62 20.48
C GLN C 375 18.22 -34.05 19.08
N LEU C 376 17.49 -32.96 18.89
CA LEU C 376 17.32 -32.39 17.57
C LEU C 376 18.63 -31.90 17.01
N VAL C 377 19.35 -31.08 17.77
CA VAL C 377 20.59 -30.52 17.25
C VAL C 377 21.59 -31.63 17.02
N ARG C 378 21.59 -32.66 17.86
CA ARG C 378 22.50 -33.76 17.61
C ARG C 378 22.14 -34.46 16.31
N ALA C 379 20.86 -34.74 16.11
CA ALA C 379 20.43 -35.39 14.88
C ALA C 379 20.70 -34.51 13.68
N LEU C 380 20.74 -33.20 13.89
CA LEU C 380 20.88 -32.29 12.76
C LEU C 380 22.31 -32.14 12.36
N LEU C 381 23.21 -32.21 13.34
CA LEU C 381 24.59 -31.98 13.05
C LEU C 381 25.25 -33.28 12.70
N GLN C 382 24.45 -34.33 12.60
CA GLN C 382 25.01 -35.61 12.21
C GLN C 382 25.70 -35.54 10.87
N ARG C 383 26.53 -36.52 10.59
CA ARG C 383 27.38 -36.43 9.41
C ARG C 383 26.58 -36.42 8.12
N GLU C 384 25.86 -37.50 7.84
CA GLU C 384 25.29 -37.68 6.51
C GLU C 384 24.05 -36.83 6.32
N ALA C 385 23.93 -36.25 5.13
CA ALA C 385 22.71 -35.52 4.80
C ALA C 385 21.51 -36.47 4.74
N SER C 386 21.77 -37.75 4.48
CA SER C 386 20.70 -38.73 4.43
C SER C 386 19.91 -38.77 5.73
N LYS C 387 20.60 -38.99 6.86
CA LYS C 387 19.92 -38.97 8.14
C LYS C 387 19.58 -37.54 8.56
N ARG C 388 20.24 -36.56 7.97
CA ARG C 388 19.96 -35.18 8.31
C ARG C 388 18.53 -34.83 7.91
N PRO C 389 17.69 -34.41 8.84
CA PRO C 389 16.34 -34.02 8.48
C PRO C 389 16.30 -32.65 7.84
N SER C 390 15.41 -32.50 6.88
CA SER C 390 15.29 -31.23 6.17
C SER C 390 14.80 -30.12 7.06
N ALA C 391 14.87 -28.92 6.56
CA ALA C 391 14.47 -27.77 7.35
C ALA C 391 13.04 -27.91 7.85
N ARG C 392 12.09 -28.15 6.94
CA ARG C 392 10.68 -28.17 7.32
C ARG C 392 10.43 -29.18 8.42
N VAL C 393 11.09 -30.33 8.35
CA VAL C 393 10.92 -31.34 9.39
C VAL C 393 11.29 -30.77 10.75
N ALA C 394 12.44 -30.10 10.80
CA ALA C 394 12.90 -29.56 12.07
C ALA C 394 11.97 -28.48 12.58
N ALA C 395 11.58 -27.57 11.71
CA ALA C 395 10.67 -26.51 12.14
C ALA C 395 9.36 -27.10 12.66
N ASN C 396 8.88 -28.16 12.04
CA ASN C 396 7.67 -28.80 12.54
C ASN C 396 7.92 -29.44 13.89
N VAL C 397 9.10 -30.04 14.08
CA VAL C 397 9.44 -30.60 15.37
C VAL C 397 9.34 -29.53 16.44
N LEU C 398 9.92 -28.36 16.16
CA LEU C 398 9.87 -27.28 17.14
C LEU C 398 8.44 -26.82 17.36
N HIS C 399 7.66 -26.66 16.29
CA HIS C 399 6.27 -26.29 16.45
C HIS C 399 5.55 -27.23 17.40
N LEU C 400 5.71 -28.54 17.19
CA LEU C 400 5.12 -29.51 18.08
C LEU C 400 5.55 -29.28 19.51
N SER C 401 6.84 -29.36 19.76
CA SER C 401 7.33 -29.31 21.13
C SER C 401 6.93 -28.01 21.82
N LEU C 402 7.27 -26.88 21.23
CA LEU C 402 7.09 -25.61 21.91
C LEU C 402 5.63 -25.17 21.96
N TRP C 403 5.01 -24.95 20.80
CA TRP C 403 3.64 -24.44 20.80
C TRP C 403 2.66 -25.54 21.14
N GLY C 404 2.74 -26.67 20.43
CA GLY C 404 1.80 -27.74 20.67
C GLY C 404 1.83 -28.23 22.10
N GLU C 405 0.80 -28.98 22.46
CA GLU C 405 0.67 -29.60 23.77
C GLU C 405 1.89 -30.45 24.10
N HIS C 406 2.11 -30.68 25.40
CA HIS C 406 3.20 -31.55 25.83
C HIS C 406 2.53 -32.65 26.63
N ILE C 407 1.93 -33.61 25.94
CA ILE C 407 1.17 -34.65 26.64
C ILE C 407 1.56 -36.03 26.14
N LEU C 408 1.05 -37.07 26.76
CA LEU C 408 1.46 -38.40 26.37
C LEU C 408 0.92 -38.76 25.01
N ALA C 409 -0.28 -38.33 24.67
CA ALA C 409 -0.77 -38.58 23.32
C ALA C 409 0.26 -37.97 22.40
N LEU C 410 0.59 -36.73 22.63
CA LEU C 410 1.67 -36.06 21.91
C LEU C 410 2.89 -36.94 21.83
N LYS C 411 3.22 -37.63 22.92
CA LYS C 411 4.38 -38.51 22.93
C LYS C 411 4.04 -39.85 22.28
N ASN C 412 5.10 -40.61 21.99
CA ASN C 412 5.00 -42.04 21.68
C ASN C 412 4.09 -42.31 20.47
N LEU C 413 3.93 -41.30 19.62
CA LEU C 413 3.11 -41.39 18.41
C LEU C 413 1.72 -41.94 18.74
N LYS C 414 1.03 -41.24 19.63
CA LYS C 414 -0.39 -41.46 19.83
C LYS C 414 -1.23 -40.46 19.07
N LEU C 415 -0.57 -39.48 18.48
CA LEU C 415 -1.27 -38.43 17.78
C LEU C 415 -1.47 -38.82 16.35
N ASP C 416 -2.55 -39.52 16.06
CA ASP C 416 -2.75 -40.01 14.70
C ASP C 416 -2.97 -38.87 13.75
N LYS C 417 -2.05 -38.71 12.79
CA LYS C 417 -2.16 -37.62 11.82
C LYS C 417 -3.54 -37.42 11.24
N MET C 418 -3.93 -36.17 11.12
CA MET C 418 -5.24 -35.88 10.57
C MET C 418 -5.28 -34.43 10.17
N VAL C 419 -6.11 -34.10 9.21
CA VAL C 419 -6.26 -32.71 8.85
C VAL C 419 -7.06 -32.10 9.99
N GLY C 420 -8.02 -32.85 10.52
CA GLY C 420 -8.76 -32.37 11.67
C GLY C 420 -7.76 -32.15 12.79
N TRP C 421 -6.73 -32.99 12.85
CA TRP C 421 -5.68 -32.84 13.84
C TRP C 421 -4.96 -31.52 13.65
N LEU C 422 -4.99 -30.95 12.45
CA LEU C 422 -4.40 -29.64 12.28
C LEU C 422 -5.13 -28.62 13.18
N LEU C 423 -6.44 -28.80 13.39
CA LEU C 423 -7.15 -27.90 14.29
C LEU C 423 -6.79 -28.40 15.67
N GLN C 424 -6.56 -29.71 15.84
CA GLN C 424 -6.09 -30.16 17.14
C GLN C 424 -4.74 -29.53 17.45
N GLN C 425 -3.90 -29.37 16.44
CA GLN C 425 -2.61 -28.71 16.62
C GLN C 425 -2.83 -27.28 17.04
N SER C 426 -3.83 -26.61 16.48
CA SER C 426 -4.15 -25.25 16.91
C SER C 426 -4.54 -25.27 18.37
N ALA C 427 -5.37 -26.23 18.77
CA ALA C 427 -5.80 -26.31 20.16
C ALA C 427 -4.57 -26.56 20.99
N ALA C 428 -3.67 -27.37 20.46
CA ALA C 428 -2.42 -27.64 21.15
C ALA C 428 -1.59 -26.36 21.26
N THR C 429 -1.90 -25.49 20.28
CA THR C 429 -1.22 -24.20 20.27
C THR C 429 -1.98 -23.21 21.01
N LEU C 430 -3.20 -23.54 21.41
CA LEU C 430 -3.98 -22.62 22.24
C LEU C 430 -3.21 -22.58 23.52
N LEU C 431 -2.72 -23.74 23.95
CA LEU C 431 -1.87 -23.76 25.13
C LEU C 431 -0.59 -23.10 24.67
N ALA C 432 0.10 -22.41 25.59
CA ALA C 432 1.36 -21.69 25.30
C ALA C 432 1.15 -20.26 24.78
N ASN C 433 -0.10 -19.90 24.49
CA ASN C 433 -0.39 -18.53 24.08
C ASN C 433 -0.06 -17.55 25.19
N ARG C 434 -0.47 -17.89 26.41
CA ARG C 434 -0.19 -17.02 27.55
C ARG C 434 0.68 -17.71 28.59
N LEU C 435 1.16 -18.91 28.30
CA LEU C 435 1.92 -19.65 29.30
C LEU C 435 3.18 -18.92 29.70
N THR C 436 3.89 -18.37 28.73
CA THR C 436 5.08 -17.58 29.04
C THR C 436 5.02 -16.28 28.27
N GLU C 437 4.10 -15.41 28.64
CA GLU C 437 3.97 -14.12 27.95
C GLU C 437 4.88 -13.07 28.55
N LYS C 438 6.18 -13.20 28.33
CA LYS C 438 7.12 -12.20 28.80
C LYS C 438 7.72 -11.59 27.56
N CYS C 439 7.53 -12.26 26.43
CA CYS C 439 8.03 -11.77 25.17
C CYS C 439 6.88 -11.77 24.21
N CYS C 440 6.76 -10.73 23.42
CA CYS C 440 5.61 -10.62 22.55
C CYS C 440 5.75 -11.51 21.32
N VAL C 441 6.97 -11.93 21.00
CA VAL C 441 7.23 -12.63 19.75
C VAL C 441 6.44 -13.92 19.65
N GLU C 442 6.13 -14.52 20.81
CA GLU C 442 5.40 -15.79 20.77
C GLU C 442 4.12 -15.64 19.96
N THR C 443 3.33 -14.62 20.29
CA THR C 443 2.10 -14.36 19.57
C THR C 443 2.37 -14.14 18.08
N LYS C 444 3.37 -13.33 17.80
CA LYS C 444 3.66 -13.00 16.42
C LYS C 444 3.94 -14.22 15.60
N MET C 445 4.85 -15.03 16.07
CA MET C 445 5.21 -16.20 15.30
C MET C 445 4.01 -17.09 15.20
N LYS C 446 3.25 -17.17 16.27
CA LYS C 446 2.12 -18.06 16.24
C LYS C 446 1.25 -17.62 15.07
N MET C 447 1.08 -16.33 14.89
CA MET C 447 0.20 -15.86 13.83
C MET C 447 0.77 -16.08 12.45
N LEU C 448 2.06 -15.83 12.29
CA LEU C 448 2.67 -15.87 10.98
C LEU C 448 3.13 -17.22 10.46
N PHE C 449 3.12 -18.29 11.28
CA PHE C 449 3.66 -19.55 10.81
C PHE C 449 2.73 -20.72 11.06
N LEU C 450 1.93 -20.66 12.09
CA LEU C 450 0.96 -21.69 12.41
C LEU C 450 0.11 -22.03 11.20
N ALA C 451 -0.13 -21.04 10.34
CA ALA C 451 -1.03 -21.26 9.21
C ALA C 451 -0.52 -22.38 8.31
N ASN C 452 0.59 -22.15 7.63
CA ASN C 452 1.10 -23.10 6.65
C ASN C 452 1.74 -24.31 7.36
N LEU C 453 0.88 -25.13 7.92
CA LEU C 453 1.31 -26.34 8.59
C LEU C 453 0.71 -27.55 7.88
N GLU C 454 1.57 -28.45 7.44
CA GLU C 454 1.18 -29.52 6.53
C GLU C 454 1.33 -30.87 7.22
N CYS C 455 0.26 -31.65 7.17
CA CYS C 455 0.16 -32.82 8.04
C CYS C 455 1.26 -33.83 7.77
N GLU C 456 1.59 -34.06 6.50
CA GLU C 456 2.60 -35.06 6.17
C GLU C 456 3.93 -34.75 6.84
N THR C 457 4.50 -33.58 6.57
CA THR C 457 5.69 -33.16 7.28
C THR C 457 5.45 -33.15 8.77
N LEU C 458 4.25 -32.74 9.18
CA LEU C 458 3.96 -32.74 10.60
C LEU C 458 4.04 -34.16 11.14
N CYS C 459 3.50 -35.14 10.42
CA CYS C 459 3.50 -36.49 10.95
C CYS C 459 4.90 -37.08 10.98
N GLN C 460 5.72 -36.76 9.98
CA GLN C 460 7.11 -37.17 10.03
C GLN C 460 7.79 -36.59 11.26
N ALA C 461 7.64 -35.29 11.47
CA ALA C 461 8.18 -34.65 12.65
C ALA C 461 7.65 -35.31 13.90
N ALA C 462 6.39 -35.73 13.89
CA ALA C 462 5.82 -36.32 15.09
C ALA C 462 6.47 -37.64 15.42
N LEU C 463 6.66 -38.50 14.42
CA LEU C 463 7.26 -39.80 14.67
C LEU C 463 8.71 -39.63 15.11
N LEU C 464 9.41 -38.67 14.51
CA LEU C 464 10.78 -38.42 14.95
C LEU C 464 10.80 -37.90 16.37
N LEU C 465 9.87 -37.01 16.70
CA LEU C 465 9.80 -36.46 18.05
C LEU C 465 9.53 -37.54 19.07
N CYS C 466 8.63 -38.47 18.75
CA CYS C 466 8.38 -39.57 19.66
C CYS C 466 9.63 -40.43 19.81
N SER C 467 10.16 -40.92 18.69
CA SER C 467 11.25 -41.90 18.74
C SER C 467 12.36 -41.47 19.68
N TRP C 468 12.76 -40.19 19.63
CA TRP C 468 13.73 -39.71 20.59
C TRP C 468 13.20 -39.82 22.01
N ARG C 469 12.16 -39.06 22.30
CA ARG C 469 11.57 -39.07 23.62
C ARG C 469 11.28 -40.49 24.03
N ALA C 470 10.78 -41.29 23.10
CA ALA C 470 10.52 -42.69 23.40
C ALA C 470 11.77 -43.40 23.87
N ALA C 471 12.94 -42.89 23.49
CA ALA C 471 14.21 -43.54 23.78
C ALA C 471 14.21 -44.96 23.24
N LEU C 472 13.46 -45.17 22.17
CA LEU C 472 13.41 -46.45 21.47
C LEU C 472 14.62 -46.61 20.56
N VAL D 2 -5.24 -14.04 -32.64
CA VAL D 2 -4.77 -13.41 -31.42
C VAL D 2 -4.11 -14.44 -30.53
N ASP D 3 -2.89 -14.14 -30.08
CA ASP D 3 -2.15 -15.04 -29.19
C ASP D 3 -1.24 -14.28 -28.25
N TYR D 4 -1.25 -14.67 -26.98
CA TYR D 4 -0.44 -14.02 -25.97
C TYR D 4 0.62 -14.94 -25.38
N SER D 5 0.91 -16.06 -26.05
CA SER D 5 1.74 -17.09 -25.42
C SER D 5 3.09 -16.54 -25.00
N VAL D 6 3.64 -15.60 -25.77
CA VAL D 6 4.99 -15.14 -25.48
C VAL D 6 5.06 -14.46 -24.13
N TRP D 7 4.03 -13.71 -23.77
CA TRP D 7 4.10 -12.99 -22.51
C TRP D 7 3.85 -13.86 -21.30
N ASP D 8 3.74 -15.18 -21.48
CA ASP D 8 3.36 -16.01 -20.36
C ASP D 8 4.47 -16.10 -19.32
N HIS D 9 5.74 -16.22 -19.74
CA HIS D 9 6.83 -16.49 -18.79
C HIS D 9 7.83 -15.43 -18.62
N ILE D 10 7.67 -14.58 -17.63
CA ILE D 10 8.58 -13.49 -17.42
C ILE D 10 9.00 -13.58 -15.99
N GLU D 11 10.24 -13.28 -15.69
CA GLU D 11 10.76 -13.45 -14.34
C GLU D 11 11.42 -12.22 -13.80
N VAL D 12 11.03 -11.76 -12.62
CA VAL D 12 11.58 -10.50 -12.12
C VAL D 12 12.13 -10.71 -10.72
N ASP D 14 13.05 -8.48 -8.38
CA ASP D 14 12.43 -7.64 -7.38
C ASP D 14 10.93 -7.81 -7.32
N ASP D 15 10.45 -8.85 -6.66
CA ASP D 15 9.02 -9.02 -6.51
C ASP D 15 8.56 -8.94 -5.08
N GLU D 16 7.53 -8.15 -4.84
CA GLU D 16 7.03 -7.96 -3.48
C GLU D 16 6.52 -9.24 -2.88
N ASP D 17 5.89 -10.08 -3.68
CA ASP D 17 5.28 -11.29 -3.17
C ASP D 17 6.24 -12.24 -2.48
N GLU D 18 7.44 -12.39 -3.01
CA GLU D 18 8.36 -13.38 -2.47
C GLU D 18 8.85 -13.19 -1.04
N THR D 19 8.74 -11.99 -0.49
CA THR D 19 9.30 -11.72 0.84
C THR D 19 8.75 -12.55 2.00
N HIS D 20 9.62 -12.96 2.92
CA HIS D 20 9.20 -13.72 4.09
C HIS D 20 9.68 -12.96 5.31
N PRO D 21 8.85 -12.88 6.35
CA PRO D 21 9.23 -12.07 7.51
C PRO D 21 10.62 -12.29 8.08
N ASN D 22 11.18 -13.49 7.98
CA ASN D 22 12.48 -13.79 8.59
C ASN D 22 13.62 -13.39 7.66
N ILE D 23 13.38 -13.35 6.37
CA ILE D 23 14.43 -13.04 5.41
C ILE D 23 14.41 -11.56 5.12
N ASP D 24 15.58 -10.93 5.11
CA ASP D 24 15.66 -9.50 4.78
C ASP D 24 15.38 -9.28 3.33
N THR D 25 14.50 -8.36 3.03
CA THR D 25 14.11 -8.13 1.64
C THR D 25 15.32 -7.85 0.77
N ALA D 26 16.15 -6.90 1.18
CA ALA D 26 17.25 -6.45 0.32
C ALA D 26 18.15 -7.61 -0.07
N SER D 27 18.66 -8.34 0.92
CA SER D 27 19.56 -9.43 0.60
C SER D 27 18.85 -10.50 -0.20
N LEU D 28 17.55 -10.66 0.00
CA LEU D 28 16.81 -11.60 -0.82
C LEU D 28 16.82 -11.18 -2.27
N PHE D 29 16.55 -9.91 -2.53
CA PHE D 29 16.54 -9.43 -3.90
C PHE D 29 17.91 -9.58 -4.52
N ARG D 30 18.96 -9.26 -3.80
CA ARG D 30 20.26 -9.28 -4.41
C ARG D 30 20.69 -10.68 -4.52
N TRP D 31 19.97 -11.60 -3.91
CA TRP D 31 20.32 -12.99 -4.09
C TRP D 31 19.62 -13.49 -5.32
N ARG D 32 18.35 -13.18 -5.44
CA ARG D 32 17.58 -13.60 -6.59
C ARG D 32 18.18 -13.07 -7.88
N HIS D 33 18.48 -11.77 -7.91
CA HIS D 33 19.11 -11.20 -9.08
C HIS D 33 20.41 -11.91 -9.39
N GLN D 34 21.20 -12.19 -8.37
CA GLN D 34 22.44 -12.91 -8.56
C GLN D 34 22.18 -14.27 -9.18
N ALA D 35 21.18 -14.97 -8.68
CA ALA D 35 20.88 -16.29 -9.21
C ALA D 35 20.45 -16.21 -10.65
N ARG D 36 19.65 -15.22 -11.00
CA ARG D 36 19.21 -15.08 -12.39
C ARG D 36 20.38 -14.79 -13.30
N VAL D 37 21.21 -13.83 -12.92
CA VAL D 37 22.37 -13.50 -13.73
C VAL D 37 23.24 -14.73 -13.91
N GLU D 38 23.50 -15.43 -12.81
CA GLU D 38 24.30 -16.65 -12.87
C GLU D 38 23.68 -17.64 -13.84
N ARG D 39 22.39 -17.88 -13.71
CA ARG D 39 21.76 -18.92 -14.52
C ARG D 39 21.77 -18.56 -15.99
N MET D 40 21.50 -17.29 -16.30
CA MET D 40 21.44 -16.90 -17.70
C MET D 40 22.83 -16.95 -18.32
N GLU D 41 23.85 -16.47 -17.60
CA GLU D 41 25.19 -16.60 -18.13
C GLU D 41 25.62 -18.04 -18.19
N GLN D 42 25.12 -18.88 -17.28
CA GLN D 42 25.46 -20.29 -17.29
C GLN D 42 24.88 -20.96 -18.52
N PHE D 43 23.63 -20.68 -18.81
CA PHE D 43 23.01 -21.24 -20.01
C PHE D 43 23.68 -20.71 -21.26
N GLN D 44 24.09 -19.44 -21.25
CA GLN D 44 24.78 -18.89 -22.41
C GLN D 44 26.15 -19.54 -22.59
N LYS D 45 26.85 -19.77 -21.49
CA LYS D 45 28.14 -20.46 -21.57
C LYS D 45 27.94 -21.89 -22.04
N GLU D 46 26.86 -22.52 -21.59
CA GLU D 46 26.58 -23.86 -22.05
C GLU D 46 26.35 -23.78 -23.54
N LYS D 47 25.57 -22.79 -23.97
CA LYS D 47 25.26 -22.67 -25.39
C LYS D 47 26.50 -22.41 -26.23
N GLU D 48 27.37 -21.50 -25.80
CA GLU D 48 28.60 -21.24 -26.53
C GLU D 48 29.58 -22.42 -26.54
N GLU D 49 29.71 -23.11 -25.41
CA GLU D 49 30.59 -24.26 -25.36
C GLU D 49 30.08 -25.35 -26.30
N LEU D 50 28.76 -25.50 -26.35
CA LEU D 50 28.20 -26.48 -27.27
C LEU D 50 28.36 -26.02 -28.69
N ASP D 51 28.18 -24.73 -28.91
CA ASP D 51 28.32 -24.15 -30.25
C ASP D 51 29.70 -24.44 -30.78
N ARG D 52 30.68 -24.56 -29.88
CA ARG D 52 31.98 -24.91 -30.31
C ARG D 52 32.00 -26.39 -30.55
N GLY D 53 31.49 -27.17 -29.60
CA GLY D 53 31.67 -28.61 -29.70
C GLY D 53 31.08 -29.18 -30.97
N CYS D 54 29.83 -28.83 -31.26
CA CYS D 54 29.19 -29.26 -32.51
C CYS D 54 30.00 -28.82 -33.73
N ARG D 55 30.42 -27.56 -33.77
CA ARG D 55 31.17 -27.07 -34.92
C ARG D 55 32.44 -27.88 -35.13
N GLU D 56 33.24 -28.08 -34.07
CA GLU D 56 34.47 -28.84 -34.22
C GLU D 56 34.22 -30.33 -34.44
N CYS D 57 33.04 -30.84 -34.09
CA CYS D 57 32.81 -32.26 -34.42
C CYS D 57 32.38 -32.45 -35.86
N LYS D 58 31.65 -31.48 -36.41
CA LYS D 58 31.28 -31.54 -37.82
C LYS D 58 32.55 -31.26 -38.59
N ARG D 59 33.45 -30.48 -37.98
CA ARG D 59 34.74 -30.25 -38.61
C ARG D 59 35.49 -31.56 -38.69
N LYS D 60 35.40 -32.37 -37.63
CA LYS D 60 36.04 -33.67 -37.66
C LYS D 60 35.40 -34.52 -38.74
N VAL D 61 34.07 -34.44 -38.87
CA VAL D 61 33.41 -35.16 -39.95
C VAL D 61 34.07 -34.77 -41.25
N ALA D 62 34.32 -33.47 -41.43
CA ALA D 62 34.91 -33.02 -42.68
C ALA D 62 36.29 -33.62 -42.85
N GLU D 63 37.16 -33.47 -41.86
CA GLU D 63 38.54 -33.93 -42.02
C GLU D 63 38.60 -35.42 -42.31
N CYS D 64 37.76 -36.21 -41.63
CA CYS D 64 37.66 -37.62 -41.94
C CYS D 64 37.32 -37.83 -43.41
N GLN D 65 36.23 -37.19 -43.86
CA GLN D 65 35.90 -37.19 -45.29
C GLN D 65 37.12 -36.87 -46.15
N ARG D 66 37.77 -35.74 -45.88
CA ARG D 66 38.82 -35.23 -46.76
C ARG D 66 39.97 -36.22 -46.87
N LYS D 67 40.52 -36.62 -45.73
CA LYS D 67 41.61 -37.60 -45.73
C LYS D 67 41.20 -39.01 -46.15
N LEU D 68 39.93 -39.36 -46.02
CA LEU D 68 39.48 -40.67 -46.48
C LEU D 68 39.35 -40.60 -47.97
N LYS D 69 38.93 -39.46 -48.48
CA LYS D 69 38.88 -39.27 -49.93
C LYS D 69 40.29 -39.35 -50.47
N GLU D 70 41.24 -38.77 -49.75
CA GLU D 70 42.63 -38.83 -50.18
C GLU D 70 43.09 -40.28 -50.28
N LEU D 71 42.73 -41.10 -49.30
CA LEU D 71 43.10 -42.51 -49.35
C LEU D 71 42.23 -43.29 -50.35
N GLU D 72 40.96 -42.89 -50.50
CA GLU D 72 40.12 -43.44 -51.56
C GLU D 72 40.83 -43.42 -52.89
N VAL D 73 41.57 -42.34 -53.18
CA VAL D 73 42.34 -42.29 -54.42
C VAL D 73 43.55 -43.21 -54.34
N ALA D 74 44.08 -43.40 -53.14
CA ALA D 74 45.32 -44.16 -52.97
C ALA D 74 45.10 -45.63 -53.29
N GLU D 75 46.21 -46.36 -53.43
CA GLU D 75 46.18 -47.78 -53.76
C GLU D 75 46.24 -48.64 -52.50
N GLY D 76 45.28 -49.55 -52.36
CA GLY D 76 45.36 -50.62 -51.38
C GLY D 76 45.24 -50.22 -49.93
N GLY D 77 44.83 -48.99 -49.63
CA GLY D 77 44.73 -48.55 -48.26
C GLY D 77 43.34 -48.39 -47.71
N LYS D 78 42.35 -49.11 -48.24
CA LYS D 78 40.98 -48.88 -47.81
C LYS D 78 40.66 -49.66 -46.53
N ALA D 79 41.64 -50.38 -45.98
CA ALA D 79 41.48 -50.89 -44.63
C ALA D 79 41.46 -49.73 -43.64
N GLU D 80 42.37 -48.77 -43.85
CA GLU D 80 42.28 -47.52 -43.10
C GLU D 80 40.95 -46.81 -43.37
N LEU D 81 40.43 -46.95 -44.59
CA LEU D 81 39.09 -46.43 -44.88
C LEU D 81 38.06 -47.07 -43.96
N GLU D 82 38.10 -48.39 -43.81
CA GLU D 82 37.16 -49.06 -42.91
C GLU D 82 37.29 -48.55 -41.49
N ARG D 83 38.50 -48.56 -40.94
CA ARG D 83 38.65 -48.23 -39.52
C ARG D 83 38.21 -46.80 -39.26
N LEU D 84 38.66 -45.86 -40.08
CA LEU D 84 38.34 -44.47 -39.81
C LEU D 84 36.91 -44.16 -40.22
N GLN D 85 36.33 -44.98 -41.08
CA GLN D 85 34.91 -44.81 -41.38
C GLN D 85 34.09 -45.22 -40.17
N ALA D 86 34.55 -46.21 -39.42
CA ALA D 86 33.85 -46.54 -38.17
C ALA D 86 34.01 -45.41 -37.16
N GLU D 87 35.24 -44.93 -36.97
CA GLU D 87 35.45 -43.77 -36.12
C GLU D 87 34.55 -42.62 -36.53
N ALA D 88 34.45 -42.39 -37.84
CA ALA D 88 33.70 -41.25 -38.35
C ALA D 88 32.21 -41.46 -38.21
N GLN D 89 31.73 -42.70 -38.28
CA GLN D 89 30.30 -42.94 -38.17
C GLN D 89 29.84 -42.70 -36.74
N GLN D 90 30.61 -43.18 -35.76
CA GLN D 90 30.18 -42.90 -34.39
C GLN D 90 30.46 -41.45 -34.03
N LEU D 91 31.46 -40.83 -34.68
CA LEU D 91 31.67 -39.40 -34.55
C LEU D 91 30.50 -38.62 -35.11
N ARG D 92 29.94 -39.08 -36.22
CA ARG D 92 28.78 -38.42 -36.80
C ARG D 92 27.57 -38.55 -35.88
N LYS D 93 27.42 -39.70 -35.25
CA LYS D 93 26.32 -39.84 -34.29
C LYS D 93 26.53 -38.94 -33.07
N GLU D 94 27.76 -38.81 -32.60
CA GLU D 94 28.00 -37.90 -31.49
C GLU D 94 27.77 -36.46 -31.93
N GLU D 95 28.02 -36.15 -33.20
CA GLU D 95 27.70 -34.84 -33.75
C GLU D 95 26.21 -34.63 -33.79
N ARG D 96 25.45 -35.66 -34.16
CA ARG D 96 23.99 -35.57 -34.11
C ARG D 96 23.51 -35.46 -32.68
N SER D 97 24.30 -35.96 -31.73
CA SER D 97 23.98 -35.72 -30.32
C SER D 97 24.19 -34.25 -29.96
N TRP D 98 25.24 -33.66 -30.48
CA TRP D 98 25.39 -32.25 -30.24
C TRP D 98 24.13 -31.59 -30.81
N GLU D 99 23.78 -31.95 -32.04
CA GLU D 99 22.56 -31.41 -32.63
C GLU D 99 21.37 -31.59 -31.70
N GLN D 100 21.27 -32.76 -31.09
CA GLN D 100 20.12 -33.08 -30.25
C GLN D 100 20.03 -32.11 -29.09
N LYS D 101 21.14 -31.94 -28.36
CA LYS D 101 21.16 -30.96 -27.28
C LYS D 101 21.20 -29.54 -27.82
N LEU D 102 21.62 -29.34 -29.06
CA LEU D 102 21.54 -28.01 -29.66
C LEU D 102 20.07 -27.68 -29.78
N GLU D 103 19.26 -28.68 -30.10
CA GLU D 103 17.84 -28.44 -30.18
C GLU D 103 17.32 -28.25 -28.77
N GLU D 104 17.90 -28.97 -27.82
CA GLU D 104 17.53 -28.73 -26.42
C GLU D 104 17.92 -27.32 -26.03
N MET D 105 19.07 -26.83 -26.50
CA MET D 105 19.42 -25.43 -26.27
C MET D 105 18.26 -24.53 -26.67
N ARG D 106 17.73 -24.78 -27.86
CA ARG D 106 16.59 -24.02 -28.33
C ARG D 106 15.41 -24.16 -27.38
N LYS D 107 15.17 -25.37 -26.87
CA LYS D 107 14.08 -25.57 -25.92
C LYS D 107 14.32 -24.77 -24.65
N LYS D 108 15.56 -24.71 -24.19
CA LYS D 108 15.89 -23.89 -23.04
C LYS D 108 15.61 -22.42 -23.33
N GLU D 109 16.03 -21.94 -24.50
CA GLU D 109 15.70 -20.58 -24.93
C GLU D 109 14.19 -20.36 -24.88
N LYS D 110 13.44 -21.36 -25.30
CA LYS D 110 11.98 -21.31 -25.22
C LYS D 110 11.54 -21.12 -23.78
N SER D 111 12.09 -21.93 -22.88
CA SER D 111 11.78 -21.87 -21.46
C SER D 111 12.46 -20.71 -20.76
N MET D 112 13.46 -20.11 -21.37
CA MET D 112 14.17 -19.02 -20.75
C MET D 112 13.20 -17.90 -20.45
N PRO D 113 12.87 -17.70 -19.18
CA PRO D 113 11.86 -16.69 -18.85
C PRO D 113 12.39 -15.32 -19.14
N TRP D 114 11.56 -14.51 -19.77
CA TRP D 114 11.95 -13.16 -20.09
C TRP D 114 12.25 -12.39 -18.81
N ASN D 115 13.34 -11.63 -18.83
CA ASN D 115 13.73 -10.86 -17.66
C ASN D 115 13.88 -9.47 -18.15
N VAL D 116 14.23 -8.54 -17.29
CA VAL D 116 14.25 -7.15 -17.72
C VAL D 116 15.21 -6.90 -18.85
N ASP D 117 16.40 -7.46 -18.77
CA ASP D 117 17.35 -7.30 -19.86
C ASP D 117 16.93 -7.93 -21.17
N THR D 118 16.48 -9.18 -21.19
CA THR D 118 16.22 -9.81 -22.47
C THR D 118 15.05 -9.23 -23.18
N LEU D 119 14.08 -8.78 -22.43
CA LEU D 119 12.90 -8.29 -23.05
C LEU D 119 13.15 -7.07 -23.81
N SER D 120 13.88 -6.14 -23.25
CA SER D 120 14.05 -4.86 -23.90
C SER D 120 15.43 -4.20 -23.90
N LYS D 121 15.81 -3.60 -25.01
CA LYS D 121 17.10 -2.98 -25.10
C LYS D 121 16.89 -1.51 -25.34
N ASP D 122 17.49 -0.64 -24.54
CA ASP D 122 17.21 0.79 -24.64
C ASP D 122 17.59 1.29 -25.99
N GLY D 123 16.75 2.15 -26.53
CA GLY D 123 17.02 2.71 -27.82
C GLY D 123 17.58 4.09 -27.63
N PHE D 124 16.70 5.03 -27.34
CA PHE D 124 17.14 6.42 -27.16
C PHE D 124 16.75 7.06 -25.85
N SER D 125 17.44 8.11 -25.45
CA SER D 125 17.09 8.82 -24.24
C SER D 125 17.60 10.22 -24.30
N LYS D 126 16.89 11.18 -23.69
CA LYS D 126 17.27 12.59 -23.74
C LYS D 126 16.61 13.35 -22.65
N SER D 127 17.38 14.07 -21.84
CA SER D 127 16.83 14.84 -20.72
C SER D 127 17.02 16.33 -20.89
N MET D 128 16.11 17.13 -20.35
CA MET D 128 16.19 18.56 -20.48
C MET D 128 15.81 19.14 -19.14
N VAL D 129 16.34 20.31 -18.81
CA VAL D 129 16.04 20.92 -17.54
C VAL D 129 15.57 22.32 -17.78
N ASN D 130 14.34 22.61 -17.41
CA ASN D 130 13.83 23.92 -17.70
C ASN D 130 14.70 24.86 -16.91
N THR D 131 15.25 25.85 -17.58
CA THR D 131 16.12 26.79 -16.90
C THR D 131 15.46 28.14 -16.84
N LYS D 132 14.20 28.19 -17.23
CA LYS D 132 13.48 29.45 -17.26
C LYS D 132 13.37 30.03 -15.87
N PRO D 133 13.51 31.36 -15.75
CA PRO D 133 13.33 32.01 -14.45
C PRO D 133 12.07 31.53 -13.74
N LYS D 154 -8.60 36.83 -18.42
CA LYS D 154 -8.84 38.07 -19.16
C LYS D 154 -10.23 38.06 -19.78
N TYR D 155 -10.87 36.89 -19.80
CA TYR D 155 -12.22 36.75 -20.32
C TYR D 155 -13.19 37.40 -19.36
N GLU D 156 -13.54 38.66 -19.62
CA GLU D 156 -14.31 39.42 -18.63
C GLU D 156 -15.76 38.96 -18.57
N LYS D 157 -16.33 38.51 -19.69
CA LYS D 157 -17.74 38.11 -19.66
C LYS D 157 -17.94 36.81 -18.90
N GLN D 158 -16.96 35.91 -18.96
CA GLN D 158 -17.07 34.70 -18.15
C GLN D 158 -16.72 35.01 -16.69
N ILE D 159 -15.98 36.09 -16.45
CA ILE D 159 -15.92 36.66 -15.10
C ILE D 159 -17.30 37.10 -14.65
N LYS D 160 -18.04 37.74 -15.55
CA LYS D 160 -19.40 38.14 -15.21
C LYS D 160 -20.28 36.93 -14.94
N HIS D 161 -20.05 35.83 -15.70
CA HIS D 161 -20.83 34.57 -15.53
C HIS D 161 -20.53 33.83 -14.24
N PHE D 162 -19.27 33.59 -13.96
CA PHE D 162 -18.90 33.00 -12.69
C PHE D 162 -19.43 33.88 -11.58
N GLY D 163 -19.47 35.17 -11.86
CA GLY D 163 -20.03 36.07 -10.89
C GLY D 163 -21.50 35.88 -10.75
N MET D 164 -22.23 35.75 -11.84
CA MET D 164 -23.68 35.68 -11.75
C MET D 164 -24.07 34.47 -10.90
N LEU D 165 -23.33 33.38 -11.01
CA LEU D 165 -23.64 32.17 -10.25
C LEU D 165 -23.82 32.37 -8.80
N ARG D 166 -22.75 32.73 -8.09
CA ARG D 166 -22.76 32.96 -6.65
C ARG D 166 -22.60 31.67 -5.87
N ARG D 167 -22.57 30.52 -6.52
CA ARG D 167 -22.26 29.24 -5.89
C ARG D 167 -20.86 28.90 -6.37
N TRP D 168 -19.86 29.04 -5.49
CA TRP D 168 -18.47 29.00 -5.92
C TRP D 168 -18.03 27.60 -6.33
N ASP D 169 -18.94 26.63 -6.36
CA ASP D 169 -18.66 25.39 -7.09
C ASP D 169 -18.78 25.64 -8.59
N ASP D 170 -19.92 26.19 -9.01
CA ASP D 170 -20.08 26.61 -10.40
C ASP D 170 -18.94 27.52 -10.82
N SER D 171 -18.68 28.58 -10.05
CA SER D 171 -17.62 29.52 -10.39
C SER D 171 -16.24 28.89 -10.21
N GLN D 172 -16.12 27.94 -9.28
CA GLN D 172 -14.83 27.29 -9.05
C GLN D 172 -14.38 26.52 -10.27
N LYS D 173 -15.18 25.55 -10.73
CA LYS D 173 -14.80 24.84 -11.94
C LYS D 173 -14.93 25.73 -13.18
N TYR D 174 -15.76 26.77 -13.10
CA TYR D 174 -15.91 27.66 -14.26
C TYR D 174 -14.65 28.47 -14.51
N LEU D 175 -13.95 28.87 -13.45
CA LEU D 175 -12.70 29.58 -13.63
C LEU D 175 -11.53 28.61 -13.67
N SER D 176 -11.74 27.38 -13.18
CA SER D 176 -10.78 26.31 -13.45
C SER D 176 -10.88 25.83 -14.89
N ASP D 177 -11.84 26.36 -15.64
CA ASP D 177 -11.79 26.24 -17.10
C ASP D 177 -10.49 26.80 -17.65
N ASN D 178 -9.91 27.80 -17.00
CA ASN D 178 -8.75 28.46 -17.61
C ASN D 178 -7.52 28.81 -16.79
N VAL D 179 -6.35 28.80 -17.42
CA VAL D 179 -5.12 29.20 -16.75
C VAL D 179 -5.11 30.70 -16.46
N HIS D 180 -5.88 31.48 -17.23
CA HIS D 180 -5.89 32.94 -17.05
C HIS D 180 -6.42 33.36 -15.69
N LEU D 181 -7.22 32.51 -15.05
CA LEU D 181 -7.76 32.83 -13.73
C LEU D 181 -6.62 33.06 -12.78
N VAL D 182 -5.52 32.34 -12.95
CA VAL D 182 -4.37 32.48 -12.06
C VAL D 182 -3.76 33.85 -12.19
N CYS D 183 -3.68 34.35 -13.42
CA CYS D 183 -3.04 35.64 -13.63
C CYS D 183 -3.63 36.78 -12.83
N GLU D 184 -2.78 37.61 -12.22
CA GLU D 184 -3.25 38.78 -11.50
C GLU D 184 -4.31 39.53 -12.27
N GLU D 185 -4.26 39.48 -13.59
CA GLU D 185 -5.20 40.24 -14.41
C GLU D 185 -6.66 39.91 -14.19
N THR D 186 -7.00 38.62 -14.02
CA THR D 186 -8.38 38.28 -13.71
C THR D 186 -8.80 38.87 -12.38
N ALA D 187 -7.92 38.80 -11.39
CA ALA D 187 -8.23 39.39 -10.09
C ALA D 187 -8.37 40.89 -10.24
N ASN D 188 -7.50 41.48 -11.05
CA ASN D 188 -7.57 42.91 -11.29
C ASN D 188 -8.88 43.25 -11.98
N TYR D 189 -9.30 42.43 -12.92
CA TYR D 189 -10.59 42.68 -13.55
C TYR D 189 -11.78 42.55 -12.60
N LEU D 190 -11.78 41.56 -11.70
CA LEU D 190 -12.89 41.50 -10.77
C LEU D 190 -13.04 42.86 -10.11
N VAL D 191 -11.92 43.47 -9.73
CA VAL D 191 -11.99 44.82 -9.18
C VAL D 191 -12.73 45.74 -10.14
N ILE D 192 -12.32 45.75 -11.41
CA ILE D 192 -12.98 46.59 -12.41
C ILE D 192 -14.47 46.30 -12.46
N TRP D 193 -14.85 45.02 -12.51
CA TRP D 193 -16.23 44.67 -12.78
C TRP D 193 -17.12 44.90 -11.57
N CYS D 194 -16.61 44.60 -10.37
CA CYS D 194 -17.37 44.96 -9.17
C CYS D 194 -17.57 46.47 -9.11
N ILE D 195 -16.51 47.23 -9.34
CA ILE D 195 -16.63 48.69 -9.34
C ILE D 195 -17.74 49.15 -10.27
N ASP D 196 -17.67 48.79 -11.55
CA ASP D 196 -18.59 49.42 -12.49
C ASP D 196 -19.98 48.77 -12.45
N LEU D 197 -20.07 47.53 -11.97
CA LEU D 197 -21.37 46.94 -11.73
C LEU D 197 -22.11 47.67 -10.62
N GLU D 198 -21.41 48.03 -9.55
CA GLU D 198 -22.09 48.63 -8.39
C GLU D 198 -22.83 49.90 -8.78
N VAL D 199 -22.50 50.48 -9.93
CA VAL D 199 -23.21 51.65 -10.41
C VAL D 199 -23.92 51.35 -11.71
N GLU D 200 -24.25 50.08 -11.94
CA GLU D 200 -25.09 49.67 -13.05
C GLU D 200 -26.57 49.69 -12.70
N GLU D 201 -26.94 50.38 -11.61
CA GLU D 201 -28.31 50.52 -11.11
C GLU D 201 -28.88 49.20 -10.57
N LYS D 202 -28.04 48.25 -10.20
CA LYS D 202 -28.49 47.03 -9.51
C LYS D 202 -27.40 46.61 -8.53
N CYS D 203 -27.68 46.82 -7.24
CA CYS D 203 -26.68 46.55 -6.21
C CYS D 203 -26.54 45.06 -5.95
N ALA D 204 -27.57 44.27 -6.28
CA ALA D 204 -27.60 42.87 -5.89
C ALA D 204 -26.48 42.08 -6.57
N LEU D 205 -26.34 42.22 -7.89
CA LEU D 205 -25.36 41.42 -8.61
C LEU D 205 -23.95 41.82 -8.23
N MET D 206 -23.73 43.07 -7.82
CA MET D 206 -22.39 43.47 -7.44
C MET D 206 -21.90 42.68 -6.22
N GLU D 207 -22.74 42.48 -5.22
CA GLU D 207 -22.31 41.62 -4.12
C GLU D 207 -22.46 40.14 -4.42
N GLN D 208 -23.39 39.75 -5.30
CA GLN D 208 -23.45 38.37 -5.76
C GLN D 208 -22.21 37.96 -6.53
N VAL D 209 -21.40 38.94 -6.93
CA VAL D 209 -20.05 38.59 -7.34
C VAL D 209 -19.01 38.95 -6.28
N ALA D 210 -19.21 40.03 -5.53
CA ALA D 210 -18.25 40.45 -4.53
C ALA D 210 -18.05 39.42 -3.45
N HIS D 211 -18.99 38.47 -3.30
CA HIS D 211 -18.68 37.29 -2.52
C HIS D 211 -17.45 36.59 -3.09
N GLN D 212 -17.38 36.49 -4.42
CA GLN D 212 -16.18 35.97 -5.07
C GLN D 212 -14.99 36.89 -4.83
N THR D 213 -15.20 38.21 -4.83
CA THR D 213 -14.07 39.12 -4.69
C THR D 213 -13.44 39.04 -3.29
N ILE D 214 -14.28 39.07 -2.27
CA ILE D 214 -13.73 39.02 -0.92
C ILE D 214 -13.34 37.59 -0.57
N VAL D 215 -13.86 36.60 -1.30
CA VAL D 215 -13.32 35.26 -1.21
C VAL D 215 -11.96 35.21 -1.90
N MET D 216 -11.80 35.98 -2.97
CA MET D 216 -10.50 36.12 -3.62
C MET D 216 -9.49 36.62 -2.62
N GLN D 217 -9.83 37.69 -1.90
CA GLN D 217 -8.88 38.26 -0.94
C GLN D 217 -8.74 37.39 0.32
N PHE D 218 -9.83 36.76 0.75
CA PHE D 218 -9.78 35.81 1.84
C PHE D 218 -8.76 34.72 1.56
N ILE D 219 -8.88 34.07 0.40
CA ILE D 219 -7.97 32.98 0.09
C ILE D 219 -6.60 33.54 -0.30
N LEU D 220 -6.60 34.80 -0.70
CA LEU D 220 -5.33 35.42 -0.95
C LEU D 220 -4.52 35.40 0.37
N GLU D 221 -5.06 35.98 1.45
CA GLU D 221 -4.30 36.09 2.69
C GLU D 221 -4.27 34.77 3.46
N LEU D 222 -5.18 33.85 3.15
CA LEU D 222 -5.10 32.55 3.82
C LEU D 222 -4.10 31.62 3.13
N ALA D 223 -4.00 31.70 1.80
CA ALA D 223 -2.94 31.02 1.10
C ALA D 223 -1.60 31.70 1.36
N LYS D 224 -1.65 32.95 1.82
CA LYS D 224 -0.45 33.60 2.33
C LYS D 224 -0.16 33.18 3.77
N SER D 225 -1.21 32.82 4.52
CA SER D 225 -1.02 32.04 5.75
C SER D 225 -0.50 30.64 5.41
N LEU D 226 -0.60 30.26 4.14
CA LEU D 226 0.17 29.15 3.59
C LEU D 226 1.39 29.65 2.84
N LYS D 227 1.45 30.95 2.57
CA LYS D 227 2.46 31.57 1.72
C LYS D 227 2.56 30.85 0.38
N VAL D 228 1.42 30.38 -0.13
CA VAL D 228 1.32 29.76 -1.44
C VAL D 228 0.58 30.73 -2.34
N ASP D 229 0.90 30.69 -3.63
CA ASP D 229 0.21 31.53 -4.57
C ASP D 229 -1.25 31.19 -4.41
N PRO D 230 -2.12 32.20 -4.42
CA PRO D 230 -3.55 31.92 -4.19
C PRO D 230 -4.00 30.98 -5.28
N ARG D 231 -3.51 31.18 -6.49
CA ARG D 231 -3.83 30.30 -7.59
C ARG D 231 -3.80 28.82 -7.23
N ALA D 232 -2.89 28.42 -6.35
CA ALA D 232 -2.80 27.01 -5.98
C ALA D 232 -3.89 26.66 -5.05
N CYS D 233 -4.02 27.47 -4.04
CA CYS D 233 -4.98 27.28 -2.98
C CYS D 233 -6.42 27.44 -3.44
N PHE D 234 -6.66 27.76 -4.72
CA PHE D 234 -8.05 27.84 -5.20
C PHE D 234 -8.79 26.53 -4.94
N ARG D 235 -8.33 25.45 -5.55
CA ARG D 235 -9.00 24.16 -5.35
C ARG D 235 -8.81 23.66 -3.92
N GLN D 236 -7.69 24.05 -3.28
CA GLN D 236 -7.47 23.66 -1.89
C GLN D 236 -8.54 24.23 -0.97
N PHE D 237 -8.98 25.46 -1.25
CA PHE D 237 -9.95 26.14 -0.40
C PHE D 237 -11.38 25.77 -0.78
N PHE D 238 -11.69 25.82 -2.08
CA PHE D 238 -13.09 25.72 -2.50
C PHE D 238 -13.71 24.39 -2.10
N THR D 239 -13.02 23.29 -2.37
CA THR D 239 -13.47 21.96 -1.96
C THR D 239 -12.56 21.40 -0.89
N LYS D 240 -12.23 22.29 0.05
CA LYS D 240 -11.37 21.93 1.19
C LYS D 240 -11.84 20.63 1.84
N ILE D 241 -13.05 20.62 2.39
CA ILE D 241 -13.70 19.42 2.91
C ILE D 241 -15.03 19.28 2.16
N LYS D 242 -15.55 18.05 2.11
CA LYS D 242 -16.80 17.79 1.38
C LYS D 242 -17.91 18.75 1.83
N THR D 243 -17.99 19.01 3.13
CA THR D 243 -18.99 19.97 3.61
C THR D 243 -18.61 21.39 3.21
N ALA D 244 -17.32 21.66 3.05
CA ALA D 244 -16.83 22.96 2.58
C ALA D 244 -17.33 24.10 3.46
N ASP D 245 -17.32 23.85 4.78
CA ASP D 245 -17.80 24.82 5.76
C ASP D 245 -19.24 25.23 5.47
N ARG D 246 -20.04 24.25 5.05
CA ARG D 246 -21.44 24.46 4.65
C ARG D 246 -21.52 25.47 3.52
N GLN D 247 -20.87 25.13 2.40
CA GLN D 247 -20.65 26.06 1.29
C GLN D 247 -20.00 27.36 1.76
N TYR D 248 -19.18 27.26 2.81
CA TYR D 248 -18.55 28.42 3.43
C TYR D 248 -19.58 29.46 3.82
N MET D 249 -20.55 29.05 4.64
CA MET D 249 -21.53 29.99 5.17
C MET D 249 -20.88 30.99 6.10
N GLU D 250 -19.71 30.64 6.64
CA GLU D 250 -19.06 31.42 7.69
C GLU D 250 -18.42 32.69 7.14
N GLY D 251 -18.94 33.85 7.55
CA GLY D 251 -18.21 35.09 7.40
C GLY D 251 -18.12 35.64 6.00
N PHE D 252 -18.95 35.18 5.07
CA PHE D 252 -18.81 35.64 3.69
C PHE D 252 -19.68 36.85 3.41
N ASN D 253 -20.89 36.90 3.96
CA ASN D 253 -21.77 38.03 3.73
C ASN D 253 -21.27 39.27 4.42
N ASP D 254 -21.13 39.20 5.74
CA ASP D 254 -20.70 40.37 6.47
C ASP D 254 -19.47 40.94 5.80
N GLU D 255 -18.40 40.16 5.71
CA GLU D 255 -17.16 40.67 5.15
C GLU D 255 -17.38 41.27 3.77
N LEU D 256 -18.30 40.71 2.97
CA LEU D 256 -18.50 41.21 1.59
C LEU D 256 -19.25 42.52 1.55
N GLU D 257 -20.23 42.71 2.43
CA GLU D 257 -20.90 44.01 2.44
C GLU D 257 -19.94 45.02 3.02
N ALA D 258 -19.01 44.55 3.83
CA ALA D 258 -17.96 45.40 4.39
C ALA D 258 -16.94 45.81 3.32
N PHE D 259 -16.62 44.90 2.40
CA PHE D 259 -15.79 45.27 1.25
C PHE D 259 -16.63 46.01 0.21
N LYS D 260 -17.92 45.71 0.14
CA LYS D 260 -18.83 46.48 -0.70
C LYS D 260 -18.84 47.95 -0.32
N GLU D 261 -18.48 48.28 0.92
CA GLU D 261 -18.26 49.68 1.26
C GLU D 261 -17.22 50.33 0.33
N ARG D 262 -16.02 49.73 0.25
CA ARG D 262 -14.99 50.29 -0.61
C ARG D 262 -15.40 50.20 -2.08
N VAL D 263 -16.07 49.11 -2.44
CA VAL D 263 -16.53 48.97 -3.81
C VAL D 263 -17.54 50.05 -4.15
N ARG D 264 -18.34 50.47 -3.15
CA ARG D 264 -19.33 51.52 -3.37
C ARG D 264 -18.65 52.86 -3.59
N GLY D 265 -17.66 53.19 -2.76
CA GLY D 265 -16.88 54.40 -3.01
C GLY D 265 -16.29 54.43 -4.40
N ARG D 266 -15.54 53.37 -4.76
CA ARG D 266 -14.95 53.29 -6.08
C ARG D 266 -16.00 53.38 -7.18
N ALA D 267 -17.17 52.77 -6.95
CA ALA D 267 -18.20 52.73 -7.97
C ALA D 267 -18.83 54.10 -8.19
N LYS D 268 -19.03 54.77 -7.06
CA LYS D 268 -19.71 56.06 -7.10
C LYS D 268 -18.84 57.12 -7.71
N LEU D 269 -17.56 57.09 -7.39
CA LEU D 269 -16.68 58.01 -8.03
C LEU D 269 -16.68 57.62 -9.51
N ARG D 270 -16.75 56.32 -9.81
CA ARG D 270 -16.67 55.88 -11.20
C ARG D 270 -17.82 56.37 -12.03
N ILE D 271 -19.01 56.29 -11.47
CA ILE D 271 -20.20 56.69 -12.20
C ILE D 271 -20.16 58.20 -12.47
N GLU D 272 -19.40 58.92 -11.63
CA GLU D 272 -19.25 60.35 -11.83
C GLU D 272 -18.39 60.55 -13.08
N LYS D 273 -17.61 59.54 -13.43
CA LYS D 273 -16.76 59.61 -14.61
C LYS D 273 -17.36 58.77 -15.72
N ALA D 274 -18.50 58.13 -15.46
CA ALA D 274 -19.17 57.29 -16.46
C ALA D 274 -18.20 56.38 -17.22
#